data_5VZN
# 
_entry.id   5VZN 
# 
_audit_conform.dict_name       mmcif_pdbx.dic 
_audit_conform.dict_version    5.379 
_audit_conform.dict_location   http://mmcif.pdb.org/dictionaries/ascii/mmcif_pdbx.dic 
# 
loop_
_database_2.database_id 
_database_2.database_code 
_database_2.pdbx_database_accession 
_database_2.pdbx_DOI 
PDB   5VZN         pdb_00005vzn 10.2210/pdb5vzn/pdb 
WWPDB D_1000228200 ?            ?                   
# 
loop_
_pdbx_database_related.content_type 
_pdbx_database_related.db_id 
_pdbx_database_related.db_name 
_pdbx_database_related.details 
unspecified 5vzp PDB . 
unspecified 5vzq PDB . 
unspecified 5vzo PDB . 
# 
_pdbx_database_status.status_code                     REL 
_pdbx_database_status.status_code_sf                  REL 
_pdbx_database_status.status_code_mr                  ? 
_pdbx_database_status.entry_id                        5VZN 
_pdbx_database_status.recvd_initial_deposition_date   2017-05-29 
_pdbx_database_status.SG_entry                        N 
_pdbx_database_status.deposit_site                    RCSB 
_pdbx_database_status.process_site                    RCSB 
_pdbx_database_status.status_code_cs                  ? 
_pdbx_database_status.methods_development_category    ? 
_pdbx_database_status.pdb_format_compatible           Y 
_pdbx_database_status.status_code_nmr_data            ? 
# 
loop_
_audit_author.name 
_audit_author.pdbx_ordinal 
_audit_author.identifier_ORCID 
'Wang, B.'           1 ? 
'Thomas, L.M.'       2 ? 
'Richter-Addo, G.B.' 3 ? 
# 
_citation.abstract                  ? 
_citation.abstract_id_CAS           ? 
_citation.book_id_ISBN              ? 
_citation.book_publisher            ? 
_citation.book_publisher_city       ? 
_citation.book_title                ? 
_citation.coordinate_linkage        ? 
_citation.country                   US 
_citation.database_id_Medline       ? 
_citation.details                   ? 
_citation.id                        primary 
_citation.journal_abbrev            Biochemistry 
_citation.journal_id_ASTM           BICHAW 
_citation.journal_id_CSD            0033 
_citation.journal_id_ISSN           1520-4995 
_citation.journal_full              ? 
_citation.journal_issue             ? 
_citation.journal_volume            57 
_citation.language                  ? 
_citation.page_first                4788 
_citation.page_last                 4802 
_citation.title                     
;Nitrosyl Myoglobins and Their Nitrite Precursors: Crystal Structural and Quantum Mechanics and Molecular Mechanics Theoretical Investigations of Preferred Fe -NO Ligand Orientations in Myoglobin Distal Pockets.
;
_citation.year                      2018 
_citation.database_id_CSD           ? 
_citation.pdbx_database_id_DOI      10.1021/acs.biochem.8b00542 
_citation.pdbx_database_id_PubMed   29999305 
_citation.unpublished_flag          ? 
# 
loop_
_citation_author.citation_id 
_citation_author.name 
_citation_author.ordinal 
_citation_author.identifier_ORCID 
primary 'Wang, B.'           1 ?                   
primary 'Shi, Y.'            2 ?                   
primary 'Tejero, J.'         3 0000-0003-3245-9978 
primary 'Powell, S.M.'       4 ?                   
primary 'Thomas, L.M.'       5 ?                   
primary 'Gladwin, M.T.'      6 ?                   
primary 'Shiva, S.'          7 ?                   
primary 'Zhang, Y.'          8 0000-0001-7207-6416 
primary 'Richter-Addo, G.B.' 9 0000-0001-9400-0113 
# 
_cell.angle_alpha                  90.000 
_cell.angle_alpha_esd              ? 
_cell.angle_beta                   105.790 
_cell.angle_beta_esd               ? 
_cell.angle_gamma                  90.000 
_cell.angle_gamma_esd              ? 
_cell.entry_id                     5VZN 
_cell.details                      ? 
_cell.formula_units_Z              ? 
_cell.length_a                     34.800 
_cell.length_a_esd                 ? 
_cell.length_b                     29.260 
_cell.length_b_esd                 ? 
_cell.length_c                     63.949 
_cell.length_c_esd                 ? 
_cell.volume                       ? 
_cell.volume_esd                   ? 
_cell.Z_PDB                        2 
_cell.reciprocal_angle_alpha       ? 
_cell.reciprocal_angle_beta        ? 
_cell.reciprocal_angle_gamma       ? 
_cell.reciprocal_angle_alpha_esd   ? 
_cell.reciprocal_angle_beta_esd    ? 
_cell.reciprocal_angle_gamma_esd   ? 
_cell.reciprocal_length_a          ? 
_cell.reciprocal_length_b          ? 
_cell.reciprocal_length_c          ? 
_cell.reciprocal_length_a_esd      ? 
_cell.reciprocal_length_b_esd      ? 
_cell.reciprocal_length_c_esd      ? 
_cell.pdbx_unique_axis             ? 
# 
_symmetry.entry_id                         5VZN 
_symmetry.cell_setting                     ? 
_symmetry.Int_Tables_number                4 
_symmetry.space_group_name_Hall            ? 
_symmetry.space_group_name_H-M             'P 1 21 1' 
_symmetry.pdbx_full_space_group_name_H-M   ? 
# 
loop_
_entity.id 
_entity.type 
_entity.src_method 
_entity.pdbx_description 
_entity.formula_weight 
_entity.pdbx_number_of_molecules 
_entity.pdbx_ec 
_entity.pdbx_mutation 
_entity.pdbx_fragment 
_entity.details 
1 polymer     man Myoglobin                         17365.164 1   ? ? ? ? 
2 non-polymer syn 'PROTOPORPHYRIN IX CONTAINING FE' 616.487   1   ? ? ? ? 
3 non-polymer syn 'NITRIC OXIDE'                    30.006    1   ? ? ? ? 
4 non-polymer syn 'SULFATE ION'                     96.063    1   ? ? ? ? 
5 non-polymer syn 'NITRITE ION'                     46.005    1   ? ? ? ? 
6 non-polymer syn GLYCEROL                          92.094    1   ? ? ? ? 
7 water       nat water                             18.015    164 ? ? ? ? 
# 
_entity_poly.entity_id                      1 
_entity_poly.type                           'polypeptide(L)' 
_entity_poly.nstd_linkage                   no 
_entity_poly.nstd_monomer                   no 
_entity_poly.pdbx_seq_one_letter_code       
;MVLSEGEWQLVLHVWAKVEADVAGHGQDILIRLFKSHPETLEKFDRFKHLKTEAEMKASEDLKKHGVTVLTALGAILKKK
GHHEAELKPLAQSHATKHKIPIKYLEFISEAIIHVLHSRHPGNFGADAQGAMNKALELFRKDIAAKYKELGYQG
;
_entity_poly.pdbx_seq_one_letter_code_can   
;MVLSEGEWQLVLHVWAKVEADVAGHGQDILIRLFKSHPETLEKFDRFKHLKTEAEMKASEDLKKHGVTVLTALGAILKKK
GHHEAELKPLAQSHATKHKIPIKYLEFISEAIIHVLHSRHPGNFGADAQGAMNKALELFRKDIAAKYKELGYQG
;
_entity_poly.pdbx_strand_id                 A 
_entity_poly.pdbx_target_identifier         ? 
# 
loop_
_entity_poly_seq.entity_id 
_entity_poly_seq.num 
_entity_poly_seq.mon_id 
_entity_poly_seq.hetero 
1 1   MET n 
1 2   VAL n 
1 3   LEU n 
1 4   SER n 
1 5   GLU n 
1 6   GLY n 
1 7   GLU n 
1 8   TRP n 
1 9   GLN n 
1 10  LEU n 
1 11  VAL n 
1 12  LEU n 
1 13  HIS n 
1 14  VAL n 
1 15  TRP n 
1 16  ALA n 
1 17  LYS n 
1 18  VAL n 
1 19  GLU n 
1 20  ALA n 
1 21  ASP n 
1 22  VAL n 
1 23  ALA n 
1 24  GLY n 
1 25  HIS n 
1 26  GLY n 
1 27  GLN n 
1 28  ASP n 
1 29  ILE n 
1 30  LEU n 
1 31  ILE n 
1 32  ARG n 
1 33  LEU n 
1 34  PHE n 
1 35  LYS n 
1 36  SER n 
1 37  HIS n 
1 38  PRO n 
1 39  GLU n 
1 40  THR n 
1 41  LEU n 
1 42  GLU n 
1 43  LYS n 
1 44  PHE n 
1 45  ASP n 
1 46  ARG n 
1 47  PHE n 
1 48  LYS n 
1 49  HIS n 
1 50  LEU n 
1 51  LYS n 
1 52  THR n 
1 53  GLU n 
1 54  ALA n 
1 55  GLU n 
1 56  MET n 
1 57  LYS n 
1 58  ALA n 
1 59  SER n 
1 60  GLU n 
1 61  ASP n 
1 62  LEU n 
1 63  LYS n 
1 64  LYS n 
1 65  HIS n 
1 66  GLY n 
1 67  VAL n 
1 68  THR n 
1 69  VAL n 
1 70  LEU n 
1 71  THR n 
1 72  ALA n 
1 73  LEU n 
1 74  GLY n 
1 75  ALA n 
1 76  ILE n 
1 77  LEU n 
1 78  LYS n 
1 79  LYS n 
1 80  LYS n 
1 81  GLY n 
1 82  HIS n 
1 83  HIS n 
1 84  GLU n 
1 85  ALA n 
1 86  GLU n 
1 87  LEU n 
1 88  LYS n 
1 89  PRO n 
1 90  LEU n 
1 91  ALA n 
1 92  GLN n 
1 93  SER n 
1 94  HIS n 
1 95  ALA n 
1 96  THR n 
1 97  LYS n 
1 98  HIS n 
1 99  LYS n 
1 100 ILE n 
1 101 PRO n 
1 102 ILE n 
1 103 LYS n 
1 104 TYR n 
1 105 LEU n 
1 106 GLU n 
1 107 PHE n 
1 108 ILE n 
1 109 SER n 
1 110 GLU n 
1 111 ALA n 
1 112 ILE n 
1 113 ILE n 
1 114 HIS n 
1 115 VAL n 
1 116 LEU n 
1 117 HIS n 
1 118 SER n 
1 119 ARG n 
1 120 HIS n 
1 121 PRO n 
1 122 GLY n 
1 123 ASN n 
1 124 PHE n 
1 125 GLY n 
1 126 ALA n 
1 127 ASP n 
1 128 ALA n 
1 129 GLN n 
1 130 GLY n 
1 131 ALA n 
1 132 MET n 
1 133 ASN n 
1 134 LYS n 
1 135 ALA n 
1 136 LEU n 
1 137 GLU n 
1 138 LEU n 
1 139 PHE n 
1 140 ARG n 
1 141 LYS n 
1 142 ASP n 
1 143 ILE n 
1 144 ALA n 
1 145 ALA n 
1 146 LYS n 
1 147 TYR n 
1 148 LYS n 
1 149 GLU n 
1 150 LEU n 
1 151 GLY n 
1 152 TYR n 
1 153 GLN n 
1 154 GLY n 
# 
_entity_src_gen.entity_id                          1 
_entity_src_gen.pdbx_src_id                        1 
_entity_src_gen.pdbx_alt_source_flag               sample 
_entity_src_gen.pdbx_seq_type                      'Biological sequence' 
_entity_src_gen.pdbx_beg_seq_num                   1 
_entity_src_gen.pdbx_end_seq_num                   154 
_entity_src_gen.gene_src_common_name               'Sperm whale' 
_entity_src_gen.gene_src_genus                     ? 
_entity_src_gen.pdbx_gene_src_gene                 MB 
_entity_src_gen.gene_src_species                   ? 
_entity_src_gen.gene_src_strain                    ? 
_entity_src_gen.gene_src_tissue                    ? 
_entity_src_gen.gene_src_tissue_fraction           ? 
_entity_src_gen.gene_src_details                   ? 
_entity_src_gen.pdbx_gene_src_fragment             ? 
_entity_src_gen.pdbx_gene_src_scientific_name      'Physeter catodon' 
_entity_src_gen.pdbx_gene_src_ncbi_taxonomy_id     9755 
_entity_src_gen.pdbx_gene_src_variant              ? 
_entity_src_gen.pdbx_gene_src_cell_line            ? 
_entity_src_gen.pdbx_gene_src_atcc                 ? 
_entity_src_gen.pdbx_gene_src_organ                ? 
_entity_src_gen.pdbx_gene_src_organelle            ? 
_entity_src_gen.pdbx_gene_src_cell                 ? 
_entity_src_gen.pdbx_gene_src_cellular_location    ? 
_entity_src_gen.host_org_common_name               ? 
_entity_src_gen.pdbx_host_org_scientific_name      'Escherichia coli' 
_entity_src_gen.pdbx_host_org_ncbi_taxonomy_id     562 
_entity_src_gen.host_org_genus                     ? 
_entity_src_gen.pdbx_host_org_gene                 ? 
_entity_src_gen.pdbx_host_org_organ                ? 
_entity_src_gen.host_org_species                   ? 
_entity_src_gen.pdbx_host_org_tissue               ? 
_entity_src_gen.pdbx_host_org_tissue_fraction      ? 
_entity_src_gen.pdbx_host_org_strain               ? 
_entity_src_gen.pdbx_host_org_variant              ? 
_entity_src_gen.pdbx_host_org_cell_line            ? 
_entity_src_gen.pdbx_host_org_atcc                 ? 
_entity_src_gen.pdbx_host_org_culture_collection   ? 
_entity_src_gen.pdbx_host_org_cell                 ? 
_entity_src_gen.pdbx_host_org_organelle            ? 
_entity_src_gen.pdbx_host_org_cellular_location    ? 
_entity_src_gen.pdbx_host_org_vector_type          ? 
_entity_src_gen.pdbx_host_org_vector               ? 
_entity_src_gen.host_org_details                   ? 
_entity_src_gen.expression_system_id               ? 
_entity_src_gen.plasmid_name                       ? 
_entity_src_gen.plasmid_details                    ? 
_entity_src_gen.pdbx_description                   ? 
# 
_struct_ref.id                         1 
_struct_ref.db_name                    UNP 
_struct_ref.db_code                    MYG_PHYCD 
_struct_ref.pdbx_db_accession          P02185 
_struct_ref.pdbx_db_isoform            ? 
_struct_ref.entity_id                  1 
_struct_ref.pdbx_seq_one_letter_code   
;MVLSEGEWQLVLHVWAKVEADVAGHGQDILIRLFKSHPETLEKFDRFKHLKTEAEMKASEDLKKHGVTVLTALGAILKKK
GHHEAELKPLAQSHATKHKIPIKYLEFISEAIIHVLHSRHPGDFGADAQGAMNKALELFRKDIAAKYKELGYQG
;
_struct_ref.pdbx_align_begin           1 
# 
_struct_ref_seq.align_id                      1 
_struct_ref_seq.ref_id                        1 
_struct_ref_seq.pdbx_PDB_id_code              5VZN 
_struct_ref_seq.pdbx_strand_id                A 
_struct_ref_seq.seq_align_beg                 1 
_struct_ref_seq.pdbx_seq_align_beg_ins_code   ? 
_struct_ref_seq.seq_align_end                 154 
_struct_ref_seq.pdbx_seq_align_end_ins_code   ? 
_struct_ref_seq.pdbx_db_accession             P02185 
_struct_ref_seq.db_align_beg                  1 
_struct_ref_seq.pdbx_db_align_beg_ins_code    ? 
_struct_ref_seq.db_align_end                  154 
_struct_ref_seq.pdbx_db_align_end_ins_code    ? 
_struct_ref_seq.pdbx_auth_seq_align_beg       0 
_struct_ref_seq.pdbx_auth_seq_align_end       153 
# 
_struct_ref_seq_dif.align_id                     1 
_struct_ref_seq_dif.pdbx_pdb_id_code             5VZN 
_struct_ref_seq_dif.mon_id                       ASN 
_struct_ref_seq_dif.pdbx_pdb_strand_id           A 
_struct_ref_seq_dif.seq_num                      123 
_struct_ref_seq_dif.pdbx_pdb_ins_code            ? 
_struct_ref_seq_dif.pdbx_seq_db_name             UNP 
_struct_ref_seq_dif.pdbx_seq_db_accession_code   P02185 
_struct_ref_seq_dif.db_mon_id                    ASP 
_struct_ref_seq_dif.pdbx_seq_db_seq_num          123 
_struct_ref_seq_dif.details                      variant 
_struct_ref_seq_dif.pdbx_auth_seq_num            122 
_struct_ref_seq_dif.pdbx_ordinal                 1 
# 
loop_
_chem_comp.id 
_chem_comp.type 
_chem_comp.mon_nstd_flag 
_chem_comp.name 
_chem_comp.pdbx_synonyms 
_chem_comp.formula 
_chem_comp.formula_weight 
ALA 'L-peptide linking' y ALANINE                           ?                               'C3 H7 N O2'       89.093  
ARG 'L-peptide linking' y ARGININE                          ?                               'C6 H15 N4 O2 1'   175.209 
ASN 'L-peptide linking' y ASPARAGINE                        ?                               'C4 H8 N2 O3'      132.118 
ASP 'L-peptide linking' y 'ASPARTIC ACID'                   ?                               'C4 H7 N O4'       133.103 
GLN 'L-peptide linking' y GLUTAMINE                         ?                               'C5 H10 N2 O3'     146.144 
GLU 'L-peptide linking' y 'GLUTAMIC ACID'                   ?                               'C5 H9 N O4'       147.129 
GLY 'peptide linking'   y GLYCINE                           ?                               'C2 H5 N O2'       75.067  
GOL non-polymer         . GLYCEROL                          'GLYCERIN; PROPANE-1,2,3-TRIOL' 'C3 H8 O3'         92.094  
HEM non-polymer         . 'PROTOPORPHYRIN IX CONTAINING FE' HEME                            'C34 H32 Fe N4 O4' 616.487 
HIS 'L-peptide linking' y HISTIDINE                         ?                               'C6 H10 N3 O2 1'   156.162 
HOH non-polymer         . WATER                             ?                               'H2 O'             18.015  
ILE 'L-peptide linking' y ISOLEUCINE                        ?                               'C6 H13 N O2'      131.173 
LEU 'L-peptide linking' y LEUCINE                           ?                               'C6 H13 N O2'      131.173 
LYS 'L-peptide linking' y LYSINE                            ?                               'C6 H15 N2 O2 1'   147.195 
MET 'L-peptide linking' y METHIONINE                        ?                               'C5 H11 N O2 S'    149.211 
NO  non-polymer         . 'NITRIC OXIDE'                    'Nitrogen monoxide'             'N O'              30.006  
NO2 non-polymer         . 'NITRITE ION'                     ?                               'N O2 -1'          46.005  
PHE 'L-peptide linking' y PHENYLALANINE                     ?                               'C9 H11 N O2'      165.189 
PRO 'L-peptide linking' y PROLINE                           ?                               'C5 H9 N O2'       115.130 
SER 'L-peptide linking' y SERINE                            ?                               'C3 H7 N O3'       105.093 
SO4 non-polymer         . 'SULFATE ION'                     ?                               'O4 S -2'          96.063  
THR 'L-peptide linking' y THREONINE                         ?                               'C4 H9 N O3'       119.119 
TRP 'L-peptide linking' y TRYPTOPHAN                        ?                               'C11 H12 N2 O2'    204.225 
TYR 'L-peptide linking' y TYROSINE                          ?                               'C9 H11 N O3'      181.189 
VAL 'L-peptide linking' y VALINE                            ?                               'C5 H11 N O2'      117.146 
# 
_exptl.absorpt_coefficient_mu     ? 
_exptl.absorpt_correction_T_max   ? 
_exptl.absorpt_correction_T_min   ? 
_exptl.absorpt_correction_type    ? 
_exptl.absorpt_process_details    ? 
_exptl.entry_id                   5VZN 
_exptl.crystals_number            1 
_exptl.details                    ? 
_exptl.method                     'X-RAY DIFFRACTION' 
_exptl.method_details             ? 
# 
_exptl_crystal.colour                      ? 
_exptl_crystal.density_diffrn              ? 
_exptl_crystal.density_Matthews            1.84 
_exptl_crystal.density_method              ? 
_exptl_crystal.density_percent_sol         33.07 
_exptl_crystal.description                 ? 
_exptl_crystal.F_000                       ? 
_exptl_crystal.id                          1 
_exptl_crystal.preparation                 ? 
_exptl_crystal.size_max                    ? 
_exptl_crystal.size_mid                    ? 
_exptl_crystal.size_min                    ? 
_exptl_crystal.size_rad                    ? 
_exptl_crystal.colour_lustre               ? 
_exptl_crystal.colour_modifier             ? 
_exptl_crystal.colour_primary              ? 
_exptl_crystal.density_meas                ? 
_exptl_crystal.density_meas_esd            ? 
_exptl_crystal.density_meas_gt             ? 
_exptl_crystal.density_meas_lt             ? 
_exptl_crystal.density_meas_temp           ? 
_exptl_crystal.density_meas_temp_esd       ? 
_exptl_crystal.density_meas_temp_gt        ? 
_exptl_crystal.density_meas_temp_lt        ? 
_exptl_crystal.pdbx_crystal_image_url      ? 
_exptl_crystal.pdbx_crystal_image_format   ? 
_exptl_crystal.pdbx_mosaicity              ? 
_exptl_crystal.pdbx_mosaicity_esd          ? 
# 
_exptl_crystal_grow.apparatus       ? 
_exptl_crystal_grow.atmosphere      ? 
_exptl_crystal_grow.crystal_id      1 
_exptl_crystal_grow.details         ? 
_exptl_crystal_grow.method          'VAPOR DIFFUSION, HANGING DROP' 
_exptl_crystal_grow.method_ref      ? 
_exptl_crystal_grow.pH              ? 
_exptl_crystal_grow.pressure        ? 
_exptl_crystal_grow.pressure_esd    ? 
_exptl_crystal_grow.seeding         ? 
_exptl_crystal_grow.seeding_ref     ? 
_exptl_crystal_grow.temp            293 
_exptl_crystal_grow.temp_details    ? 
_exptl_crystal_grow.temp_esd        ? 
_exptl_crystal_grow.time            ? 
_exptl_crystal_grow.pdbx_details    
;0.1 M Tris-Hcl, 1 mM EDTA, pH 7.4
2.56 M Ammonium Sulfate
;
_exptl_crystal_grow.pdbx_pH_range   ? 
# 
_diffrn.ambient_environment    ? 
_diffrn.ambient_temp           100 
_diffrn.ambient_temp_details   ? 
_diffrn.ambient_temp_esd       ? 
_diffrn.crystal_id             1 
_diffrn.crystal_support        ? 
_diffrn.crystal_treatment      ? 
_diffrn.details                ? 
_diffrn.id                     1 
_diffrn.ambient_pressure       ? 
_diffrn.ambient_pressure_esd   ? 
_diffrn.ambient_pressure_gt    ? 
_diffrn.ambient_pressure_lt    ? 
_diffrn.ambient_temp_gt        ? 
_diffrn.ambient_temp_lt        ? 
# 
_diffrn_detector.details                      ? 
_diffrn_detector.detector                     'IMAGE PLATE' 
_diffrn_detector.diffrn_id                    1 
_diffrn_detector.type                         'RIGAKU RAXIS IV++' 
_diffrn_detector.area_resol_mean              ? 
_diffrn_detector.dtime                        ? 
_diffrn_detector.pdbx_frames_total            ? 
_diffrn_detector.pdbx_collection_time_total   ? 
_diffrn_detector.pdbx_collection_date         2013-07-14 
# 
_diffrn_radiation.collimation                      ? 
_diffrn_radiation.diffrn_id                        1 
_diffrn_radiation.filter_edge                      ? 
_diffrn_radiation.inhomogeneity                    ? 
_diffrn_radiation.monochromator                    ? 
_diffrn_radiation.polarisn_norm                    ? 
_diffrn_radiation.polarisn_ratio                   ? 
_diffrn_radiation.probe                            ? 
_diffrn_radiation.type                             ? 
_diffrn_radiation.xray_symbol                      ? 
_diffrn_radiation.wavelength_id                    1 
_diffrn_radiation.pdbx_monochromatic_or_laue_m_l   M 
_diffrn_radiation.pdbx_wavelength_list             ? 
_diffrn_radiation.pdbx_wavelength                  ? 
_diffrn_radiation.pdbx_diffrn_protocol             'SINGLE WAVELENGTH' 
_diffrn_radiation.pdbx_analyzer                    ? 
_diffrn_radiation.pdbx_scattering_type             x-ray 
# 
_diffrn_radiation_wavelength.id           1 
_diffrn_radiation_wavelength.wavelength   1.54178 
_diffrn_radiation_wavelength.wt           1.0 
# 
_diffrn_source.current                     ? 
_diffrn_source.details                     ? 
_diffrn_source.diffrn_id                   1 
_diffrn_source.power                       ? 
_diffrn_source.size                        ? 
_diffrn_source.source                      'ROTATING ANODE' 
_diffrn_source.target                      ? 
_diffrn_source.type                        'RIGAKU RUH3R' 
_diffrn_source.voltage                     ? 
_diffrn_source.take-off_angle              ? 
_diffrn_source.pdbx_wavelength_list        1.54178 
_diffrn_source.pdbx_wavelength             ? 
_diffrn_source.pdbx_synchrotron_beamline   ? 
_diffrn_source.pdbx_synchrotron_site       ? 
# 
_reflns.B_iso_Wilson_estimate            ? 
_reflns.entry_id                         5VZN 
_reflns.data_reduction_details           ? 
_reflns.data_reduction_method            ? 
_reflns.d_resolution_high                1.700 
_reflns.d_resolution_low                 26.420 
_reflns.details                          ? 
_reflns.limit_h_max                      ? 
_reflns.limit_h_min                      ? 
_reflns.limit_k_max                      ? 
_reflns.limit_k_min                      ? 
_reflns.limit_l_max                      ? 
_reflns.limit_l_min                      ? 
_reflns.number_all                       ? 
_reflns.number_obs                       11177 
_reflns.observed_criterion               ? 
_reflns.observed_criterion_F_max         ? 
_reflns.observed_criterion_F_min         ? 
_reflns.observed_criterion_I_max         ? 
_reflns.observed_criterion_I_min         ? 
_reflns.observed_criterion_sigma_F       ? 
_reflns.observed_criterion_sigma_I       ? 
_reflns.percent_possible_obs             80.500 
_reflns.R_free_details                   ? 
_reflns.Rmerge_F_all                     ? 
_reflns.Rmerge_F_obs                     ? 
_reflns.Friedel_coverage                 ? 
_reflns.number_gt                        ? 
_reflns.threshold_expression             ? 
_reflns.pdbx_redundancy                  2.400 
_reflns.pdbx_Rmerge_I_obs                0.030 
_reflns.pdbx_Rmerge_I_all                ? 
_reflns.pdbx_Rsym_value                  ? 
_reflns.pdbx_netI_over_av_sigmaI         ? 
_reflns.pdbx_netI_over_sigmaI            30.100 
_reflns.pdbx_res_netI_over_av_sigmaI_2   ? 
_reflns.pdbx_res_netI_over_sigmaI_2      ? 
_reflns.pdbx_chi_squared                 ? 
_reflns.pdbx_scaling_rejects             1 
_reflns.pdbx_d_res_high_opt              ? 
_reflns.pdbx_d_res_low_opt               ? 
_reflns.pdbx_d_res_opt_method            ? 
_reflns.phase_calculation_details        ? 
_reflns.pdbx_Rrim_I_all                  0.038 
_reflns.pdbx_Rpim_I_all                  0.023 
_reflns.pdbx_d_opt                       ? 
_reflns.pdbx_number_measured_all         27315 
_reflns.pdbx_diffrn_id                   1 
_reflns.pdbx_ordinal                     1 
_reflns.pdbx_CC_half                     0.999 
_reflns.pdbx_R_split                     ? 
# 
loop_
_reflns_shell.d_res_high 
_reflns_shell.d_res_low 
_reflns_shell.meanI_over_sigI_all 
_reflns_shell.meanI_over_sigI_obs 
_reflns_shell.number_measured_all 
_reflns_shell.number_measured_obs 
_reflns_shell.number_possible 
_reflns_shell.number_unique_all 
_reflns_shell.number_unique_obs 
_reflns_shell.percent_possible_all 
_reflns_shell.percent_possible_obs 
_reflns_shell.Rmerge_F_all 
_reflns_shell.Rmerge_F_obs 
_reflns_shell.Rmerge_I_all 
_reflns_shell.Rmerge_I_obs 
_reflns_shell.meanI_over_sigI_gt 
_reflns_shell.meanI_over_uI_all 
_reflns_shell.meanI_over_uI_gt 
_reflns_shell.number_measured_gt 
_reflns_shell.number_unique_gt 
_reflns_shell.percent_possible_gt 
_reflns_shell.Rmerge_F_gt 
_reflns_shell.Rmerge_I_gt 
_reflns_shell.pdbx_redundancy 
_reflns_shell.pdbx_Rsym_value 
_reflns_shell.pdbx_chi_squared 
_reflns_shell.pdbx_netI_over_sigmaI_all 
_reflns_shell.pdbx_netI_over_sigmaI_obs 
_reflns_shell.pdbx_Rrim_I_all 
_reflns_shell.pdbx_Rpim_I_all 
_reflns_shell.pdbx_rejects 
_reflns_shell.pdbx_ordinal 
_reflns_shell.pdbx_diffrn_id 
_reflns_shell.pdbx_CC_half 
_reflns_shell.pdbx_R_split 
1.700 1.730  ? ? ? ? ? ? ? 80.000 ? ? ? ? 0.099 ? ? ? ? ? ? ? ? 2.200 ? ? ? ? 0.131 0.083 ? 1 1 0.983 ? 
9.000 26.420 ? ? ? ? ? ? ? 63.000 ? ? ? ? 0.015 ? ? ? ? ? ? ? ? 2.500 ? ? ? ? 0.018 0.010 ? 2 1 1.000 ? 
# 
_refine.aniso_B[1][1]                            -0.6300 
_refine.aniso_B[1][2]                            0.0000 
_refine.aniso_B[1][3]                            -0.0000 
_refine.aniso_B[2][2]                            1.0500 
_refine.aniso_B[2][3]                            0.0000 
_refine.aniso_B[3][3]                            -0.3600 
_refine.B_iso_max                                56.970 
_refine.B_iso_mean                               15.5960 
_refine.B_iso_min                                8.100 
_refine.correlation_coeff_Fo_to_Fc               0.9730 
_refine.correlation_coeff_Fo_to_Fc_free          0.9530 
_refine.details                                  
'HYDROGENS HAVE BEEN ADDED IN THE RIDING POSITIONS U VALUES      : REFINED INDIVIDUALLY' 
_refine.diff_density_max                         ? 
_refine.diff_density_max_esd                     ? 
_refine.diff_density_min                         ? 
_refine.diff_density_min_esd                     ? 
_refine.diff_density_rms                         ? 
_refine.diff_density_rms_esd                     ? 
_refine.entry_id                                 5VZN 
_refine.pdbx_refine_id                           'X-RAY DIFFRACTION' 
_refine.ls_abs_structure_details                 ? 
_refine.ls_abs_structure_Flack                   ? 
_refine.ls_abs_structure_Flack_esd               ? 
_refine.ls_abs_structure_Rogers                  ? 
_refine.ls_abs_structure_Rogers_esd              ? 
_refine.ls_d_res_high                            1.7000 
_refine.ls_d_res_low                             26.42 
_refine.ls_extinction_coef                       ? 
_refine.ls_extinction_coef_esd                   ? 
_refine.ls_extinction_expression                 ? 
_refine.ls_extinction_method                     ? 
_refine.ls_goodness_of_fit_all                   ? 
_refine.ls_goodness_of_fit_all_esd               ? 
_refine.ls_goodness_of_fit_obs                   ? 
_refine.ls_goodness_of_fit_obs_esd               ? 
_refine.ls_hydrogen_treatment                    ? 
_refine.ls_matrix_type                           ? 
_refine.ls_number_constraints                    ? 
_refine.ls_number_parameters                     ? 
_refine.ls_number_reflns_all                     ? 
_refine.ls_number_reflns_obs                     10618 
_refine.ls_number_reflns_R_free                  558 
_refine.ls_number_reflns_R_work                  ? 
_refine.ls_number_restraints                     ? 
_refine.ls_percent_reflns_obs                    80.2600 
_refine.ls_percent_reflns_R_free                 5.0000 
_refine.ls_R_factor_all                          ? 
_refine.ls_R_factor_obs                          0.1395 
_refine.ls_R_factor_R_free                       0.1903 
_refine.ls_R_factor_R_free_error                 ? 
_refine.ls_R_factor_R_free_error_details         ? 
_refine.ls_R_factor_R_work                       0.1368 
_refine.ls_R_Fsqd_factor_obs                     ? 
_refine.ls_R_I_factor_obs                        ? 
_refine.ls_redundancy_reflns_all                 ? 
_refine.ls_redundancy_reflns_obs                 ? 
_refine.ls_restrained_S_all                      ? 
_refine.ls_restrained_S_obs                      ? 
_refine.ls_shift_over_esd_max                    ? 
_refine.ls_shift_over_esd_mean                   ? 
_refine.ls_structure_factor_coef                 ? 
_refine.ls_weighting_details                     ? 
_refine.ls_weighting_scheme                      ? 
_refine.ls_wR_factor_all                         ? 
_refine.ls_wR_factor_obs                         ? 
_refine.ls_wR_factor_R_free                      ? 
_refine.ls_wR_factor_R_work                      ? 
_refine.occupancy_max                            ? 
_refine.occupancy_min                            ? 
_refine.solvent_model_details                    ? 
_refine.solvent_model_param_bsol                 ? 
_refine.solvent_model_param_ksol                 ? 
_refine.ls_R_factor_gt                           ? 
_refine.ls_goodness_of_fit_gt                    ? 
_refine.ls_goodness_of_fit_ref                   ? 
_refine.ls_shift_over_su_max                     ? 
_refine.ls_shift_over_su_max_lt                  ? 
_refine.ls_shift_over_su_mean                    ? 
_refine.ls_shift_over_su_mean_lt                 ? 
_refine.pdbx_ls_sigma_I                          ? 
_refine.pdbx_ls_sigma_F                          0.000 
_refine.pdbx_ls_sigma_Fsqd                       ? 
_refine.pdbx_data_cutoff_high_absF               ? 
_refine.pdbx_data_cutoff_high_rms_absF           ? 
_refine.pdbx_data_cutoff_low_absF                ? 
_refine.pdbx_isotropic_thermal_model             ? 
_refine.pdbx_ls_cross_valid_method               THROUGHOUT 
_refine.pdbx_method_to_determine_struct          'MOLECULAR REPLACEMENT' 
_refine.pdbx_starting_model                      2MBW 
_refine.pdbx_stereochemistry_target_values       ? 
_refine.pdbx_R_Free_selection_details            RANDOM 
_refine.pdbx_stereochem_target_val_spec_case     ? 
_refine.pdbx_overall_ESU_R                       0.1370 
_refine.pdbx_overall_ESU_R_Free                  0.1300 
_refine.pdbx_solvent_vdw_probe_radii             1.2000 
_refine.pdbx_solvent_ion_probe_radii             0.8000 
_refine.pdbx_solvent_shrinkage_radii             0.8000 
_refine.pdbx_real_space_R                        ? 
_refine.pdbx_density_correlation                 ? 
_refine.pdbx_pd_number_of_powder_patterns        ? 
_refine.pdbx_pd_number_of_points                 ? 
_refine.pdbx_pd_meas_number_of_points            ? 
_refine.pdbx_pd_proc_ls_prof_R_factor            ? 
_refine.pdbx_pd_proc_ls_prof_wR_factor           ? 
_refine.pdbx_pd_Marquardt_correlation_coeff      ? 
_refine.pdbx_pd_Fsqrd_R_factor                   ? 
_refine.pdbx_pd_ls_matrix_band_width             ? 
_refine.pdbx_overall_phase_error                 ? 
_refine.pdbx_overall_SU_R_free_Cruickshank_DPI   ? 
_refine.pdbx_overall_SU_R_free_Blow_DPI          ? 
_refine.pdbx_overall_SU_R_Blow_DPI               ? 
_refine.pdbx_TLS_residual_ADP_flag               ? 
_refine.pdbx_diffrn_id                           1 
_refine.overall_SU_B                             1.8890 
_refine.overall_SU_ML                            0.0640 
_refine.overall_SU_R_Cruickshank_DPI             ? 
_refine.overall_SU_R_free                        ? 
_refine.overall_FOM_free_R_set                   ? 
_refine.overall_FOM_work_R_set                   ? 
_refine.pdbx_average_fsc_overall                 ? 
_refine.pdbx_average_fsc_work                    ? 
_refine.pdbx_average_fsc_free                    ? 
# 
_refine_hist.cycle_id                         final 
_refine_hist.pdbx_refine_id                   'X-RAY DIFFRACTION' 
_refine_hist.d_res_high                       1.7000 
_refine_hist.d_res_low                        26.42 
_refine_hist.pdbx_number_atoms_ligand         59 
_refine_hist.number_atoms_solvent             164 
_refine_hist.number_atoms_total               1426 
_refine_hist.pdbx_number_residues_total       151 
_refine_hist.pdbx_B_iso_mean_ligand           13.77 
_refine_hist.pdbx_B_iso_mean_solvent          25.35 
_refine_hist.pdbx_number_atoms_protein        1203 
_refine_hist.pdbx_number_atoms_nucleic_acid   0 
# 
loop_
_refine_ls_restr.pdbx_refine_id 
_refine_ls_restr.criterion 
_refine_ls_restr.dev_ideal 
_refine_ls_restr.dev_ideal_target 
_refine_ls_restr.number 
_refine_ls_restr.rejects 
_refine_ls_restr.type 
_refine_ls_restr.weight 
_refine_ls_restr.pdbx_restraint_function 
'X-RAY DIFFRACTION' ? 0.020  0.019  1293 ? r_bond_refined_d       ? ? 
'X-RAY DIFFRACTION' ? 0.003  0.020  1267 ? r_bond_other_d         ? ? 
'X-RAY DIFFRACTION' ? 1.999  2.006  1748 ? r_angle_refined_deg    ? ? 
'X-RAY DIFFRACTION' ? 1.099  3.000  2919 ? r_angle_other_deg      ? ? 
'X-RAY DIFFRACTION' ? 5.561  5.000  150  ? r_dihedral_angle_1_deg ? ? 
'X-RAY DIFFRACTION' ? 31.650 24.151 53   ? r_dihedral_angle_2_deg ? ? 
'X-RAY DIFFRACTION' ? 12.100 15.000 234  ? r_dihedral_angle_3_deg ? ? 
'X-RAY DIFFRACTION' ? 13.410 15.000 4    ? r_dihedral_angle_4_deg ? ? 
'X-RAY DIFFRACTION' ? 0.144  0.200  185  ? r_chiral_restr         ? ? 
'X-RAY DIFFRACTION' ? 0.012  0.020  1412 ? r_gen_planes_refined   ? ? 
'X-RAY DIFFRACTION' ? 0.007  0.020  296  ? r_gen_planes_other     ? ? 
# 
_refine_ls_shell.pdbx_refine_id                   'X-RAY DIFFRACTION' 
_refine_ls_shell.d_res_high                       1.7010 
_refine_ls_shell.d_res_low                        1.7450 
_refine_ls_shell.number_reflns_all                833 
_refine_ls_shell.number_reflns_obs                ? 
_refine_ls_shell.number_reflns_R_free             38 
_refine_ls_shell.number_reflns_R_work             795 
_refine_ls_shell.percent_reflns_obs               80.4100 
_refine_ls_shell.percent_reflns_R_free            ? 
_refine_ls_shell.R_factor_all                     ? 
_refine_ls_shell.R_factor_obs                     ? 
_refine_ls_shell.R_factor_R_free                  0.2260 
_refine_ls_shell.R_factor_R_free_error            0.0000 
_refine_ls_shell.R_factor_R_work                  0.1470 
_refine_ls_shell.redundancy_reflns_all            ? 
_refine_ls_shell.redundancy_reflns_obs            ? 
_refine_ls_shell.wR_factor_all                    ? 
_refine_ls_shell.wR_factor_obs                    ? 
_refine_ls_shell.wR_factor_R_free                 ? 
_refine_ls_shell.wR_factor_R_work                 ? 
_refine_ls_shell.pdbx_total_number_of_bins_used   20 
_refine_ls_shell.pdbx_phase_error                 ? 
_refine_ls_shell.pdbx_fsc_work                    ? 
_refine_ls_shell.pdbx_fsc_free                    ? 
# 
_struct.entry_id                     5VZN 
_struct.title                        'Wild-type sperm whale myoglobin with nitric oxide' 
_struct.pdbx_model_details           
;This stable porphyrin-Fe(?Ea)-nitrosoalkane complex was obtained from the reaction of sperm whale myoglobin ferric H64A and N-hydroxyamphetamine.
;
_struct.pdbx_formula_weight          ? 
_struct.pdbx_formula_weight_method   ? 
_struct.pdbx_model_type_details      ? 
_struct.pdbx_CASP_flag               N 
# 
_struct_keywords.entry_id        5VZN 
_struct_keywords.text            'Heme, Myoglobin, nitrosyl, nitric oxide, OXYGEN TRANSPORT' 
_struct_keywords.pdbx_keywords   'OXYGEN TRANSPORT' 
# 
loop_
_struct_asym.id 
_struct_asym.pdbx_blank_PDB_chainid_flag 
_struct_asym.pdbx_modified 
_struct_asym.entity_id 
_struct_asym.details 
A N N 1 ? 
B N N 2 ? 
C N N 3 ? 
D N N 4 ? 
E N N 5 ? 
F N N 6 ? 
G N N 7 ? 
# 
loop_
_struct_conf.conf_type_id 
_struct_conf.id 
_struct_conf.pdbx_PDB_helix_id 
_struct_conf.beg_label_comp_id 
_struct_conf.beg_label_asym_id 
_struct_conf.beg_label_seq_id 
_struct_conf.pdbx_beg_PDB_ins_code 
_struct_conf.end_label_comp_id 
_struct_conf.end_label_asym_id 
_struct_conf.end_label_seq_id 
_struct_conf.pdbx_end_PDB_ins_code 
_struct_conf.beg_auth_comp_id 
_struct_conf.beg_auth_asym_id 
_struct_conf.beg_auth_seq_id 
_struct_conf.end_auth_comp_id 
_struct_conf.end_auth_asym_id 
_struct_conf.end_auth_seq_id 
_struct_conf.pdbx_PDB_helix_class 
_struct_conf.details 
_struct_conf.pdbx_PDB_helix_length 
HELX_P HELX_P1 AA1 SER A 4   ? ALA A 20  ? SER A 3   ALA A 19  1 ? 17 
HELX_P HELX_P2 AA2 ASP A 21  ? HIS A 37  ? ASP A 20  HIS A 36  1 ? 17 
HELX_P HELX_P3 AA3 HIS A 37  ? GLU A 42  ? HIS A 36  GLU A 41  1 ? 6  
HELX_P HELX_P4 AA4 THR A 52  ? SER A 59  ? THR A 51  SER A 58  1 ? 8  
HELX_P HELX_P5 AA5 SER A 59  ? LYS A 79  ? SER A 58  LYS A 78  1 ? 21 
HELX_P HELX_P6 AA6 HIS A 83  ? LYS A 97  ? HIS A 82  LYS A 96  1 ? 15 
HELX_P HELX_P7 AA7 PRO A 101 ? HIS A 120 ? PRO A 100 HIS A 119 1 ? 20 
HELX_P HELX_P8 AA8 GLY A 125 ? LEU A 150 ? GLY A 124 LEU A 149 1 ? 26 
# 
_struct_conf_type.id          HELX_P 
_struct_conf_type.criteria    ? 
_struct_conf_type.reference   ? 
# 
loop_
_struct_conn.id 
_struct_conn.conn_type_id 
_struct_conn.pdbx_leaving_atom_flag 
_struct_conn.pdbx_PDB_id 
_struct_conn.ptnr1_label_asym_id 
_struct_conn.ptnr1_label_comp_id 
_struct_conn.ptnr1_label_seq_id 
_struct_conn.ptnr1_label_atom_id 
_struct_conn.pdbx_ptnr1_label_alt_id 
_struct_conn.pdbx_ptnr1_PDB_ins_code 
_struct_conn.pdbx_ptnr1_standard_comp_id 
_struct_conn.ptnr1_symmetry 
_struct_conn.ptnr2_label_asym_id 
_struct_conn.ptnr2_label_comp_id 
_struct_conn.ptnr2_label_seq_id 
_struct_conn.ptnr2_label_atom_id 
_struct_conn.pdbx_ptnr2_label_alt_id 
_struct_conn.pdbx_ptnr2_PDB_ins_code 
_struct_conn.ptnr1_auth_asym_id 
_struct_conn.ptnr1_auth_comp_id 
_struct_conn.ptnr1_auth_seq_id 
_struct_conn.ptnr2_auth_asym_id 
_struct_conn.ptnr2_auth_comp_id 
_struct_conn.ptnr2_auth_seq_id 
_struct_conn.ptnr2_symmetry 
_struct_conn.pdbx_ptnr3_label_atom_id 
_struct_conn.pdbx_ptnr3_label_seq_id 
_struct_conn.pdbx_ptnr3_label_comp_id 
_struct_conn.pdbx_ptnr3_label_asym_id 
_struct_conn.pdbx_ptnr3_label_alt_id 
_struct_conn.pdbx_ptnr3_PDB_ins_code 
_struct_conn.details 
_struct_conn.pdbx_dist_value 
_struct_conn.pdbx_value_order 
_struct_conn.pdbx_role 
metalc1 metalc ? ? A HIS 94 NE2 ? ? ? 1_555 B HEM . FE ? ? A HIS 93  A HEM 201 1_555 ? ? ? ? ? ? ? 2.177 ? ? 
metalc2 metalc ? ? B HEM .  FE  ? ? ? 1_555 C NO  . N  ? ? A HEM 201 A NO  202 1_555 ? ? ? ? ? ? ? 1.794 ? ? 
# 
_struct_conn_type.id          metalc 
_struct_conn_type.criteria    ? 
_struct_conn_type.reference   ? 
# 
loop_
_struct_site.id 
_struct_site.pdbx_evidence_code 
_struct_site.pdbx_auth_asym_id 
_struct_site.pdbx_auth_comp_id 
_struct_site.pdbx_auth_seq_id 
_struct_site.pdbx_auth_ins_code 
_struct_site.pdbx_num_residues 
_struct_site.details 
AC1 Software A HEM 201 ? 22 'binding site for residue HEM A 201' 
AC2 Software A NO  202 ? 4  'binding site for residue NO A 202'  
AC3 Software A SO4 203 ? 8  'binding site for residue SO4 A 203' 
AC4 Software A NO2 204 ? 5  'binding site for residue NO2 A 204' 
AC5 Software A GOL 205 ? 3  'binding site for residue GOL A 205' 
# 
loop_
_struct_site_gen.id 
_struct_site_gen.site_id 
_struct_site_gen.pdbx_num_res 
_struct_site_gen.label_comp_id 
_struct_site_gen.label_asym_id 
_struct_site_gen.label_seq_id 
_struct_site_gen.pdbx_auth_ins_code 
_struct_site_gen.auth_comp_id 
_struct_site_gen.auth_asym_id 
_struct_site_gen.auth_seq_id 
_struct_site_gen.label_atom_id 
_struct_site_gen.label_alt_id 
_struct_site_gen.symmetry 
_struct_site_gen.details 
1  AC1 22 THR A 40  ? THR A 39  . ? 1_555 ? 
2  AC1 22 LYS A 43  ? LYS A 42  . ? 1_555 ? 
3  AC1 22 PHE A 44  ? PHE A 43  . ? 1_555 ? 
4  AC1 22 ARG A 46  ? ARG A 45  . ? 1_555 ? 
5  AC1 22 HIS A 65  ? HIS A 64  . ? 1_555 ? 
6  AC1 22 VAL A 69  ? VAL A 68  . ? 1_555 ? 
7  AC1 22 LEU A 90  ? LEU A 89  . ? 1_555 ? 
8  AC1 22 SER A 93  ? SER A 92  . ? 1_555 ? 
9  AC1 22 HIS A 94  ? HIS A 93  . ? 1_555 ? 
10 AC1 22 HIS A 98  ? HIS A 97  . ? 1_555 ? 
11 AC1 22 ILE A 100 ? ILE A 99  . ? 1_555 ? 
12 AC1 22 TYR A 104 ? TYR A 103 . ? 1_555 ? 
13 AC1 22 HIS A 114 ? HIS A 113 . ? 1_545 ? 
14 AC1 22 HIS A 117 ? HIS A 116 . ? 1_545 ? 
15 AC1 22 GLN A 129 ? GLN A 128 . ? 1_545 ? 
16 AC1 22 NO  C .   ? NO  A 202 . ? 1_555 ? 
17 AC1 22 HOH G .   ? HOH A 311 . ? 1_555 ? 
18 AC1 22 HOH G .   ? HOH A 335 . ? 1_555 ? 
19 AC1 22 HOH G .   ? HOH A 365 . ? 1_555 ? 
20 AC1 22 HOH G .   ? HOH A 384 . ? 1_555 ? 
21 AC1 22 HOH G .   ? HOH A 413 . ? 1_555 ? 
22 AC1 22 HOH G .   ? HOH A 425 . ? 1_555 ? 
23 AC2 4  PHE A 44  ? PHE A 43  . ? 1_555 ? 
24 AC2 4  HIS A 65  ? HIS A 64  . ? 1_555 ? 
25 AC2 4  VAL A 69  ? VAL A 68  . ? 1_555 ? 
26 AC2 4  HEM B .   ? HEM A 201 . ? 1_555 ? 
27 AC3 8  LYS A 35  ? LYS A 34  . ? 1_555 ? 
28 AC3 8  THR A 52  ? THR A 51  . ? 1_555 ? 
29 AC3 8  GLU A 53  ? GLU A 52  . ? 1_555 ? 
30 AC3 8  HOH G .   ? HOH A 318 . ? 1_555 ? 
31 AC3 8  HOH G .   ? HOH A 331 . ? 1_555 ? 
32 AC3 8  HOH G .   ? HOH A 377 . ? 1_555 ? 
33 AC3 8  HOH G .   ? HOH A 389 . ? 1_555 ? 
34 AC3 8  HOH G .   ? HOH A 391 . ? 1_555 ? 
35 AC4 5  ARG A 32  ? ARG A 31  . ? 1_555 ? 
36 AC4 5  LYS A 97  ? LYS A 96  . ? 1_565 ? 
37 AC4 5  ALA A 111 ? ALA A 110 . ? 1_555 ? 
38 AC4 5  HOH G .   ? HOH A 323 . ? 1_555 ? 
39 AC4 5  HOH G .   ? HOH A 392 . ? 1_555 ? 
40 AC5 3  VAL A 2   ? VAL A 1   . ? 1_555 ? 
41 AC5 3  HOH G .   ? HOH A 301 . ? 1_555 ? 
42 AC5 3  HOH G .   ? HOH A 426 . ? 1_555 ? 
# 
_atom_sites.entry_id                    5VZN 
_atom_sites.fract_transf_matrix[1][1]   0.00248974 
_atom_sites.fract_transf_matrix[1][2]   -0.02311435 
_atom_sites.fract_transf_matrix[1][3]   -0.01874260 
_atom_sites.fract_transf_matrix[2][1]   -0.02527283 
_atom_sites.fract_transf_matrix[2][2]   -0.01607094 
_atom_sites.fract_transf_matrix[2][3]   0.01646232 
_atom_sites.fract_transf_matrix[3][1]   -0.01007676 
_atom_sites.fract_transf_matrix[3][2]   0.00320782 
_atom_sites.fract_transf_matrix[3][3]   -0.01233821 
_atom_sites.fract_transf_vector[1]      -0.254384 
_atom_sites.fract_transf_vector[2]      0.231637 
_atom_sites.fract_transf_vector[3]      -0.256296 
# 
loop_
_atom_type.symbol 
C  
FE 
N  
O  
S  
# 
loop_
_atom_site.group_PDB 
_atom_site.id 
_atom_site.type_symbol 
_atom_site.label_atom_id 
_atom_site.label_alt_id 
_atom_site.label_comp_id 
_atom_site.label_asym_id 
_atom_site.label_entity_id 
_atom_site.label_seq_id 
_atom_site.pdbx_PDB_ins_code 
_atom_site.Cartn_x 
_atom_site.Cartn_y 
_atom_site.Cartn_z 
_atom_site.occupancy 
_atom_site.B_iso_or_equiv 
_atom_site.pdbx_formal_charge 
_atom_site.auth_seq_id 
_atom_site.auth_comp_id 
_atom_site.auth_asym_id 
_atom_site.auth_atom_id 
_atom_site.pdbx_PDB_model_num 
ATOM   1    N  N   . VAL A 1 2   ? -16.611 9.138   -4.406  1.00 35.21 ? 1   VAL A N   1 
ATOM   2    C  CA  . VAL A 1 2   ? -16.349 10.285  -3.440  1.00 28.09 ? 1   VAL A CA  1 
ATOM   3    C  C   . VAL A 1 2   ? -16.470 9.929   -1.935  1.00 23.34 ? 1   VAL A C   1 
ATOM   4    O  O   . VAL A 1 2   ? -17.568 9.651   -1.411  1.00 24.72 ? 1   VAL A O   1 
ATOM   5    C  CB  . VAL A 1 2   ? -17.192 11.530  -3.806  1.00 29.18 ? 1   VAL A CB  1 
ATOM   6    C  CG1 . VAL A 1 2   ? -17.374 12.541  -2.671  1.00 30.89 ? 1   VAL A CG1 1 
ATOM   7    C  CG2 . VAL A 1 2   ? -16.544 12.179  -5.005  1.00 30.01 ? 1   VAL A CG2 1 
ATOM   8    N  N   . LEU A 1 3   ? -15.341 10.001  -1.232  1.00 15.16 ? 2   LEU A N   1 
ATOM   9    C  CA  . LEU A 1 3   ? -15.401 9.859   0.215   1.00 12.40 ? 2   LEU A CA  1 
ATOM   10   C  C   . LEU A 1 3   ? -15.984 11.089  0.865   1.00 12.72 ? 2   LEU A C   1 
ATOM   11   O  O   . LEU A 1 3   ? -15.639 12.206  0.488   1.00 11.60 ? 2   LEU A O   1 
ATOM   12   C  CB  . LEU A 1 3   ? -14.025 9.539   0.897   1.00 11.09 ? 2   LEU A CB  1 
ATOM   13   C  CG  . LEU A 1 3   ? -13.527 8.052   0.761   1.00 11.45 ? 2   LEU A CG  1 
ATOM   14   C  CD1 . LEU A 1 3   ? -13.028 7.863   -0.659  1.00 10.98 ? 2   LEU A CD1 1 
ATOM   15   C  CD2 . LEU A 1 3   ? -12.363 7.724   1.702   1.00 10.67 ? 2   LEU A CD2 1 
ATOM   16   N  N   . SER A 1 4   ? -16.785 10.865  1.910   1.00 10.79 ? 3   SER A N   1 
ATOM   17   C  CA  . SER A 1 4   ? -17.250 11.921  2.788   1.00 12.11 ? 3   SER A CA  1 
ATOM   18   C  C   . SER A 1 4   ? -16.122 12.429  3.681   1.00 11.77 ? 3   SER A C   1 
ATOM   19   O  O   . SER A 1 4   ? -15.148 11.744  3.920   1.00 11.72 ? 3   SER A O   1 
ATOM   20   C  CB  . SER A 1 4   ? -18.392 11.430  3.697   1.00 12.18 ? 3   SER A CB  1 
ATOM   21   O  OG  . SER A 1 4   ? -17.955 10.541  4.673   1.00 12.42 ? 3   SER A OG  1 
ATOM   22   N  N   . GLU A 1 5   ? -16.311 13.606  4.261   1.00 13.37 ? 4   GLU A N   1 
ATOM   23   C  CA  . GLU A 1 5   ? -15.397 14.066  5.334   1.00 13.17 ? 4   GLU A CA  1 
ATOM   24   C  C   . GLU A 1 5   ? -15.253 13.114  6.467   1.00 12.32 ? 4   GLU A C   1 
ATOM   25   O  O   . GLU A 1 5   ? -14.166 12.925  6.985   1.00 13.06 ? 4   GLU A O   1 
ATOM   26   C  CB  . GLU A 1 5   ? -15.789 15.468  5.879   1.00 13.55 ? 4   GLU A CB  1 
ATOM   27   C  CG  . GLU A 1 5   ? -15.517 16.591  4.877   1.00 15.02 ? 4   GLU A CG  1 
ATOM   28   C  CD  . GLU A 1 5   ? -14.071 16.872  4.555   1.00 13.88 ? 4   GLU A CD  1 
ATOM   29   O  OE1 . GLU A 1 5   ? -13.170 16.428  5.256   1.00 13.48 ? 4   GLU A OE1 1 
ATOM   30   O  OE2 . GLU A 1 5   ? -13.834 17.576  3.564   1.00 17.29 ? 4   GLU A OE2 1 
ATOM   31   N  N   . GLY A 1 6   ? -16.356 12.504  6.895   1.00 11.71 ? 5   GLY A N   1 
ATOM   32   C  CA  . GLY A 1 6   ? -16.306 11.559  7.997   1.00 12.17 ? 5   GLY A CA  1 
ATOM   33   C  C   . GLY A 1 6   ? -15.482 10.316  7.634   1.00 11.30 ? 5   GLY A C   1 
ATOM   34   O  O   . GLY A 1 6   ? -14.789 9.711   8.459   1.00 11.02 ? 5   GLY A O   1 
ATOM   35   N  N   . GLU A 1 7   ? -15.661 9.868   6.416   1.00 10.61 ? 6   GLU A N   1 
ATOM   36   C  CA  . GLU A 1 7   ? -14.877 8.736   5.923   1.00 10.79 ? 6   GLU A CA  1 
ATOM   37   C  C   . GLU A 1 7   ? -13.368 9.067   5.824   1.00 9.41  ? 6   GLU A C   1 
ATOM   38   O  O   . GLU A 1 7   ? -12.467 8.295   6.283   1.00 8.70  ? 6   GLU A O   1 
ATOM   39   C  CB  . GLU A 1 7   ? -15.417 8.295   4.570   1.00 10.90 ? 6   GLU A CB  1 
ATOM   40   C  CG  . GLU A 1 7   ? -16.757 7.533   4.629   1.00 10.90 ? 6   GLU A CG  1 
ATOM   41   C  CD  . GLU A 1 7   ? -17.447 7.321   3.334   1.00 12.79 ? 6   GLU A CD  1 
ATOM   42   O  OE1 . GLU A 1 7   ? -17.225 8.034   2.338   1.00 13.43 ? 6   GLU A OE1 1 
ATOM   43   O  OE2 . GLU A 1 7   ? -18.290 6.369   3.327   1.00 16.53 ? 6   GLU A OE2 1 
ATOM   44   N  N   . TRP A 1 8   ? -13.060 10.264  5.260   1.00 8.86  ? 7   TRP A N   1 
ATOM   45   C  CA  . TRP A 1 8   ? -11.612 10.668  5.251   1.00 8.60  ? 7   TRP A CA  1 
ATOM   46   C  C   . TRP A 1 8   ? -11.066 10.761  6.678   1.00 8.83  ? 7   TRP A C   1 
ATOM   47   O  O   . TRP A 1 8   ? -9.914  10.342  6.966   1.00 9.23  ? 7   TRP A O   1 
ATOM   48   C  CB  . TRP A 1 8   ? -11.378 12.015  4.548   1.00 9.19  ? 7   TRP A CB  1 
ATOM   49   C  CG  . TRP A 1 8   ? -11.420 11.916  3.084   1.00 9.55  ? 7   TRP A CG  1 
ATOM   50   C  CD1 . TRP A 1 8   ? -12.265 12.580  2.218   1.00 9.24  ? 7   TRP A CD1 1 
ATOM   51   C  CD2 . TRP A 1 8   ? -10.534 11.168  2.266   1.00 9.89  ? 7   TRP A CD2 1 
ATOM   52   N  NE1 . TRP A 1 8   ? -11.989 12.255  0.925   1.00 10.01 ? 7   TRP A NE1 1 
ATOM   53   C  CE2 . TRP A 1 8   ? -10.926 11.374  0.929   1.00 10.29 ? 7   TRP A CE2 1 
ATOM   54   C  CE3 . TRP A 1 8   ? -9.430  10.326  2.528   1.00 9.87  ? 7   TRP A CE3 1 
ATOM   55   C  CZ2 . TRP A 1 8   ? -10.291 10.692  -0.149  1.00 11.17 ? 7   TRP A CZ2 1 
ATOM   56   C  CZ3 . TRP A 1 8   ? -8.787  9.718   1.474   1.00 10.67 ? 7   TRP A CZ3 1 
ATOM   57   C  CH2 . TRP A 1 8   ? -9.210  9.911   0.156   1.00 10.58 ? 7   TRP A CH2 1 
ATOM   58   N  N   . GLN A 1 9   ? -11.873 11.271  7.614   1.00 9.80  ? 8   GLN A N   1 
ATOM   59   C  CA  . GLN A 1 9   ? -11.420 11.287  9.005   1.00 10.93 ? 8   GLN A CA  1 
ATOM   60   C  C   . GLN A 1 9   ? -11.084 9.908   9.569   1.00 9.50  ? 8   GLN A C   1 
ATOM   61   O  O   . GLN A 1 9   ? -10.040 9.726   10.203  1.00 10.93 ? 8   GLN A O   1 
ATOM   62   C  CB  . GLN A 1 9   ? -12.416 11.992  9.900   1.00 13.63 ? 8   GLN A CB  1 
ATOM   63   C  CG  . GLN A 1 9   ? -11.817 12.298  11.254  1.00 14.60 ? 8   GLN A CG  1 
ATOM   64   C  CD  . GLN A 1 9   ? -12.768 13.112  12.147  1.00 16.79 ? 8   GLN A CD  1 
ATOM   65   O  OE1 . GLN A 1 9   ? -12.342 14.094  12.803  1.00 19.97 ? 8   GLN A OE1 1 
ATOM   66   N  NE2 . GLN A 1 9   ? -14.056 12.726  12.164  1.00 15.15 ? 8   GLN A NE2 1 
ATOM   67   N  N   . LEU A 1 10  ? -11.947 8.939   9.264   1.00 9.16  ? 9   LEU A N   1 
ATOM   68   C  CA  . LEU A 1 10  ? -11.687 7.528   9.653   1.00 9.94  ? 9   LEU A CA  1 
ATOM   69   C  C   . LEU A 1 10  ? -10.400 7.032   9.045   1.00 9.94  ? 9   LEU A C   1 
ATOM   70   O  O   . LEU A 1 10  ? -9.607  6.417   9.717   1.00 10.26 ? 9   LEU A O   1 
ATOM   71   C  CB  . LEU A 1 10  ? -12.839 6.635   9.236   1.00 11.49 ? 9   LEU A CB  1 
ATOM   72   C  CG  . LEU A 1 10  ? -14.110 6.816   10.093  1.00 11.73 ? 9   LEU A CG  1 
ATOM   73   C  CD1 . LEU A 1 10  ? -15.326 6.127   9.465   1.00 12.93 ? 9   LEU A CD1 1 
ATOM   74   C  CD2 . LEU A 1 10  ? -13.820 6.321   11.520  1.00 13.26 ? 9   LEU A CD2 1 
ATOM   75   N  N   . VAL A 1 11  ? -10.214 7.278   7.762   1.00 8.90  ? 10  VAL A N   1 
ATOM   76   C  CA  . VAL A 1 11  ? -9.001  6.847   7.056   1.00 9.58  ? 10  VAL A CA  1 
ATOM   77   C  C   . VAL A 1 11  ? -7.718  7.376   7.740   1.00 9.76  ? 10  VAL A C   1 
ATOM   78   O  O   . VAL A 1 11  ? -6.793  6.659   8.030   1.00 10.20 ? 10  VAL A O   1 
ATOM   79   C  CB  . VAL A 1 11  ? -9.056  7.254   5.530   1.00 9.64  ? 10  VAL A CB  1 
ATOM   80   C  CG1 . VAL A 1 11  ? -7.691  7.107   4.848   1.00 10.54 ? 10  VAL A CG1 1 
ATOM   81   C  CG2 . VAL A 1 11  ? -10.122 6.469   4.800   1.00 9.61  ? 10  VAL A CG2 1 
ATOM   82   N  N   . LEU A 1 12  ? -7.720  8.668   8.057   1.00 9.18  ? 11  LEU A N   1 
ATOM   83   C  CA  . LEU A 1 12  ? -6.570  9.307   8.674   1.00 9.52  ? 11  LEU A CA  1 
ATOM   84   C  C   . LEU A 1 12  ? -6.334  8.982   10.161  1.00 10.48 ? 11  LEU A C   1 
ATOM   85   O  O   . LEU A 1 12  ? -5.181  8.994   10.622  1.00 10.05 ? 11  LEU A O   1 
ATOM   86   C  CB  . LEU A 1 12  ? -6.574  10.811  8.411   1.00 9.93  ? 11  LEU A CB  1 
ATOM   87   C  CG  . LEU A 1 12  ? -6.595  11.165  6.915   1.00 9.44  ? 11  LEU A CG  1 
ATOM   88   C  CD1 . LEU A 1 12  ? -6.563  12.673  6.723   1.00 9.49  ? 11  LEU A CD1 1 
ATOM   89   C  CD2 . LEU A 1 12  ? -5.420  10.565  6.159   1.00 10.25 ? 11  LEU A CD2 1 
ATOM   90   N  N   . HIS A 1 13  ? -7.414  8.645   10.846  1.00 11.46 ? 12  HIS A N   1 
ATOM   91   C  CA  . HIS A 1 13  ? -7.354  8.104   12.222  1.00 13.69 ? 12  HIS A CA  1 
ATOM   92   C  C   . HIS A 1 13  ? -6.695  6.709   12.192  1.00 12.07 ? 12  HIS A C   1 
ATOM   93   O  O   . HIS A 1 13  ? -5.850  6.367   13.048  1.00 11.95 ? 12  HIS A O   1 
ATOM   94   C  CB  . HIS A 1 13  ? -8.753  8.111   12.889  1.00 18.01 ? 12  HIS A CB  1 
ATOM   95   C  CG  . HIS A 1 13  ? -8.791  7.498   14.284  1.00 27.30 ? 12  HIS A CG  1 
ATOM   96   N  ND1 . HIS A 1 13  ? -8.708  8.259   15.442  1.00 38.50 ? 12  HIS A ND1 1 
ATOM   97   C  CD2 . HIS A 1 13  ? -8.916  6.207   14.705  1.00 36.72 ? 12  HIS A CD2 1 
ATOM   98   C  CE1 . HIS A 1 13  ? -8.755  7.465   16.505  1.00 36.04 ? 12  HIS A CE1 1 
ATOM   99   N  NE2 . HIS A 1 13  ? -8.894  6.218   16.087  1.00 37.77 ? 12  HIS A NE2 1 
ATOM   100  N  N   . VAL A 1 14  ? -7.019  5.925   11.179  1.00 10.88 ? 13  VAL A N   1 
ATOM   101  C  CA  . VAL A 1 14  ? -6.357  4.640   11.004  1.00 11.69 ? 13  VAL A CA  1 
ATOM   102  C  C   . VAL A 1 14  ? -4.895  4.889   10.646  1.00 11.51 ? 13  VAL A C   1 
ATOM   103  O  O   . VAL A 1 14  ? -3.979  4.224   11.189  1.00 11.41 ? 13  VAL A O   1 
ATOM   104  C  CB  . VAL A 1 14  ? -7.051  3.755   9.925   1.00 12.22 ? 13  VAL A CB  1 
ATOM   105  C  CG1 . VAL A 1 14  ? -6.238  2.514   9.621   1.00 13.94 ? 13  VAL A CG1 1 
ATOM   106  C  CG2 . VAL A 1 14  ? -8.435  3.335   10.395  1.00 13.18 ? 13  VAL A CG2 1 
ATOM   107  N  N   . TRP A 1 15  ? -4.651  5.823   9.751   1.00 10.67 ? 14  TRP A N   1 
ATOM   108  C  CA  . TRP A 1 15  ? -3.316  6.053   9.255   1.00 11.60 ? 14  TRP A CA  1 
ATOM   109  C  C   . TRP A 1 15  ? -2.432  6.474   10.424  1.00 10.86 ? 14  TRP A C   1 
ATOM   110  O  O   . TRP A 1 15  ? -1.292  6.102   10.469  1.00 10.92 ? 14  TRP A O   1 
ATOM   111  C  CB  . TRP A 1 15  ? -3.252  7.033   8.102   1.00 13.10 ? 14  TRP A CB  1 
ATOM   112  C  CG  . TRP A 1 15  ? -1.978  6.851   7.447   1.00 12.62 ? 14  TRP A CG  1 
ATOM   113  C  CD1 . TRP A 1 15  ? -0.905  7.618   7.572   1.00 15.25 ? 14  TRP A CD1 1 
ATOM   114  C  CD2 . TRP A 1 15  ? -1.623  5.751   6.632   1.00 12.52 ? 14  TRP A CD2 1 
ATOM   115  N  NE1 . TRP A 1 15  ? 0.123   7.087   6.865   1.00 15.31 ? 14  TRP A NE1 1 
ATOM   116  C  CE2 . TRP A 1 15  ? -0.293  5.935   6.264   1.00 13.81 ? 14  TRP A CE2 1 
ATOM   117  C  CE3 . TRP A 1 15  ? -2.296  4.614   6.200   1.00 12.27 ? 14  TRP A CE3 1 
ATOM   118  C  CZ2 . TRP A 1 15  ? 0.373   5.030   5.431   1.00 15.51 ? 14  TRP A CZ2 1 
ATOM   119  C  CZ3 . TRP A 1 15  ? -1.598  3.682   5.336   1.00 15.09 ? 14  TRP A CZ3 1 
ATOM   120  C  CH2 . TRP A 1 15  ? -0.321  3.944   4.977   1.00 14.40 ? 14  TRP A CH2 1 
ATOM   121  N  N   . ALA A 1 16  ? -3.021  7.098   11.469  1.00 11.44 ? 15  ALA A N   1 
ATOM   122  C  CA  . ALA A 1 16  ? -2.268  7.477   12.659  1.00 12.36 ? 15  ALA A CA  1 
ATOM   123  C  C   . ALA A 1 16  ? -1.709  6.306   13.463  1.00 11.66 ? 15  ALA A C   1 
ATOM   124  O  O   . ALA A 1 16  ? -0.600  6.391   14.093  1.00 13.22 ? 15  ALA A O   1 
ATOM   125  C  CB  . ALA A 1 16  ? -3.157  8.337   13.538  1.00 12.86 ? 15  ALA A CB  1 
ATOM   126  N  N   . LYS A 1 17  ? -2.410  5.180   13.396  1.00 11.54 ? 16  LYS A N   1 
ATOM   127  C  CA  . LYS A 1 17  ? -1.880  3.934   13.944  1.00 11.76 ? 16  LYS A CA  1 
ATOM   128  C  C   . LYS A 1 17  ? -0.616  3.485   13.149  1.00 11.03 ? 16  LYS A C   1 
ATOM   129  O  O   . LYS A 1 17  ? 0.396   3.064   13.700  1.00 12.30 ? 16  LYS A O   1 
ATOM   130  C  CB  . LYS A 1 17  ? -2.912  2.817   13.815  1.00 13.24 ? 16  LYS A CB  1 
ATOM   131  C  CG  . LYS A 1 17  ? -4.188  3.133   14.556  1.00 15.51 ? 16  LYS A CG  1 
ATOM   132  C  CD  . LYS A 1 17  ? -5.114  1.947   14.540  1.00 18.48 ? 16  LYS A CD  1 
ATOM   133  C  CE  . LYS A 1 17  ? -6.400  2.383   15.117  1.00 22.00 ? 16  LYS A CE  1 
ATOM   134  N  NZ  . LYS A 1 17  ? -6.282  2.839   16.522  1.00 22.98 ? 16  LYS A NZ  1 
ATOM   135  N  N   . VAL A 1 18  ? -0.671  3.613   11.830  1.00 11.35 ? 17  VAL A N   1 
ATOM   136  C  CA  . VAL A 1 18  ? 0.517   3.228   11.002  1.00 11.46 ? 17  VAL A CA  1 
ATOM   137  C  C   . VAL A 1 18  ? 1.729   4.127   11.334  1.00 12.13 ? 17  VAL A C   1 
ATOM   138  O  O   . VAL A 1 18  ? 2.840   3.676   11.496  1.00 12.23 ? 17  VAL A O   1 
ATOM   139  C  CB  . VAL A 1 18  ? 0.152   3.327   9.496   1.00 11.01 ? 17  VAL A CB  1 
ATOM   140  C  CG1 . VAL A 1 18  ? 1.373   3.037   8.604   1.00 10.36 ? 17  VAL A CG1 1 
ATOM   141  C  CG2 . VAL A 1 18  ? -1.020  2.415   9.162   1.00 10.95 ? 17  VAL A CG2 1 
ATOM   142  N  N   . GLU A 1 19  ? 1.491   5.429   11.457  1.00 11.87 ? 18  GLU A N   1 
ATOM   143  C  CA  . GLU A 1 19  ? 2.554   6.365   11.655  1.00 13.74 ? 18  GLU A CA  1 
ATOM   144  C  C   . GLU A 1 19  ? 3.316   6.147   12.960  1.00 14.04 ? 18  GLU A C   1 
ATOM   145  O  O   . GLU A 1 19  ? 4.459   6.616   13.036  1.00 13.72 ? 18  GLU A O   1 
ATOM   146  C  CB  . GLU A 1 19  ? 2.056   7.810   11.617  1.00 17.52 ? 18  GLU A CB  1 
ATOM   147  C  CG  . GLU A 1 19  ? 1.731   8.174   10.194  1.00 18.79 ? 18  GLU A CG  1 
ATOM   148  C  CD  . GLU A 1 19  ? 1.314   9.611   9.949   1.00 25.73 ? 18  GLU A CD  1 
ATOM   149  O  OE1 . GLU A 1 19  ? 1.001   10.352  10.901  1.00 28.05 ? 18  GLU A OE1 1 
ATOM   150  O  OE2 . GLU A 1 19  ? 1.347   9.959   8.754   1.00 27.75 ? 18  GLU A OE2 1 
ATOM   151  N  N   . ALA A 1 20  ? 2.682   5.489   13.942  1.00 12.60 ? 19  ALA A N   1 
ATOM   152  C  CA  . ALA A 1 20  ? 3.382   5.169   15.195  1.00 13.54 ? 19  ALA A CA  1 
ATOM   153  C  C   . ALA A 1 20  ? 4.472   4.163   15.006  1.00 13.45 ? 19  ALA A C   1 
ATOM   154  O  O   . ALA A 1 20  ? 5.369   4.046   15.846  1.00 15.30 ? 19  ALA A O   1 
ATOM   155  C  CB  . ALA A 1 20  ? 2.436   4.777   16.299  1.00 14.89 ? 19  ALA A CB  1 
ATOM   156  N  N   . ASP A 1 21  ? 4.367   3.370   13.937  1.00 13.61 ? 20  ASP A N   1 
ATOM   157  C  CA  . ASP A 1 21  ? 5.456   2.477   13.557  1.00 13.83 ? 20  ASP A CA  1 
ATOM   158  C  C   . ASP A 1 21  ? 5.435   2.156   12.056  1.00 13.42 ? 20  ASP A C   1 
ATOM   159  O  O   . ASP A 1 21  ? 5.007   1.030   11.609  1.00 12.91 ? 20  ASP A O   1 
ATOM   160  C  CB  . ASP A 1 21  ? 5.377   1.179   14.400  1.00 14.37 ? 20  ASP A CB  1 
ATOM   161  C  CG  . ASP A 1 21  ? 6.492   0.151   14.040  1.00 14.70 ? 20  ASP A CG  1 
ATOM   162  O  OD1 . ASP A 1 21  ? 7.487   0.469   13.347  1.00 14.06 ? 20  ASP A OD1 1 
ATOM   163  O  OD2 . ASP A 1 21  ? 6.374   -0.981  14.515  1.00 17.66 ? 20  ASP A OD2 1 
ATOM   164  N  N   . VAL A 1 22  ? 5.951   3.095   11.296  1.00 12.12 ? 21  VAL A N   1 
ATOM   165  C  CA  . VAL A 1 22  ? 5.840   3.037   9.853   1.00 12.61 ? 21  VAL A CA  1 
ATOM   166  C  C   . VAL A 1 22  ? 6.629   1.820   9.326   1.00 13.59 ? 21  VAL A C   1 
ATOM   167  O  O   . VAL A 1 22  ? 6.160   1.026   8.476   1.00 10.93 ? 21  VAL A O   1 
ATOM   168  C  CB  . VAL A 1 22  ? 6.343   4.338   9.202   1.00 13.60 ? 21  VAL A CB  1 
ATOM   169  C  CG1 . VAL A 1 22  ? 6.308   4.218   7.682   1.00 14.65 ? 21  VAL A CG1 1 
ATOM   170  C  CG2 . VAL A 1 22  ? 5.480   5.501   9.607   1.00 14.69 ? 21  VAL A CG2 1 
ATOM   171  N  N   . ALA A 1 23  ? 7.839   1.646   9.863   1.00 12.94 ? 22  ALA A N   1 
ATOM   172  C  CA  . ALA A 1 23  ? 8.715   0.593   9.340   1.00 12.78 ? 22  ALA A CA  1 
ATOM   173  C  C   . ALA A 1 23  ? 8.129   -0.817  9.639   1.00 12.03 ? 22  ALA A C   1 
ATOM   174  O  O   . ALA A 1 23  ? 8.178   -1.719  8.766   1.00 12.37 ? 22  ALA A O   1 
ATOM   175  C  CB  . ALA A 1 23  ? 10.164  0.750   9.816   1.00 13.56 ? 22  ALA A CB  1 
ATOM   176  N  N   . GLY A 1 24  ? 7.530   -1.036  10.819  1.00 11.31 ? 23  GLY A N   1 
ATOM   177  C  CA  . GLY A 1 24  ? 6.863   -2.282  11.213  1.00 12.14 ? 23  GLY A CA  1 
ATOM   178  C  C   . GLY A 1 24  ? 5.699   -2.620  10.348  1.00 11.59 ? 23  GLY A C   1 
ATOM   179  O  O   . GLY A 1 24  ? 5.648   -3.707  9.744   1.00 12.45 ? 23  GLY A O   1 
ATOM   180  N  N   . HIS A 1 25  ? 4.807   -1.643  10.183  1.00 11.58 ? 24  HIS A N   1 
ATOM   181  C  CA  . HIS A 1 25  ? 3.689   -1.809  9.275   1.00 11.01 ? 24  HIS A CA  1 
ATOM   182  C  C   . HIS A 1 25  ? 4.134   -2.088  7.869   1.00 10.22 ? 24  HIS A C   1 
ATOM   183  O  O   . HIS A 1 25  ? 3.575   -2.984  7.207   1.00 10.32 ? 24  HIS A O   1 
ATOM   184  C  CB  . HIS A 1 25  ? 2.757   -0.600  9.256   1.00 10.55 ? 24  HIS A CB  1 
ATOM   185  C  CG  . HIS A 1 25  ? 1.935   -0.457  10.469  1.00 11.21 ? 24  HIS A CG  1 
ATOM   186  N  ND1 . HIS A 1 25  ? 2.383   0.117   11.648  1.00 11.10 ? 24  HIS A ND1 1 
ATOM   187  C  CD2 . HIS A 1 25  ? 0.649   -0.848  10.699  1.00 11.51 ? 24  HIS A CD2 1 
ATOM   188  C  CE1 . HIS A 1 25  ? 1.409   0.109   12.530  1.00 11.80 ? 24  HIS A CE1 1 
ATOM   189  N  NE2 . HIS A 1 25  ? 0.352   -0.477  11.983  1.00 12.56 ? 24  HIS A NE2 1 
ATOM   190  N  N   . GLY A 1 26  ? 5.136   -1.354  7.385   1.00 10.72 ? 25  GLY A N   1 
ATOM   191  C  CA  . GLY A 1 26  ? 5.510   -1.473  5.958   1.00 11.05 ? 25  GLY A CA  1 
ATOM   192  C  C   . GLY A 1 26  ? 6.158   -2.824  5.704   1.00 12.71 ? 25  GLY A C   1 
ATOM   193  O  O   . GLY A 1 26  ? 5.879   -3.499  4.704   1.00 12.69 ? 25  GLY A O   1 
ATOM   194  N  N   . GLN A 1 27  ? 7.027   -3.228  6.628   1.00 12.63 ? 26  GLN A N   1 
ATOM   195  C  CA  . GLN A 1 27  ? 7.569   -4.583  6.539   1.00 14.54 ? 26  GLN A CA  1 
ATOM   196  C  C   . GLN A 1 27  ? 6.502   -5.709  6.551   1.00 14.16 ? 26  GLN A C   1 
ATOM   197  O  O   . GLN A 1 27  ? 6.514   -6.613  5.682   1.00 13.02 ? 26  GLN A O   1 
ATOM   198  C  CB  . GLN A 1 27  ? 8.596   -4.814  7.635   1.00 16.96 ? 26  GLN A CB  1 
ATOM   199  C  CG  . GLN A 1 27  ? 9.510   -5.933  7.127   1.00 18.34 ? 26  GLN A CG  1 
ATOM   200  C  CD  . GLN A 1 27  ? 10.571  -6.356  8.121   1.00 18.81 ? 26  GLN A CD  1 
ATOM   201  O  OE1 . GLN A 1 27  ? 10.297  -6.345  9.355   1.00 21.88 ? 26  GLN A OE1 1 
ATOM   202  N  NE2 . GLN A 1 27  ? 11.803  -6.631  7.605   1.00 15.42 ? 26  GLN A NE2 1 
ATOM   203  N  N   . ASP A 1 28  ? 5.558   -5.624  7.469   1.00 12.03 ? 27  ASP A N   1 
ATOM   204  C  CA  . ASP A 1 28  ? 4.476   -6.632  7.591   1.00 13.14 ? 27  ASP A CA  1 
ATOM   205  C  C   . ASP A 1 28  ? 3.647   -6.627  6.303   1.00 12.70 ? 27  ASP A C   1 
ATOM   206  O  O   . ASP A 1 28  ? 3.230   -7.679  5.854   1.00 11.40 ? 27  ASP A O   1 
ATOM   207  C  CB  . ASP A 1 28  ? 3.573   -6.327  8.793   1.00 13.64 ? 27  ASP A CB  1 
ATOM   208  C  CG  . ASP A 1 28  ? 4.229   -6.671  10.144  1.00 14.46 ? 27  ASP A CG  1 
ATOM   209  O  OD1 . ASP A 1 28  ? 5.361   -7.178  10.143  1.00 16.54 ? 27  ASP A OD1 1 
ATOM   210  O  OD2 . ASP A 1 28  ? 3.648   -6.368  11.201  1.00 16.35 ? 27  ASP A OD2 1 
ATOM   211  N  N   . ILE A 1 29  ? 3.395   -5.452  5.736   1.00 11.38 ? 28  ILE A N   1 
ATOM   212  C  CA  . ILE A 1 29  ? 2.593   -5.374  4.516   1.00 10.94 ? 28  ILE A CA  1 
ATOM   213  C  C   . ILE A 1 29  ? 3.295   -6.030  3.334   1.00 10.28 ? 28  ILE A C   1 
ATOM   214  O  O   . ILE A 1 29  ? 2.713   -6.899  2.684   1.00 10.35 ? 28  ILE A O   1 
ATOM   215  C  CB  . ILE A 1 29  ? 2.202   -3.919  4.198   1.00 11.15 ? 28  ILE A CB  1 
ATOM   216  C  CG1 . ILE A 1 29  ? 1.133   -3.449  5.201   1.00 12.10 ? 28  ILE A CG1 1 
ATOM   217  C  CG2 . ILE A 1 29  ? 1.809   -3.704  2.728   1.00 12.06 ? 28  ILE A CG2 1 
ATOM   218  C  CD1 . ILE A 1 29  ? 1.067   -1.968  5.384   1.00 12.86 ? 28  ILE A CD1 1 
ATOM   219  N  N   . LEU A 1 30  ? 4.585   -5.712  3.138   1.00 9.96  ? 29  LEU A N   1 
ATOM   220  C  CA  . LEU A 1 30  ? 5.356   -6.313  2.031   1.00 10.20 ? 29  LEU A CA  1 
ATOM   221  C  C   . LEU A 1 30  ? 5.532   -7.817  2.221   1.00 9.99  ? 29  LEU A C   1 
ATOM   222  O  O   . LEU A 1 30  ? 5.398   -8.584  1.226   1.00 11.73 ? 29  LEU A O   1 
ATOM   223  C  CB  . LEU A 1 30  ? 6.675   -5.637  1.858   1.00 10.03 ? 29  LEU A CB  1 
ATOM   224  C  CG  . LEU A 1 30  ? 6.551   -4.209  1.314   1.00 10.79 ? 29  LEU A CG  1 
ATOM   225  C  CD1 . LEU A 1 30  ? 7.892   -3.462  1.535   1.00 11.90 ? 29  LEU A CD1 1 
ATOM   226  C  CD2 . LEU A 1 30  ? 6.075   -4.135  -0.141  1.00 11.13 ? 29  LEU A CD2 1 
ATOM   227  N  N   . ILE A 1 31  ? 5.852   -8.251  3.436   1.00 10.86 ? 30  ILE A N   1 
ATOM   228  C  CA  . ILE A 1 31  ? 5.876   -9.675  3.713   1.00 10.99 ? 30  ILE A CA  1 
ATOM   229  C  C   . ILE A 1 31  ? 4.586   -10.407 3.445   1.00 11.13 ? 30  ILE A C   1 
ATOM   230  O  O   . ILE A 1 31  ? 4.606   -11.440 2.713   1.00 10.46 ? 30  ILE A O   1 
ATOM   231  C  CB  . ILE A 1 31  ? 6.364   -9.962  5.118   1.00 11.36 ? 30  ILE A CB  1 
ATOM   232  C  CG1 . ILE A 1 31  ? 7.832   -9.480  5.263   1.00 10.78 ? 30  ILE A CG1 1 
ATOM   233  C  CG2 . ILE A 1 31  ? 6.216   -11.387 5.482   1.00 12.57 ? 30  ILE A CG2 1 
ATOM   234  C  CD1 . ILE A 1 31  ? 8.343   -9.529  6.686   1.00 11.85 ? 30  ILE A CD1 1 
ATOM   235  N  N   . ARG A 1 32  ? 3.460   -9.862  3.920   1.00 11.00 ? 31  ARG A N   1 
ATOM   236  C  CA  . ARG A 1 32  ? 2.128   -10.454 3.589   1.00 12.07 ? 31  ARG A CA  1 
ATOM   237  C  C   . ARG A 1 32  ? 1.910   -10.503 2.052   1.00 10.73 ? 31  ARG A C   1 
ATOM   238  O  O   . ARG A 1 32  ? 1.468   -11.530 1.531   1.00 10.68 ? 31  ARG A O   1 
ATOM   239  C  CB  . ARG A 1 32  ? 1.030   -9.674  4.298   1.00 13.21 ? 31  ARG A CB  1 
ATOM   240  C  CG  . ARG A 1 32  ? -0.373  -10.070 3.961   1.00 13.20 ? 31  ARG A CG  1 
ATOM   241  C  CD  . ARG A 1 32  ? -0.704  -11.469 4.383   1.00 16.16 ? 31  ARG A CD  1 
ATOM   242  N  NE  . ARG A 1 32  ? -2.112  -11.749 4.147   1.00 18.71 ? 31  ARG A NE  1 
ATOM   243  C  CZ  . ARG A 1 32  ? -2.782  -12.786 4.683   1.00 21.82 ? 31  ARG A CZ  1 
ATOM   244  N  NH1 . ARG A 1 32  ? -4.069  -12.963 4.378   1.00 23.10 ? 31  ARG A NH1 1 
ATOM   245  N  NH2 . ARG A 1 32  ? -2.198  -13.635 5.518   1.00 23.22 ? 31  ARG A NH2 1 
ATOM   246  N  N   . LEU A 1 33  ? 2.257   -9.450  1.335   1.00 10.54 ? 32  LEU A N   1 
ATOM   247  C  CA  . LEU A 1 33  ? 2.135   -9.439  -0.115  1.00 9.45  ? 32  LEU A CA  1 
ATOM   248  C  C   . LEU A 1 33  ? 2.921   -10.555 -0.776  1.00 10.19 ? 32  LEU A C   1 
ATOM   249  O  O   . LEU A 1 33  ? 2.427   -11.299 -1.637  1.00 10.35 ? 32  LEU A O   1 
ATOM   250  C  CB  . LEU A 1 33  ? 2.641   -8.091  -0.652  1.00 9.12  ? 32  LEU A CB  1 
ATOM   251  C  CG  . LEU A 1 33  ? 2.566   -7.855  -2.151  1.00 9.23  ? 32  LEU A CG  1 
ATOM   252  C  CD1 . LEU A 1 33  ? 1.164   -7.796  -2.639  1.00 9.57  ? 32  LEU A CD1 1 
ATOM   253  C  CD2 . LEU A 1 33  ? 3.298   -6.588  -2.433  1.00 9.45  ? 32  LEU A CD2 1 
ATOM   254  N  N   . PHE A 1 34  ? 4.197   -10.644 -0.371  1.00 9.96  ? 33  PHE A N   1 
ATOM   255  C  CA  . PHE A 1 34  ? 5.120   -11.569 -1.006  1.00 10.71 ? 33  PHE A CA  1 
ATOM   256  C  C   . PHE A 1 34  ? 4.768   -12.996 -0.676  1.00 11.52 ? 33  PHE A C   1 
ATOM   257  O  O   . PHE A 1 34  ? 4.903   -13.889 -1.540  1.00 12.70 ? 33  PHE A O   1 
ATOM   258  C  CB  . PHE A 1 34  ? 6.547   -11.382 -0.493  1.00 11.23 ? 33  PHE A CB  1 
ATOM   259  C  CG  . PHE A 1 34  ? 7.169   -10.060 -0.843  1.00 11.53 ? 33  PHE A CG  1 
ATOM   260  C  CD1 . PHE A 1 34  ? 6.768   -9.315  -1.974  1.00 11.18 ? 33  PHE A CD1 1 
ATOM   261  C  CD2 . PHE A 1 34  ? 8.210   -9.582  -0.080  1.00 13.95 ? 33  PHE A CD2 1 
ATOM   262  C  CE1 . PHE A 1 34  ? 7.412   -8.116  -2.336  1.00 12.34 ? 33  PHE A CE1 1 
ATOM   263  C  CE2 . PHE A 1 34  ? 8.858   -8.383  -0.450  1.00 14.45 ? 33  PHE A CE2 1 
ATOM   264  C  CZ  . PHE A 1 34  ? 8.470   -7.649  -1.540  1.00 13.26 ? 33  PHE A CZ  1 
ATOM   265  N  N   . LYS A 1 35  ? 4.311   -13.238 0.527   1.00 14.23 ? 34  LYS A N   1 
ATOM   266  C  CA  . LYS A 1 35  ? 3.947   -14.619 0.849   1.00 15.36 ? 34  LYS A CA  1 
ATOM   267  C  C   . LYS A 1 35  ? 2.517   -15.055 0.328   1.00 14.64 ? 34  LYS A C   1 
ATOM   268  O  O   . LYS A 1 35  ? 2.342   -16.208 -0.145  1.00 14.24 ? 34  LYS A O   1 
ATOM   269  C  CB  . LYS A 1 35  ? 4.239   -14.843 2.300   1.00 17.43 ? 34  LYS A CB  1 
ATOM   270  C  CG  . LYS A 1 35  ? 5.778   -14.963 2.536   1.00 20.41 ? 34  LYS A CG  1 
ATOM   271  C  CD  . LYS A 1 35  ? 6.404   -16.277 1.947   1.00 23.28 ? 34  LYS A CD  1 
ATOM   272  C  CE  . LYS A 1 35  ? 7.837   -16.604 2.337   1.00 25.93 ? 34  LYS A CE  1 
ATOM   273  N  NZ  . LYS A 1 35  ? 8.376   -17.854 1.718   1.00 23.73 ? 34  LYS A NZ  1 
ATOM   274  N  N   . SER A 1 36  ? 1.557   -14.148 0.304   1.00 13.03 ? 35  SER A N   1 
ATOM   275  C  CA  . SER A 1 36  ? 0.244   -14.425 -0.274  1.00 13.24 ? 35  SER A CA  1 
ATOM   276  C  C   . SER A 1 36  ? 0.272   -14.543 -1.797  1.00 13.21 ? 35  SER A C   1 
ATOM   277  O  O   . SER A 1 36  ? -0.467  -15.277 -2.376  1.00 11.71 ? 35  SER A O   1 
ATOM   278  C  CB  . SER A 1 36  ? -0.771  -13.409 0.159   1.00 14.31 ? 35  SER A CB  1 
ATOM   279  O  OG  . SER A 1 36  ? -0.830  -13.318 1.538   1.00 17.62 ? 35  SER A OG  1 
ATOM   280  N  N   . HIS A 1 37  ? 1.189   -13.810 -2.418  1.00 10.89 ? 36  HIS A N   1 
ATOM   281  C  CA  . HIS A 1 37  ? 1.282   -13.692 -3.852  1.00 10.70 ? 36  HIS A CA  1 
ATOM   282  C  C   . HIS A 1 37  ? 2.743   -13.687 -4.312  1.00 10.21 ? 36  HIS A C   1 
ATOM   283  O  O   . HIS A 1 37  ? 3.300   -12.641 -4.608  1.00 9.99  ? 36  HIS A O   1 
ATOM   284  C  CB  . HIS A 1 37  ? 0.578   -12.398 -4.295  1.00 11.27 ? 36  HIS A CB  1 
ATOM   285  C  CG  . HIS A 1 37  ? -0.829  -12.300 -3.824  1.00 12.87 ? 36  HIS A CG  1 
ATOM   286  N  ND1 . HIS A 1 37  ? -1.853  -13.004 -4.386  1.00 14.98 ? 36  HIS A ND1 1 
ATOM   287  C  CD2 . HIS A 1 37  ? -1.379  -11.572 -2.834  1.00 14.14 ? 36  HIS A CD2 1 
ATOM   288  C  CE1 . HIS A 1 37  ? -2.992  -12.677 -3.804  1.00 15.45 ? 36  HIS A CE1 1 
ATOM   289  N  NE2 . HIS A 1 37  ? -2.718  -11.837 -2.826  1.00 16.41 ? 36  HIS A NE2 1 
ATOM   290  N  N   . PRO A 1 38  ? 3.375   -14.861 -4.322  1.00 11.23 ? 37  PRO A N   1 
ATOM   291  C  CA  . PRO A 1 38  ? 4.801   -14.927 -4.645  1.00 12.13 ? 37  PRO A CA  1 
ATOM   292  C  C   . PRO A 1 38  ? 5.260   -14.287 -6.000  1.00 11.11 ? 37  PRO A C   1 
ATOM   293  O  O   . PRO A 1 38  ? 6.422   -13.893 -6.138  1.00 9.91  ? 37  PRO A O   1 
ATOM   294  C  CB  . PRO A 1 38  ? 5.142   -16.426 -4.464  1.00 12.03 ? 37  PRO A CB  1 
ATOM   295  C  CG  . PRO A 1 38  ? 4.009   -16.993 -3.646  1.00 11.61 ? 37  PRO A CG  1 
ATOM   296  C  CD  . PRO A 1 38  ? 2.807   -16.197 -4.025  1.00 11.54 ? 37  PRO A CD  1 
ATOM   297  N  N   . GLU A 1 39  ? 4.368   -14.167 -6.977  1.00 10.43 ? 38  GLU A N   1 
ATOM   298  C  CA  . GLU A 1 39  ? 4.682   -13.479 -8.225  1.00 10.69 ? 38  GLU A CA  1 
ATOM   299  C  C   . GLU A 1 39  ? 5.130   -12.010 -7.990  1.00 11.10 ? 38  GLU A C   1 
ATOM   300  O  O   . GLU A 1 39  ? 5.805   -11.471 -8.831  1.00 12.94 ? 38  GLU A O   1 
ATOM   301  C  CB  . GLU A 1 39  ? 3.468   -13.536 -9.157  1.00 11.29 ? 38  GLU A CB  1 
ATOM   302  C  CG  . GLU A 1 39  ? 2.225   -12.779 -8.702  1.00 10.97 ? 38  GLU A CG  1 
ATOM   303  C  CD  . GLU A 1 39  ? 1.224   -13.555 -7.893  1.00 10.67 ? 38  GLU A CD  1 
ATOM   304  O  OE1 . GLU A 1 39  ? 1.635   -14.337 -7.041  1.00 9.58  ? 38  GLU A OE1 1 
ATOM   305  O  OE2 . GLU A 1 39  ? 0.027   -13.324 -8.112  1.00 11.69 ? 38  GLU A OE2 1 
ATOM   306  N  N   . THR A 1 40  ? 4.629   -11.382 -6.930  1.00 9.95  ? 39  THR A N   1 
ATOM   307  C  CA  . THR A 1 40  ? 4.896   -9.994  -6.661  1.00 9.88  ? 39  THR A CA  1 
ATOM   308  C  C   . THR A 1 40  ? 6.366   -9.828  -6.284  1.00 10.91 ? 39  THR A C   1 
ATOM   309  O  O   . THR A 1 40  ? 6.976   -8.803  -6.615  1.00 10.46 ? 39  THR A O   1 
ATOM   310  C  CB  . THR A 1 40  ? 3.986   -9.425  -5.536  1.00 8.87  ? 39  THR A CB  1 
ATOM   311  O  OG1 . THR A 1 40  ? 4.215   -10.078 -4.285  1.00 8.10  ? 39  THR A OG1 1 
ATOM   312  C  CG2 . THR A 1 40  ? 2.535   -9.473  -5.948  1.00 8.68  ? 39  THR A CG2 1 
ATOM   313  N  N   . LEU A 1 41  ? 6.920   -10.789 -5.547  1.00 11.56 ? 40  LEU A N   1 
ATOM   314  C  CA  . LEU A 1 41  ? 8.312   -10.637 -5.097  1.00 12.07 ? 40  LEU A CA  1 
ATOM   315  C  C   . LEU A 1 41  ? 9.225   -10.627 -6.318  1.00 13.16 ? 40  LEU A C   1 
ATOM   316  O  O   . LEU A 1 41  ? 10.266  -9.944  -6.364  1.00 14.10 ? 40  LEU A O   1 
ATOM   317  C  CB  . LEU A 1 41  ? 8.671   -11.772 -4.167  1.00 11.03 ? 40  LEU A CB  1 
ATOM   318  C  CG  . LEU A 1 41  ? 10.132  -11.907 -3.708  1.00 11.46 ? 40  LEU A CG  1 
ATOM   319  C  CD1 . LEU A 1 41  ? 10.565  -10.605 -3.072  1.00 11.78 ? 40  LEU A CD1 1 
ATOM   320  C  CD2 . LEU A 1 41  ? 10.324  -13.090 -2.767  1.00 13.03 ? 40  LEU A CD2 1 
ATOM   321  N  N   . GLU A 1 42  ? 8.823   -11.358 -7.351  1.00 14.78 ? 41  GLU A N   1 
ATOM   322  C  CA  . GLU A 1 42  ? 9.611   -11.448 -8.561  1.00 16.80 ? 41  GLU A CA  1 
ATOM   323  C  C   . GLU A 1 42  ? 9.795   -10.142 -9.302  1.00 16.27 ? 41  GLU A C   1 
ATOM   324  O  O   . GLU A 1 42  ? 10.773  -9.948  -10.046 1.00 16.58 ? 41  GLU A O   1 
ATOM   325  C  CB  . GLU A 1 42  ? 9.108   -12.575 -9.448  1.00 19.62 ? 41  GLU A CB  1 
ATOM   326  C  CG  . GLU A 1 42  ? 9.235   -13.867 -8.718  1.00 22.98 ? 41  GLU A CG  1 
ATOM   327  C  CD  . GLU A 1 42  ? 10.667  -14.174 -8.215  1.00 25.31 ? 41  GLU A CD  1 
ATOM   328  O  OE1 . GLU A 1 42  ? 11.513  -14.206 -9.106  1.00 26.44 ? 41  GLU A OE1 1 
ATOM   329  O  OE2 . GLU A 1 42  ? 10.912  -14.309 -6.960  1.00 26.24 ? 41  GLU A OE2 1 
ATOM   330  N  N   . LYS A 1 43  ? 8.935   -9.168  -8.987  1.00 13.78 ? 42  LYS A N   1 
ATOM   331  C  CA  . LYS A 1 43  ? 9.040   -7.876  -9.596  1.00 14.24 ? 42  LYS A CA  1 
ATOM   332  C  C   . LYS A 1 43  ? 10.124  -6.999  -8.966  1.00 13.69 ? 42  LYS A C   1 
ATOM   333  O  O   . LYS A 1 43  ? 10.477  -5.952  -9.500  1.00 14.85 ? 42  LYS A O   1 
ATOM   334  C  CB  . LYS A 1 43  ? 7.668   -7.160  -9.557  1.00 15.10 ? 42  LYS A CB  1 
ATOM   335  C  CG  . LYS A 1 43  ? 6.604   -7.834  -10.426 1.00 15.53 ? 42  LYS A CG  1 
ATOM   336  C  CD  . LYS A 1 43  ? 6.881   -7.498  -11.882 1.00 16.50 ? 42  LYS A CD  1 
ATOM   337  C  CE  . LYS A 1 43  ? 5.868   -8.129  -12.823 1.00 19.12 ? 42  LYS A CE  1 
ATOM   338  N  NZ  . LYS A 1 43  ? 6.004   -7.633  -14.252 1.00 19.25 ? 42  LYS A NZ  1 
ATOM   339  N  N   . PHE A 1 44  ? 10.689  -7.437  -7.849  1.00 11.22 ? 43  PHE A N   1 
ATOM   340  C  CA  . PHE A 1 44  ? 11.679  -6.663  -7.099  1.00 11.25 ? 43  PHE A CA  1 
ATOM   341  C  C   . PHE A 1 44  ? 13.013  -7.380  -7.234  1.00 12.37 ? 43  PHE A C   1 
ATOM   342  O  O   . PHE A 1 44  ? 13.300  -8.283  -6.467  1.00 12.49 ? 43  PHE A O   1 
ATOM   343  C  CB  . PHE A 1 44  ? 11.341  -6.608  -5.635  1.00 10.53 ? 43  PHE A CB  1 
ATOM   344  C  CG  . PHE A 1 44  ? 10.150  -5.736  -5.264  1.00 10.35 ? 43  PHE A CG  1 
ATOM   345  C  CD1 . PHE A 1 44  ? 8.877   -6.256  -5.206  1.00 11.33 ? 43  PHE A CD1 1 
ATOM   346  C  CD2 . PHE A 1 44  ? 10.351  -4.420  -4.811  1.00 10.24 ? 43  PHE A CD2 1 
ATOM   347  C  CE1 . PHE A 1 44  ? 7.797   -5.472  -4.714  1.00 10.54 ? 43  PHE A CE1 1 
ATOM   348  C  CE2 . PHE A 1 44  ? 9.307   -3.666  -4.329  1.00 9.96  ? 43  PHE A CE2 1 
ATOM   349  C  CZ  . PHE A 1 44  ? 8.033   -4.181  -4.291  1.00 9.65  ? 43  PHE A CZ  1 
ATOM   350  N  N   . ASP A 1 45  ? 13.833  -6.957  -8.191  1.00 14.28 ? 44  ASP A N   1 
ATOM   351  C  CA  . ASP A 1 45  ? 15.235  -7.383  -8.261  1.00 16.00 ? 44  ASP A CA  1 
ATOM   352  C  C   . ASP A 1 45  ? 15.963  -7.084  -6.978  1.00 14.48 ? 44  ASP A C   1 
ATOM   353  O  O   . ASP A 1 45  ? 16.829  -7.818  -6.563  1.00 13.98 ? 44  ASP A O   1 
ATOM   354  C  CB  . ASP A 1 45  ? 15.962  -6.743  -9.435  1.00 21.36 ? 44  ASP A CB  1 
ATOM   355  C  CG  . ASP A 1 45  ? 15.377  -7.172  -10.783 1.00 26.33 ? 44  ASP A CG  1 
ATOM   356  O  OD1 . ASP A 1 45  ? 14.803  -8.283  -10.924 1.00 24.93 ? 44  ASP A OD1 1 
ATOM   357  O  OD2 . ASP A 1 45  ? 15.494  -6.355  -11.707 1.00 37.48 ? 44  ASP A OD2 1 
ATOM   358  N  N   . ARG A 1 46  ? 15.514  -6.083  -6.268  1.00 13.55 ? 45  ARG A N   1 
ATOM   359  C  CA  . ARG A 1 46  ? 16.064  -5.725  -4.972  1.00 12.23 ? 45  ARG A CA  1 
ATOM   360  C  C   . ARG A 1 46  ? 15.797  -6.748  -3.849  1.00 12.09 ? 45  ARG A C   1 
ATOM   361  O  O   . ARG A 1 46  ? 16.529  -6.765  -2.861  1.00 11.92 ? 45  ARG A O   1 
ATOM   362  C  CB  . ARG A 1 46  ? 15.490  -4.356  -4.604  1.00 12.26 ? 45  ARG A CB  1 
ATOM   363  C  CG  . ARG A 1 46  ? 16.003  -3.717  -3.337  1.00 12.42 ? 45  ARG A CG  1 
ATOM   364  C  CD  . ARG A 1 46  ? 15.452  -2.315  -3.198  1.00 12.17 ? 45  ARG A CD  1 
ATOM   365  N  NE  . ARG A 1 46  ? 15.727  -1.704  -1.910  1.00 11.85 ? 45  ARG A NE  1 
ATOM   366  C  CZ  . ARG A 1 46  ? 15.310  -0.484  -1.565  1.00 14.11 ? 45  ARG A CZ  1 
ATOM   367  N  NH1 . ARG A 1 46  ? 14.656  0.306   -2.421  1.00 15.58 ? 45  ARG A NH1 1 
ATOM   368  N  NH2 . ARG A 1 46  ? 15.545  -0.036  -0.368  1.00 13.94 ? 45  ARG A NH2 1 
ATOM   369  N  N   . PHE A 1 47  ? 14.728  -7.553  -3.960  1.00 10.76 ? 46  PHE A N   1 
ATOM   370  C  CA  . PHE A 1 47  ? 14.310  -8.390  -2.884  1.00 10.98 ? 46  PHE A CA  1 
ATOM   371  C  C   . PHE A 1 47  ? 14.158  -9.850  -3.273  1.00 10.45 ? 46  PHE A C   1 
ATOM   372  O  O   . PHE A 1 47  ? 13.971  -10.698 -2.385  1.00 10.40 ? 46  PHE A O   1 
ATOM   373  C  CB  . PHE A 1 47  ? 13.008  -7.877  -2.250  1.00 11.89 ? 46  PHE A CB  1 
ATOM   374  C  CG  . PHE A 1 47  ? 13.160  -6.501  -1.641  1.00 11.63 ? 46  PHE A CG  1 
ATOM   375  C  CD1 . PHE A 1 47  ? 14.105  -6.309  -0.642  1.00 11.41 ? 46  PHE A CD1 1 
ATOM   376  C  CD2 . PHE A 1 47  ? 12.380  -5.419  -2.062  1.00 13.04 ? 46  PHE A CD2 1 
ATOM   377  C  CE1 . PHE A 1 47  ? 14.274  -5.064  -0.020  1.00 12.11 ? 46  PHE A CE1 1 
ATOM   378  C  CE2 . PHE A 1 47  ? 12.550  -4.148  -1.473  1.00 13.57 ? 46  PHE A CE2 1 
ATOM   379  C  CZ  . PHE A 1 47  ? 13.508  -3.970  -0.506  1.00 12.21 ? 46  PHE A CZ  1 
ATOM   380  N  N   . LYS A 1 48  ? 14.300  -10.180 -4.528  1.00 12.05 ? 47  LYS A N   1 
ATOM   381  C  CA  . LYS A 1 48  ? 13.903  -11.534 -4.905  1.00 13.78 ? 47  LYS A CA  1 
ATOM   382  C  C   . LYS A 1 48  ? 14.881  -12.634 -4.403  1.00 13.76 ? 47  LYS A C   1 
ATOM   383  O  O   . LYS A 1 48  ? 14.579  -13.834 -4.496  1.00 19.17 ? 47  LYS A O   1 
ATOM   384  C  CB  . LYS A 1 48  ? 13.560  -11.622 -6.385  1.00 16.38 ? 47  LYS A CB  1 
ATOM   385  C  CG  . LYS A 1 48  ? 14.727  -11.500 -7.317  1.00 20.11 ? 47  LYS A CG  1 
ATOM   386  C  CD  . LYS A 1 48  ? 14.241  -11.365 -8.753  1.00 22.67 ? 47  LYS A CD  1 
ATOM   387  C  CE  . LYS A 1 48  ? 15.453  -11.459 -9.669  1.00 27.15 ? 47  LYS A CE  1 
ATOM   388  N  NZ  . LYS A 1 48  ? 15.130  -11.030 -11.068 1.00 32.56 ? 47  LYS A NZ  1 
ATOM   389  N  N   . HIS A 1 49  ? 16.030  -12.239 -3.833  1.00 13.98 ? 48  HIS A N   1 
ATOM   390  C  CA  . HIS A 1 49  ? 16.949  -13.178 -3.099  1.00 14.47 ? 48  HIS A CA  1 
ATOM   391  C  C   . HIS A 1 49  ? 16.319  -13.707 -1.820  1.00 14.51 ? 48  HIS A C   1 
ATOM   392  O  O   . HIS A 1 49  ? 16.791  -14.752 -1.275  1.00 16.01 ? 48  HIS A O   1 
ATOM   393  C  CB  . HIS A 1 49  ? 18.293  -12.556 -2.736  1.00 15.57 ? 48  HIS A CB  1 
ATOM   394  C  CG  . HIS A 1 49  ? 18.186  -11.451 -1.723  1.00 14.74 ? 48  HIS A CG  1 
ATOM   395  N  ND1 . HIS A 1 49  ? 17.703  -10.204 -2.049  1.00 15.92 ? 48  HIS A ND1 1 
ATOM   396  C  CD2 . HIS A 1 49  ? 18.464  -11.414 -0.397  1.00 13.97 ? 48  HIS A CD2 1 
ATOM   397  C  CE1 . HIS A 1 49  ? 17.681  -9.450  -0.973  1.00 16.22 ? 48  HIS A CE1 1 
ATOM   398  N  NE2 . HIS A 1 49  ? 18.167  -10.151 0.035   1.00 14.24 ? 48  HIS A NE2 1 
ATOM   399  N  N   . LEU A 1 50  ? 15.309  -13.033 -1.300  1.00 12.57 ? 49  LEU A N   1 
ATOM   400  C  CA  . LEU A 1 50  ? 14.681  -13.444 -0.036  1.00 14.11 ? 49  LEU A CA  1 
ATOM   401  C  C   . LEU A 1 50  ? 13.846  -14.695 -0.355  1.00 17.67 ? 49  LEU A C   1 
ATOM   402  O  O   . LEU A 1 50  ? 13.135  -14.761 -1.365  1.00 22.51 ? 49  LEU A O   1 
ATOM   403  C  CB  . LEU A 1 50  ? 13.833  -12.367 0.580   1.00 13.11 ? 49  LEU A CB  1 
ATOM   404  C  CG  . LEU A 1 50  ? 14.651  -11.084 0.875   1.00 12.89 ? 49  LEU A CG  1 
ATOM   405  C  CD1 . LEU A 1 50  ? 13.758  -9.855  1.116   1.00 14.11 ? 49  LEU A CD1 1 
ATOM   406  C  CD2 . LEU A 1 50  ? 15.634  -11.241 2.014   1.00 13.42 ? 49  LEU A CD2 1 
ATOM   407  N  N   . LYS A 1 51  ? 14.071  -15.723 0.426   1.00 17.96 ? 50  LYS A N   1 
ATOM   408  C  CA  . LYS A 1 51  ? 13.310  -16.951 0.176   1.00 21.76 ? 50  LYS A CA  1 
ATOM   409  C  C   . LYS A 1 51  ? 12.254  -17.168 1.283   1.00 20.79 ? 50  LYS A C   1 
ATOM   410  O  O   . LYS A 1 51  ? 11.029  -17.373 1.013   1.00 26.99 ? 50  LYS A O   1 
ATOM   411  C  CB  . LYS A 1 51  ? 14.281  -18.106 0.035   1.00 23.62 ? 50  LYS A CB  1 
ATOM   412  C  CG  . LYS A 1 51  ? 15.120  -17.960 -1.243  1.00 29.69 ? 50  LYS A CG  1 
ATOM   413  C  CD  . LYS A 1 51  ? 16.363  -18.833 -1.212  1.00 34.68 ? 50  LYS A CD  1 
ATOM   414  C  CE  . LYS A 1 51  ? 17.442  -18.373 -2.180  1.00 37.21 ? 50  LYS A CE  1 
ATOM   415  N  NZ  . LYS A 1 51  ? 18.519  -19.415 -2.272  1.00 41.87 ? 50  LYS A NZ  1 
ATOM   416  N  N   . THR A 1 52  ? 12.687  -17.078 2.505   1.00 14.78 ? 51  THR A N   1 
ATOM   417  C  CA  . THR A 1 52  ? 11.867  -17.407 3.640   1.00 12.76 ? 51  THR A CA  1 
ATOM   418  C  C   . THR A 1 52  ? 11.374  -16.151 4.334   1.00 12.46 ? 51  THR A C   1 
ATOM   419  O  O   . THR A 1 52  ? 11.958  -15.031 4.176   1.00 11.14 ? 51  THR A O   1 
ATOM   420  C  CB  . THR A 1 52  ? 12.650  -18.215 4.709   1.00 12.68 ? 51  THR A CB  1 
ATOM   421  O  OG1 . THR A 1 52  ? 13.643  -17.366 5.327   1.00 11.17 ? 51  THR A OG1 1 
ATOM   422  C  CG2 . THR A 1 52  ? 13.333  -19.330 4.067   1.00 12.38 ? 51  THR A CG2 1 
ATOM   423  N  N   . GLU A 1 53  ? 10.233  -16.318 5.031   1.00 11.00 ? 52  GLU A N   1 
ATOM   424  C  CA  . GLU A 1 53  ? 9.710   -15.232 5.842   1.00 11.92 ? 52  GLU A CA  1 
ATOM   425  C  C   . GLU A 1 53  ? 10.759  -14.752 6.861   1.00 11.28 ? 52  GLU A C   1 
ATOM   426  O  O   . GLU A 1 53  ? 10.851  -13.542 7.112   1.00 9.81  ? 52  GLU A O   1 
ATOM   427  C  CB  . GLU A 1 53  ? 8.361   -15.594 6.446   1.00 13.82 ? 52  GLU A CB  1 
ATOM   428  C  CG  . GLU A 1 53  ? 7.816   -14.466 7.313   1.00 15.58 ? 52  GLU A CG  1 
ATOM   429  C  CD  . GLU A 1 53  ? 6.457   -14.677 7.872   1.00 18.84 ? 52  GLU A CD  1 
ATOM   430  O  OE1 . GLU A 1 53  ? 5.787   -15.695 7.511   1.00 18.93 ? 52  GLU A OE1 1 
ATOM   431  O  OE2 . GLU A 1 53  ? 6.093   -13.829 8.744   1.00 18.80 ? 52  GLU A OE2 1 
ATOM   432  N  N   . ALA A 1 54  ? 11.563  -15.666 7.455   1.00 9.67  ? 53  ALA A N   1 
ATOM   433  C  CA  . ALA A 1 54  ? 12.589  -15.237 8.393   1.00 10.09 ? 53  ALA A CA  1 
ATOM   434  C  C   . ALA A 1 54  ? 13.574  -14.298 7.729   1.00 10.38 ? 53  ALA A C   1 
ATOM   435  O  O   . ALA A 1 54  ? 14.018  -13.317 8.329   1.00 10.30 ? 53  ALA A O   1 
ATOM   436  C  CB  . ALA A 1 54  ? 13.338  -16.418 8.977   1.00 11.34 ? 53  ALA A CB  1 
ATOM   437  N  N   . GLU A 1 55  ? 13.972  -14.623 6.494   1.00 9.68  ? 54  GLU A N   1 
ATOM   438  C  CA  . GLU A 1 55  ? 14.910  -13.773 5.757   1.00 10.71 ? 54  GLU A CA  1 
ATOM   439  C  C   . GLU A 1 55  ? 14.270  -12.425 5.503   1.00 10.42 ? 54  GLU A C   1 
ATOM   440  O  O   . GLU A 1 55  ? 14.933  -11.397 5.567   1.00 11.05 ? 54  GLU A O   1 
ATOM   441  C  CB  . GLU A 1 55  ? 15.339  -14.428 4.428   1.00 11.84 ? 54  GLU A CB  1 
ATOM   442  C  CG  . GLU A 1 55  ? 16.313  -15.580 4.675   1.00 13.69 ? 54  GLU A CG  1 
ATOM   443  C  CD  . GLU A 1 55  ? 16.529  -16.447 3.480   1.00 17.01 ? 54  GLU A CD  1 
ATOM   444  O  OE1 . GLU A 1 55  ? 15.786  -16.348 2.512   1.00 16.78 ? 54  GLU A OE1 1 
ATOM   445  O  OE2 . GLU A 1 55  ? 17.445  -17.339 3.575   1.00 19.61 ? 54  GLU A OE2 1 
ATOM   446  N  N   . MET A 1 56  ? 13.000  -12.421 5.182   1.00 10.02 ? 55  MET A N   1 
ATOM   447  C  CA  . MET A 1 56  ? 12.330  -11.166 4.885   1.00 10.19 ? 55  MET A CA  1 
ATOM   448  C  C   . MET A 1 56  ? 12.251  -10.323 6.110   1.00 9.46  ? 55  MET A C   1 
ATOM   449  O  O   . MET A 1 56  ? 12.476  -9.118  6.108   1.00 9.02  ? 55  MET A O   1 
ATOM   450  C  CB  . MET A 1 56  ? 10.903  -11.414 4.382   1.00 10.99 ? 55  MET A CB  1 
ATOM   451  C  CG  . MET A 1 56  ? 10.857  -12.150 3.041   1.00 12.31 ? 55  MET A CG  1 
ATOM   452  S  SD  . MET A 1 56  ? 9.149   -12.510 2.573   1.00 13.41 ? 55  MET A SD  1 
ATOM   453  C  CE  . MET A 1 56  ? 9.560   -13.366 1.030   1.00 14.42 ? 55  MET A CE  1 
ATOM   454  N  N   . LYS A 1 57  ? 11.876  -10.971 7.219   1.00 10.16 ? 56  LYS A N   1 
ATOM   455  C  CA  . LYS A 1 57  ? 11.748  -10.203 8.486   1.00 12.77 ? 56  LYS A CA  1 
ATOM   456  C  C   . LYS A 1 57  ? 13.087  -9.619  8.940   1.00 11.74 ? 56  LYS A C   1 
ATOM   457  O  O   . LYS A 1 57  ? 13.142  -8.527  9.584   1.00 13.04 ? 56  LYS A O   1 
ATOM   458  C  CB  . LYS A 1 57  ? 11.284  -11.126 9.593   1.00 14.75 ? 56  LYS A CB  1 
ATOM   459  C  CG  . LYS A 1 57  ? 9.837   -11.396 9.545   1.00 20.60 ? 56  LYS A CG  1 
ATOM   460  C  CD  . LYS A 1 57  ? 9.018   -10.271 10.164  1.00 23.67 ? 56  LYS A CD  1 
ATOM   461  C  CE  . LYS A 1 57  ? 7.837   -10.962 10.828  1.00 28.89 ? 56  LYS A CE  1 
ATOM   462  N  NZ  . LYS A 1 57  ? 7.058   -11.754 9.842   1.00 24.44 ? 56  LYS A NZ  1 
ATOM   463  N  N   . ALA A 1 58  ? 14.156  -10.339 8.661   1.00 12.23 ? 57  ALA A N   1 
ATOM   464  C  CA  . ALA A 1 58  ? 15.542  -9.888  8.978   1.00 12.08 ? 57  ALA A CA  1 
ATOM   465  C  C   . ALA A 1 58  ? 16.141  -8.869  8.060   1.00 13.24 ? 57  ALA A C   1 
ATOM   466  O  O   . ALA A 1 58  ? 17.216  -8.316  8.381   1.00 14.19 ? 57  ALA A O   1 
ATOM   467  C  CB  . ALA A 1 58  ? 16.486  -11.066 9.083   1.00 13.54 ? 57  ALA A CB  1 
ATOM   468  N  N   . SER A 1 59  ? 15.468  -8.595  6.949   1.00 11.06 ? 58  SER A N   1 
ATOM   469  C  CA  . SER A 1 59  ? 15.998  -7.674  5.941   1.00 11.11 ? 58  SER A CA  1 
ATOM   470  C  C   . SER A 1 59  ? 15.772  -6.238  6.364   1.00 12.12 ? 58  SER A C   1 
ATOM   471  O  O   . SER A 1 59  ? 14.645  -5.732  6.382   1.00 10.81 ? 58  SER A O   1 
ATOM   472  C  CB  . SER A 1 59  ? 15.415  -7.916  4.573   1.00 10.52 ? 58  SER A CB  1 
ATOM   473  O  OG  . SER A 1 59  ? 15.860  -6.925  3.681   1.00 9.87  ? 58  SER A OG  1 
ATOM   474  N  N   . GLU A 1 60  ? 16.832  -5.552  6.729   1.00 10.29 ? 59  GLU A N   1 
ATOM   475  C  CA  . GLU A 1 60  ? 16.654  -4.152  7.103   1.00 11.27 ? 59  GLU A CA  1 
ATOM   476  C  C   . GLU A 1 60  ? 16.333  -3.313  5.881   1.00 10.39 ? 59  GLU A C   1 
ATOM   477  O  O   . GLU A 1 60  ? 15.701  -2.245  6.027   1.00 10.85 ? 59  GLU A O   1 
ATOM   478  C  CB  . GLU A 1 60  ? 17.914  -3.649  7.772   1.00 12.48 ? 59  GLU A CB  1 
ATOM   479  C  CG  . GLU A 1 60  ? 18.238  -4.432  9.070   1.00 13.54 ? 59  GLU A CG  1 
ATOM   480  C  CD  . GLU A 1 60  ? 17.185  -4.214  10.148  1.00 15.87 ? 59  GLU A CD  1 
ATOM   481  O  OE1 . GLU A 1 60  ? 16.585  -3.092  10.206  1.00 16.19 ? 59  GLU A OE1 1 
ATOM   482  O  OE2 . GLU A 1 60  ? 17.037  -5.176  10.976  1.00 22.32 ? 59  GLU A OE2 1 
ATOM   483  N  N   . ASP A 1 61  ? 16.860  -3.714  4.720   1.00 9.27  ? 60  ASP A N   1 
ATOM   484  C  CA  . ASP A 1 61  ? 16.586  -2.994  3.462   1.00 9.56  ? 60  ASP A CA  1 
ATOM   485  C  C   . ASP A 1 61  ? 15.100  -3.049  3.098   1.00 8.80  ? 60  ASP A C   1 
ATOM   486  O  O   . ASP A 1 61  ? 14.535  -2.123  2.531   1.00 8.88  ? 60  ASP A O   1 
ATOM   487  C  CB  . ASP A 1 61  ? 17.409  -3.528  2.313   1.00 9.73  ? 60  ASP A CB  1 
ATOM   488  C  CG  . ASP A 1 61  ? 17.418  -2.553  1.132   1.00 10.06 ? 60  ASP A CG  1 
ATOM   489  O  OD1 . ASP A 1 61  ? 17.646  -1.336  1.268   1.00 10.47 ? 60  ASP A OD1 1 
ATOM   490  O  OD2 . ASP A 1 61  ? 17.228  -3.023  0.003   1.00 12.78 ? 60  ASP A OD2 1 
ATOM   491  N  N   . LEU A 1 62  ? 14.474  -4.221  3.356   1.00 9.37  ? 61  LEU A N   1 
ATOM   492  C  CA  . LEU A 1 62  ? 13.027  -4.367  3.175   1.00 9.38  ? 61  LEU A CA  1 
ATOM   493  C  C   . LEU A 1 62  ? 12.254  -3.420  4.046   1.00 9.80  ? 61  LEU A C   1 
ATOM   494  O  O   . LEU A 1 62  ? 11.282  -2.742  3.602   1.00 11.48 ? 61  LEU A O   1 
ATOM   495  C  CB  . LEU A 1 62  ? 12.588  -5.829  3.412   1.00 9.71  ? 61  LEU A CB  1 
ATOM   496  C  CG  . LEU A 1 62  ? 11.134  -6.127  2.986   1.00 9.77  ? 61  LEU A CG  1 
ATOM   497  C  CD1 . LEU A 1 62  ? 10.867  -5.736  1.480   1.00 10.35 ? 61  LEU A CD1 1 
ATOM   498  C  CD2 . LEU A 1 62  ? 10.807  -7.574  3.328   1.00 10.72 ? 61  LEU A CD2 1 
ATOM   499  N  N   . LYS A 1 63  ? 12.624  -3.334  5.281   1.00 11.48 ? 62  LYS A N   1 
ATOM   500  C  CA  . LYS A 1 63  ? 12.018  -2.329  6.171   1.00 12.76 ? 62  LYS A CA  1 
ATOM   501  C  C   . LYS A 1 63  ? 12.203  -0.900  5.634   1.00 11.74 ? 62  LYS A C   1 
ATOM   502  O  O   . LYS A 1 63  ? 11.279  -0.111  5.617   1.00 12.07 ? 62  LYS A O   1 
ATOM   503  C  CB  . LYS A 1 63  ? 12.603  -2.573  7.545   1.00 18.33 ? 62  LYS A CB  1 
ATOM   504  C  CG  . LYS A 1 63  ? 12.145  -1.674  8.634   1.00 22.78 ? 62  LYS A CG  1 
ATOM   505  C  CD  . LYS A 1 63  ? 12.752  -2.220  9.932   1.00 25.54 ? 62  LYS A CD  1 
ATOM   506  C  CE  . LYS A 1 63  ? 11.759  -3.186  10.546  1.00 26.74 ? 62  LYS A CE  1 
ATOM   507  N  NZ  . LYS A 1 63  ? 12.463  -4.059  11.525  1.00 31.35 ? 62  LYS A NZ  1 
ATOM   508  N  N   . LYS A 1 64  ? 13.394  -0.559  5.167   1.00 10.74 ? 63  LYS A N   1 
ATOM   509  C  CA  . LYS A 1 64  ? 13.667  0.747   4.477   1.00 10.40 ? 63  LYS A CA  1 
ATOM   510  C  C   . LYS A 1 64  ? 12.716  1.047   3.325   1.00 10.70 ? 63  LYS A C   1 
ATOM   511  O  O   . LYS A 1 64  ? 12.078  2.096   3.303   1.00 10.31 ? 63  LYS A O   1 
ATOM   512  C  CB  . LYS A 1 64  ? 15.125  0.765   4.011   1.00 11.90 ? 63  LYS A CB  1 
ATOM   513  C  CG  . LYS A 1 64  ? 15.602  2.132   3.489   1.00 12.76 ? 63  LYS A CG  1 
ATOM   514  C  CD  . LYS A 1 64  ? 16.914  1.970   2.715   1.00 14.62 ? 63  LYS A CD  1 
ATOM   515  C  CE  . LYS A 1 64  ? 17.413  3.342   2.199   1.00 15.91 ? 63  LYS A CE  1 
ATOM   516  N  NZ  . LYS A 1 64  ? 18.729  3.125   1.530   1.00 17.72 ? 63  LYS A NZ  1 
ATOM   517  N  N   . HIS A 1 65  ? 12.577  0.104   2.397   1.00 11.24 ? 64  HIS A N   1 
ATOM   518  C  CA  . HIS A 1 65  ? 11.612  0.283   1.339   1.00 10.30 ? 64  HIS A CA  1 
ATOM   519  C  C   . HIS A 1 65  ? 10.171  0.355   1.852   1.00 10.63 ? 64  HIS A C   1 
ATOM   520  O  O   . HIS A 1 65  ? 9.373   1.146   1.342   1.00 10.87 ? 64  HIS A O   1 
ATOM   521  C  CB  . HIS A 1 65  ? 11.766  -0.799  0.283   1.00 11.54 ? 64  HIS A CB  1 
ATOM   522  C  CG  . HIS A 1 65  ? 10.986  -0.506  -0.945  1.00 10.68 ? 64  HIS A CG  1 
ATOM   523  N  ND1 . HIS A 1 65  ? 11.175  0.658   -1.658  1.00 11.69 ? 64  HIS A ND1 1 
ATOM   524  C  CD2 . HIS A 1 65  ? 9.905   -1.107  -1.493  1.00 11.56 ? 64  HIS A CD2 1 
ATOM   525  C  CE1 . HIS A 1 65  ? 10.271  0.738   -2.616  1.00 11.41 ? 64  HIS A CE1 1 
ATOM   526  N  NE2 . HIS A 1 65  ? 9.486   -0.323  -2.531  1.00 11.42 ? 64  HIS A NE2 1 
ATOM   527  N  N   . GLY A 1 66  ? 9.855   -0.372  2.941   1.00 9.39  ? 65  GLY A N   1 
ATOM   528  C  CA  . GLY A 1 66  ? 8.564   -0.276  3.563   1.00 9.91  ? 65  GLY A CA  1 
ATOM   529  C  C   . GLY A 1 66  ? 8.233   1.132   4.038   1.00 11.01 ? 65  GLY A C   1 
ATOM   530  O  O   . GLY A 1 66  ? 7.138   1.699   3.753   1.00 9.43  ? 65  GLY A O   1 
ATOM   531  N  N   . VAL A 1 67  ? 9.235   1.783   4.611   1.00 10.92 ? 66  VAL A N   1 
ATOM   532  C  CA  . VAL A 1 67  ? 9.087   3.194   4.958   1.00 11.92 ? 66  VAL A CA  1 
ATOM   533  C  C   . VAL A 1 67  ? 8.850   4.077   3.710   1.00 12.32 ? 66  VAL A C   1 
ATOM   534  O  O   . VAL A 1 67  ? 7.953   4.946   3.729   1.00 13.09 ? 66  VAL A O   1 
ATOM   535  C  CB  . VAL A 1 67  ? 10.322  3.645   5.724   1.00 13.42 ? 66  VAL A CB  1 
ATOM   536  C  CG1 . VAL A 1 67  ? 10.406  5.179   5.791   1.00 14.37 ? 66  VAL A CG1 1 
ATOM   537  C  CG2 . VAL A 1 67  ? 10.272  2.942   7.065   1.00 13.90 ? 66  VAL A CG2 1 
ATOM   538  N  N   . THR A 1 68  ? 9.621   3.856   2.646   1.00 11.73 ? 67  THR A N   1 
ATOM   539  C  CA  . THR A 1 68  ? 9.466   4.614   1.392   1.00 12.51 ? 67  THR A CA  1 
ATOM   540  C  C   . THR A 1 68  ? 8.010   4.517   0.854   1.00 11.40 ? 67  THR A C   1 
ATOM   541  O  O   . THR A 1 68  ? 7.369   5.526   0.505   1.00 12.17 ? 67  THR A O   1 
ATOM   542  C  CB  . THR A 1 68  ? 10.502  4.166   0.334   1.00 14.06 ? 67  THR A CB  1 
ATOM   543  O  OG1 . THR A 1 68  ? 11.851  4.505   0.774   1.00 15.50 ? 67  THR A OG1 1 
ATOM   544  C  CG2 . THR A 1 68  ? 10.258  4.856   -0.978  1.00 14.78 ? 67  THR A CG2 1 
ATOM   545  N  N   . VAL A 1 69  ? 7.519   3.262   0.792   1.00 9.50  ? 68  VAL A N   1 
ATOM   546  C  CA  . VAL A 1 69  ? 6.219   2.999   0.235   1.00 9.74  ? 68  VAL A CA  1 
ATOM   547  C  C   . VAL A 1 69  ? 5.126   3.644   1.064   1.00 9.96  ? 68  VAL A C   1 
ATOM   548  O  O   . VAL A 1 69  ? 4.202   4.279   0.506   1.00 11.04 ? 68  VAL A O   1 
ATOM   549  C  CB  . VAL A 1 69  ? 5.990   1.468   0.082   1.00 9.99  ? 68  VAL A CB  1 
ATOM   550  C  CG1 . VAL A 1 69  ? 4.554   1.159   -0.282  1.00 10.87 ? 68  VAL A CG1 1 
ATOM   551  C  CG2 . VAL A 1 69  ? 6.968   0.877   -0.914  1.00 10.13 ? 68  VAL A CG2 1 
ATOM   552  N  N   . LEU A 1 70  ? 5.151   3.455   2.376   1.00 9.64  ? 69  LEU A N   1 
ATOM   553  C  CA  . LEU A 1 70  ? 4.046   3.935   3.227   1.00 10.93 ? 69  LEU A CA  1 
ATOM   554  C  C   . LEU A 1 70  ? 4.128   5.442   3.401   1.00 11.72 ? 69  LEU A C   1 
ATOM   555  O  O   . LEU A 1 70  ? 3.090   6.087   3.586   1.00 12.60 ? 69  LEU A O   1 
ATOM   556  C  CB  . LEU A 1 70  ? 4.044   3.242   4.582   1.00 11.24 ? 69  LEU A CB  1 
ATOM   557  C  CG  . LEU A 1 70  ? 3.745   1.748   4.595   1.00 11.36 ? 69  LEU A CG  1 
ATOM   558  C  CD1 . LEU A 1 70  ? 3.403   1.270   5.990   1.00 11.86 ? 69  LEU A CD1 1 
ATOM   559  C  CD2 . LEU A 1 70  ? 2.587   1.379   3.624   1.00 11.51 ? 69  LEU A CD2 1 
ATOM   560  N  N   . THR A 1 71  ? 5.329   6.005   3.280   1.00 12.92 ? 70  THR A N   1 
ATOM   561  C  CA  . THR A 1 71  ? 5.505   7.504   3.309   1.00 13.85 ? 70  THR A CA  1 
ATOM   562  C  C   . THR A 1 71  ? 4.759   8.075   2.127   1.00 13.34 ? 70  THR A C   1 
ATOM   563  O  O   . THR A 1 71  ? 4.019   9.061   2.267   1.00 12.48 ? 70  THR A O   1 
ATOM   564  C  CB  . THR A 1 71  ? 6.976   7.928   3.382   1.00 14.64 ? 70  THR A CB  1 
ATOM   565  O  OG1 . THR A 1 71  ? 7.522   7.428   4.596   1.00 14.96 ? 70  THR A OG1 1 
ATOM   566  C  CG2 . THR A 1 71  ? 7.101   9.416   3.419   1.00 16.30 ? 70  THR A CG2 1 
ATOM   567  N  N   . ALA A 1 72  ? 4.920   7.442   0.966   1.00 11.40 ? 71  ALA A N   1 
ATOM   568  C  CA  . ALA A 1 72  ? 4.226   7.899   -0.229  1.00 10.87 ? 71  ALA A CA  1 
ATOM   569  C  C   . ALA A 1 72  ? 2.727   7.742   -0.082  1.00 10.01 ? 71  ALA A C   1 
ATOM   570  O  O   . ALA A 1 72  ? 1.946   8.675   -0.374  1.00 9.02  ? 71  ALA A O   1 
ATOM   571  C  CB  . ALA A 1 72  ? 4.761   7.203   -1.456  1.00 11.00 ? 71  ALA A CB  1 
ATOM   572  N  N   . LEU A 1 73  ? 2.287   6.568   0.364   1.00 9.61  ? 72  LEU A N   1 
ATOM   573  C  CA  . LEU A 1 73  ? 0.834   6.339   0.533   1.00 9.58  ? 72  LEU A CA  1 
ATOM   574  C  C   . LEU A 1 73  ? 0.173   7.264   1.589   1.00 10.20 ? 72  LEU A C   1 
ATOM   575  O  O   . LEU A 1 73  ? -0.881  7.837   1.308   1.00 10.03 ? 72  LEU A O   1 
ATOM   576  C  CB  . LEU A 1 73  ? 0.553   4.882   0.923   1.00 10.18 ? 72  LEU A CB  1 
ATOM   577  C  CG  . LEU A 1 73  ? -0.928  4.456   1.014   1.00 10.56 ? 72  LEU A CG  1 
ATOM   578  C  CD1 . LEU A 1 73  ? -1.707  4.745   -0.271  1.00 10.22 ? 72  LEU A CD1 1 
ATOM   579  C  CD2 . LEU A 1 73  ? -1.063  2.980   1.320   1.00 10.99 ? 72  LEU A CD2 1 
ATOM   580  N  N   . GLY A 1 74  ? 0.852   7.488   2.717   1.00 9.76  ? 73  GLY A N   1 
ATOM   581  C  CA  . GLY A 1 74  ? 0.387   8.441   3.750   1.00 10.04 ? 73  GLY A CA  1 
ATOM   582  C  C   . GLY A 1 74  ? 0.213   9.815   3.171   1.00 10.00 ? 73  GLY A C   1 
ATOM   583  O  O   . GLY A 1 74  ? -0.861  10.448  3.427   1.00 9.46  ? 73  GLY A O   1 
ATOM   584  N  N   . ALA A 1 75  ? 1.192   10.286  2.403   1.00 9.67  ? 74  ALA A N   1 
ATOM   585  C  CA  . ALA A 1 75  ? 1.092   11.632  1.813   1.00 9.79  ? 74  ALA A CA  1 
ATOM   586  C  C   . ALA A 1 75  ? -0.137  11.700  0.883   1.00 9.41  ? 74  ALA A C   1 
ATOM   587  O  O   . ALA A 1 75  ? -0.930  12.691  0.919   1.00 10.24 ? 74  ALA A O   1 
ATOM   588  C  CB  . ALA A 1 75  ? 2.389   12.018  1.142   1.00 10.39 ? 74  ALA A CB  1 
ATOM   589  N  N   . ILE A 1 76  ? -0.300  10.665  0.030   1.00 8.84  ? 75  ILE A N   1 
ATOM   590  C  CA  . ILE A 1 76  ? -1.452  10.568  -0.848  1.00 9.33  ? 75  ILE A CA  1 
ATOM   591  C  C   . ILE A 1 76  ? -2.762  10.638  -0.062  1.00 8.98  ? 75  ILE A C   1 
ATOM   592  O  O   . ILE A 1 76  ? -3.662  11.383  -0.402  1.00 8.45  ? 75  ILE A O   1 
ATOM   593  C  CB  . ILE A 1 76  ? -1.342  9.313   -1.738  1.00 9.36  ? 75  ILE A CB  1 
ATOM   594  C  CG1 . ILE A 1 76  ? -0.255  9.608   -2.776  1.00 10.18 ? 75  ILE A CG1 1 
ATOM   595  C  CG2 . ILE A 1 76  ? -2.671  8.975   -2.376  1.00 10.24 ? 75  ILE A CG2 1 
ATOM   596  C  CD1 . ILE A 1 76  ? 0.312   8.392   -3.390  1.00 11.29 ? 75  ILE A CD1 1 
ATOM   597  N  N   . LEU A 1 77  ? -2.904  9.811   0.981   1.00 9.27  ? 76  LEU A N   1 
ATOM   598  C  CA  . LEU A 1 77  ? -4.131  9.763   1.754   1.00 10.26 ? 76  LEU A CA  1 
ATOM   599  C  C   . LEU A 1 77  ? -4.481  11.118  2.399   1.00 10.18 ? 76  LEU A C   1 
ATOM   600  O  O   . LEU A 1 77  ? -5.672  11.513  2.382   1.00 10.59 ? 76  LEU A O   1 
ATOM   601  C  CB  . LEU A 1 77  ? -4.076  8.666   2.824   1.00 9.74  ? 76  LEU A CB  1 
ATOM   602  C  CG  . LEU A 1 77  ? -3.991  7.267   2.265   1.00 9.06  ? 76  LEU A CG  1 
ATOM   603  C  CD1 . LEU A 1 77  ? -3.722  6.318   3.381   1.00 8.41  ? 76  LEU A CD1 1 
ATOM   604  C  CD2 . LEU A 1 77  ? -5.265  6.895   1.580   1.00 9.51  ? 76  LEU A CD2 1 
ATOM   605  N  N   . LYS A 1 78  ? -3.447  11.867  2.818   1.00 10.77 ? 77  LYS A N   1 
ATOM   606  C  CA  . LYS A 1 78  ? -3.648  13.177  3.476   1.00 10.71 ? 77  LYS A CA  1 
ATOM   607  C  C   . LYS A 1 78  ? -4.090  14.219  2.485   1.00 12.05 ? 77  LYS A C   1 
ATOM   608  O  O   . LYS A 1 78  ? -4.611  15.252  2.904   1.00 13.32 ? 77  LYS A O   1 
ATOM   609  C  CB  . LYS A 1 78  ? -2.442  13.593  4.271   1.00 11.19 ? 77  LYS A CB  1 
ATOM   610  C  CG  . LYS A 1 78  ? -2.216  12.622  5.460   1.00 13.12 ? 77  LYS A CG  1 
ATOM   611  C  CD  . LYS A 1 78  ? -1.005  12.976  6.210   1.00 14.50 ? 77  LYS A CD  1 
ATOM   612  C  CE  . LYS A 1 78  ? -0.700  11.912  7.267   1.00 15.95 ? 77  LYS A CE  1 
ATOM   613  N  NZ  . LYS A 1 78  ? 0.497   12.315  8.028   1.00 16.94 ? 77  LYS A NZ  1 
ATOM   614  N  N   . LYS A 1 79  ? -3.964  13.936  1.185   1.00 11.33 ? 78  LYS A N   1 
ATOM   615  C  CA  . LYS A 1 79  ? -4.512  14.776  0.127   1.00 11.40 ? 78  LYS A CA  1 
ATOM   616  C  C   . LYS A 1 79  ? -6.008  14.591  -0.038  1.00 10.63 ? 78  LYS A C   1 
ATOM   617  O  O   . LYS A 1 79  ? -6.667  15.403  -0.729  1.00 10.67 ? 78  LYS A O   1 
ATOM   618  C  CB  . LYS A 1 79  ? -3.876  14.542  -1.237  1.00 12.80 ? 78  LYS A CB  1 
ATOM   619  C  CG  . LYS A 1 79  ? -2.396  14.793  -1.348  1.00 16.13 ? 78  LYS A CG  1 
ATOM   620  C  CD  . LYS A 1 79  ? -2.001  16.055  -0.690  1.00 19.04 ? 78  LYS A CD  1 
ATOM   621  C  CE  . LYS A 1 79  ? -2.634  17.280  -1.187  1.00 23.11 ? 78  LYS A CE  1 
ATOM   622  N  NZ  . LYS A 1 79  ? -2.615  17.300  -2.657  1.00 28.41 ? 78  LYS A NZ  1 
ATOM   623  N  N   . LYS A 1 80  ? -6.582  13.524  0.565   1.00 9.89  ? 79  LYS A N   1 
ATOM   624  C  CA  . LYS A 1 80  ? -8.048  13.346  0.539   1.00 10.46 ? 79  LYS A CA  1 
ATOM   625  C  C   . LYS A 1 80  ? -8.674  13.425  -0.851  1.00 10.70 ? 79  LYS A C   1 
ATOM   626  O  O   . LYS A 1 80  ? -9.691  14.113  -1.119  1.00 10.15 ? 79  LYS A O   1 
ATOM   627  C  CB  . LYS A 1 80  ? -8.747  14.313  1.512   1.00 10.67 ? 79  LYS A CB  1 
ATOM   628  C  CG  . LYS A 1 80  ? -8.261  14.137  2.928   1.00 11.70 ? 79  LYS A CG  1 
ATOM   629  C  CD  . LYS A 1 80  ? -8.678  15.295  3.777   1.00 12.58 ? 79  LYS A CD  1 
ATOM   630  C  CE  . LYS A 1 80  ? -10.176 15.394  4.092   1.00 13.15 ? 79  LYS A CE  1 
ATOM   631  N  NZ  . LYS A 1 80  ? -10.533 16.800  4.704   1.00 11.08 ? 79  LYS A NZ  1 
ATOM   632  N  N   . GLY A 1 81  ? -8.036  12.668  -1.724  1.00 10.12 ? 80  GLY A N   1 
ATOM   633  C  CA  . GLY A 1 81  ? -8.384  12.569  -3.140  1.00 11.79 ? 80  GLY A CA  1 
ATOM   634  C  C   . GLY A 1 81  ? -7.824  13.594  -4.082  1.00 12.31 ? 80  GLY A C   1 
ATOM   635  O  O   . GLY A 1 81  ? -7.866  13.392  -5.363  1.00 12.30 ? 80  GLY A O   1 
ATOM   636  N  N   . HIS A 1 82  ? -7.237  14.679  -3.529  1.00 13.69 ? 81  HIS A N   1 
ATOM   637  C  CA  . HIS A 1 82  ? -6.642  15.744  -4.335  1.00 13.79 ? 81  HIS A CA  1 
ATOM   638  C  C   . HIS A 1 82  ? -5.154  15.417  -4.629  1.00 14.86 ? 81  HIS A C   1 
ATOM   639  O  O   . HIS A 1 82  ? -4.265  16.190  -4.357  1.00 16.09 ? 81  HIS A O   1 
ATOM   640  C  CB  . HIS A 1 82  ? -6.744  17.062  -3.606  1.00 16.11 ? 81  HIS A CB  1 
ATOM   641  C  CG  . HIS A 1 82  ? -8.122  17.545  -3.449  1.00 19.92 ? 81  HIS A CG  1 
ATOM   642  N  ND1 . HIS A 1 82  ? -8.960  17.101  -2.463  1.00 21.99 ? 81  HIS A ND1 1 
ATOM   643  C  CD2 . HIS A 1 82  ? -8.766  18.549  -4.064  1.00 21.83 ? 81  HIS A CD2 1 
ATOM   644  C  CE1 . HIS A 1 82  ? -10.100 17.752  -2.537  1.00 22.57 ? 81  HIS A CE1 1 
ATOM   645  N  NE2 . HIS A 1 82  ? -10.007 18.627  -3.508  1.00 24.27 ? 81  HIS A NE2 1 
ATOM   646  N  N   . HIS A 1 83  ? -4.920  14.272  -5.256  1.00 12.94 ? 82  HIS A N   1 
ATOM   647  C  CA  . HIS A 1 83  ? -3.563  13.706  -5.253  1.00 12.83 ? 82  HIS A CA  1 
ATOM   648  C  C   . HIS A 1 83  ? -2.982  13.502  -6.640  1.00 14.68 ? 82  HIS A C   1 
ATOM   649  O  O   . HIS A 1 83  ? -2.118  12.653  -6.818  1.00 13.26 ? 82  HIS A O   1 
ATOM   650  C  CB  . HIS A 1 83  ? -3.636  12.389  -4.495  1.00 13.34 ? 82  HIS A CB  1 
ATOM   651  C  CG  . HIS A 1 83  ? -4.658  11.446  -5.024  1.00 13.74 ? 82  HIS A CG  1 
ATOM   652  N  ND1 . HIS A 1 83  ? -5.364  10.576  -4.214  1.00 14.52 ? 82  HIS A ND1 1 
ATOM   653  C  CD2 . HIS A 1 83  ? -5.103  11.238  -6.286  1.00 13.32 ? 82  HIS A CD2 1 
ATOM   654  C  CE1 . HIS A 1 83  ? -6.193  9.868   -4.958  1.00 14.35 ? 82  HIS A CE1 1 
ATOM   655  N  NE2 . HIS A 1 83  ? -6.083  10.275  -6.214  1.00 15.36 ? 82  HIS A NE2 1 
ATOM   656  N  N   . GLU A 1 84  ? -3.393  14.293  -7.645  1.00 13.92 ? 83  GLU A N   1 
ATOM   657  C  CA  . GLU A 1 84  ? -2.863  14.052  -9.010  1.00 16.53 ? 83  GLU A CA  1 
ATOM   658  C  C   . GLU A 1 84  ? -1.348  14.163  -9.048  1.00 14.34 ? 83  GLU A C   1 
ATOM   659  O  O   . GLU A 1 84  ? -0.685  13.345  -9.729  1.00 14.85 ? 83  GLU A O   1 
ATOM   660  C  CB  . GLU A 1 84  ? -3.453  15.059  -10.017 1.00 20.15 ? 83  GLU A CB  1 
ATOM   661  C  CG  . GLU A 1 84  ? -2.719  15.282  -11.358 1.00 30.87 ? 83  GLU A CG  1 
ATOM   662  C  CD  . GLU A 1 84  ? -3.013  14.273  -12.470 1.00 36.40 ? 83  GLU A CD  1 
ATOM   663  O  OE1 . GLU A 1 84  ? -4.190  13.872  -12.625 1.00 50.31 ? 83  GLU A OE1 1 
ATOM   664  O  OE2 . GLU A 1 84  ? -2.063  13.922  -13.238 1.00 41.36 ? 83  GLU A OE2 1 
ATOM   665  N  N   . ALA A 1 85  ? -0.840  15.203  -8.362  1.00 14.50 ? 84  ALA A N   1 
ATOM   666  C  CA  . ALA A 1 85  ? 0.605   15.476  -8.360  1.00 14.50 ? 84  ALA A CA  1 
ATOM   667  C  C   . ALA A 1 85  ? 1.467   14.326  -7.873  1.00 14.53 ? 84  ALA A C   1 
ATOM   668  O  O   . ALA A 1 85  ? 2.529   13.972  -8.488  1.00 13.79 ? 84  ALA A O   1 
ATOM   669  C  CB  . ALA A 1 85  ? 0.878   16.691  -7.488  1.00 16.37 ? 84  ALA A CB  1 
ATOM   670  N  N   . GLU A 1 86  ? 1.001   13.756  -6.776  1.00 14.03 ? 85  GLU A N   1 
ATOM   671  C  CA  . GLU A 1 86  ? 1.684   12.674  -6.077  1.00 14.66 ? 85  GLU A CA  1 
ATOM   672  C  C   . GLU A 1 86  ? 1.495   11.335  -6.831  1.00 14.82 ? 85  GLU A C   1 
ATOM   673  O  O   . GLU A 1 86  ? 2.389   10.471  -6.965  1.00 14.01 ? 85  GLU A O   1 
ATOM   674  C  CB  . GLU A 1 86  ? 1.072   12.571  -4.680  1.00 14.78 ? 85  GLU A CB  1 
ATOM   675  C  CG  . GLU A 1 86  ? 1.305   13.705  -3.739  1.00 15.64 ? 85  GLU A CG  1 
ATOM   676  C  CD  . GLU A 1 86  ? 0.460   14.920  -3.975  1.00 18.26 ? 85  GLU A CD  1 
ATOM   677  O  OE1 . GLU A 1 86  ? -0.523  14.936  -4.785  1.00 16.15 ? 85  GLU A OE1 1 
ATOM   678  O  OE2 . GLU A 1 86  ? 0.794   15.933  -3.327  1.00 19.19 ? 85  GLU A OE2 1 
ATOM   679  N  N   . LEU A 1 87  ? 0.341   11.164  -7.443  1.00 14.37 ? 86  LEU A N   1 
ATOM   680  C  CA  . LEU A 1 87  ? 0.054   9.919   -8.061  1.00 14.85 ? 86  LEU A CA  1 
ATOM   681  C  C   . LEU A 1 87  ? 0.722   9.717   -9.438  1.00 16.35 ? 86  LEU A C   1 
ATOM   682  O  O   . LEU A 1 87  ? 1.143   8.612   -9.756  1.00 13.93 ? 86  LEU A O   1 
ATOM   683  C  CB  . LEU A 1 87  ? -1.495  9.771   -8.099  1.00 17.61 ? 86  LEU A CB  1 
ATOM   684  C  CG  . LEU A 1 87  ? -2.078  8.417   -8.010  1.00 20.08 ? 86  LEU A CG  1 
ATOM   685  C  CD1 . LEU A 1 87  ? -1.264  7.539   -7.083  1.00 24.68 ? 86  LEU A CD1 1 
ATOM   686  C  CD2 . LEU A 1 87  ? -3.548  8.472   -7.645  1.00 20.20 ? 86  LEU A CD2 1 
ATOM   687  N  N   . LYS A 1 88  ? 0.889   10.799  -10.223 1.00 14.29 ? 87  LYS A N   1 
ATOM   688  C  CA  . LYS A 1 88  ? 1.488   10.772  -11.544 1.00 16.23 ? 87  LYS A CA  1 
ATOM   689  C  C   . LYS A 1 88  ? 2.881   10.048  -11.606 1.00 14.94 ? 87  LYS A C   1 
ATOM   690  O  O   . LYS A 1 88  ? 3.024   9.127   -12.430 1.00 13.91 ? 87  LYS A O   1 
ATOM   691  C  CB  . LYS A 1 88  ? 1.590   12.211  -12.109 1.00 20.11 ? 87  LYS A CB  1 
ATOM   692  C  CG  . LYS A 1 88  ? 1.942   12.281  -13.568 1.00 25.15 ? 87  LYS A CG  1 
ATOM   693  C  CD  . LYS A 1 88  ? 1.237   13.488  -14.211 1.00 31.99 ? 87  LYS A CD  1 
ATOM   694  C  CE  . LYS A 1 88  ? 1.407   13.504  -15.722 1.00 38.17 ? 87  LYS A CE  1 
ATOM   695  N  NZ  . LYS A 1 88  ? 2.843   13.658  -16.080 1.00 39.87 ? 87  LYS A NZ  1 
ATOM   696  N  N   . PRO A 1 89  ? 3.840   10.433  -10.742 1.00 15.54 ? 88  PRO A N   1 
ATOM   697  C  CA  . PRO A 1 89  ? 5.147   9.721   -10.790 1.00 16.80 ? 88  PRO A CA  1 
ATOM   698  C  C   . PRO A 1 89  ? 5.078   8.237   -10.437 1.00 14.72 ? 88  PRO A C   1 
ATOM   699  O  O   . PRO A 1 89  ? 5.875   7.452   -10.999 1.00 14.40 ? 88  PRO A O   1 
ATOM   700  C  CB  . PRO A 1 89  ? 6.000   10.467  -9.756  1.00 14.42 ? 88  PRO A CB  1 
ATOM   701  C  CG  . PRO A 1 89  ? 5.056   11.196  -8.873  1.00 14.92 ? 88  PRO A CG  1 
ATOM   702  C  CD  . PRO A 1 89  ? 3.940   11.597  -9.783  1.00 14.70 ? 88  PRO A CD  1 
ATOM   703  N  N   . LEU A 1 90  ? 4.122   7.878   -9.564  1.00 13.02 ? 89  LEU A N   1 
ATOM   704  C  CA  . LEU A 1 90  ? 3.981   6.468   -9.133  1.00 12.94 ? 89  LEU A CA  1 
ATOM   705  C  C   . LEU A 1 90  ? 3.327   5.629   -10.236 1.00 11.52 ? 89  LEU A C   1 
ATOM   706  O  O   . LEU A 1 90  ? 3.757   4.511   -10.582 1.00 10.88 ? 89  LEU A O   1 
ATOM   707  C  CB  . LEU A 1 90  ? 3.206   6.386   -7.824  1.00 15.17 ? 89  LEU A CB  1 
ATOM   708  C  CG  . LEU A 1 90  ? 3.913   7.078   -6.647  1.00 17.10 ? 89  LEU A CG  1 
ATOM   709  C  CD1 . LEU A 1 90  ? 3.009   6.924   -5.423  1.00 17.04 ? 89  LEU A CD1 1 
ATOM   710  C  CD2 . LEU A 1 90  ? 5.291   6.483   -6.367  1.00 17.64 ? 89  LEU A CD2 1 
ATOM   711  N  N   . ALA A 1 91  ? 2.348   6.198   -10.910 1.00 12.50 ? 90  ALA A N   1 
ATOM   712  C  CA  . ALA A 1 91  ? 1.841   5.541   -12.111 1.00 14.08 ? 90  ALA A CA  1 
ATOM   713  C  C   . ALA A 1 91  ? 2.845   5.304   -13.192 1.00 14.79 ? 90  ALA A C   1 
ATOM   714  O  O   . ALA A 1 91  ? 2.834   4.252   -13.849 1.00 13.09 ? 90  ALA A O   1 
ATOM   715  C  CB  . ALA A 1 91  ? 0.687   6.376   -12.673 1.00 16.14 ? 90  ALA A CB  1 
ATOM   716  N  N   . GLN A 1 92  ? 3.659   6.328   -13.470 1.00 16.59 ? 91  GLN A N   1 
ATOM   717  C  CA  . GLN A 1 92  ? 4.660   6.204   -14.499 1.00 20.09 ? 91  GLN A CA  1 
ATOM   718  C  C   . GLN A 1 92  ? 5.671   5.152   -14.175 1.00 17.27 ? 91  GLN A C   1 
ATOM   719  O  O   . GLN A 1 92  ? 5.975   4.303   -15.026 1.00 19.17 ? 91  GLN A O   1 
ATOM   720  C  CB  . GLN A 1 92  ? 5.407   7.521   -14.732 1.00 24.59 ? 91  GLN A CB  1 
ATOM   721  C  CG  . GLN A 1 92  ? 6.257   7.475   -16.006 1.00 33.08 ? 91  GLN A CG  1 
ATOM   722  C  CD  . GLN A 1 92  ? 6.274   8.791   -16.802 1.00 40.64 ? 91  GLN A CD  1 
ATOM   723  O  OE1 . GLN A 1 92  ? 5.293   9.562   -16.842 1.00 48.61 ? 91  GLN A OE1 1 
ATOM   724  N  NE2 . GLN A 1 92  ? 7.404   9.047   -17.450 1.00 50.19 ? 91  GLN A NE2 1 
ATOM   725  N  N   . SER A 1 93  ? 6.239   5.229   -12.958 1.00 15.09 ? 92  SER A N   1 
ATOM   726  C  CA  . SER A 1 93  ? 7.253   4.254   -12.597 1.00 12.71 ? 92  SER A CA  1 
ATOM   727  C  C   . SER A 1 93  ? 6.709   2.836   -12.530 1.00 12.50 ? 92  SER A C   1 
ATOM   728  O  O   . SER A 1 93  ? 7.349   1.905   -13.063 1.00 12.25 ? 92  SER A O   1 
ATOM   729  C  CB  . SER A 1 93  ? 7.944   4.577   -11.263 1.00 12.96 ? 92  SER A CB  1 
ATOM   730  O  OG  . SER A 1 93  ? 7.148   4.522   -10.121 1.00 11.50 ? 92  SER A OG  1 
ATOM   731  N  N   . HIS A 1 94  ? 5.544   2.717   -11.890 1.00 10.63 ? 93  HIS A N   1 
ATOM   732  C  CA  . HIS A 1 94  ? 4.943   1.408   -11.635 1.00 10.47 ? 93  HIS A CA  1 
ATOM   733  C  C   . HIS A 1 94  ? 4.480   0.763   -12.971 1.00 11.50 ? 93  HIS A C   1 
ATOM   734  O  O   . HIS A 1 94  ? 4.640   -0.398  -13.175 1.00 10.05 ? 93  HIS A O   1 
ATOM   735  C  CB  . HIS A 1 94  ? 3.949   1.452   -10.509 1.00 10.94 ? 93  HIS A CB  1 
ATOM   736  C  CG  . HIS A 1 94  ? 4.616   1.538   -9.185  1.00 10.02 ? 93  HIS A CG  1 
ATOM   737  N  ND1 . HIS A 1 94  ? 5.416   2.617   -8.864  1.00 11.50 ? 93  HIS A ND1 1 
ATOM   738  C  CD2 . HIS A 1 94  ? 4.712   0.679   -8.137  1.00 10.30 ? 93  HIS A CD2 1 
ATOM   739  C  CE1 . HIS A 1 94  ? 5.935   2.438   -7.668  1.00 11.33 ? 93  HIS A CE1 1 
ATOM   740  N  NE2 . HIS A 1 94  ? 5.527   1.273   -7.208  1.00 10.90 ? 93  HIS A NE2 1 
ATOM   741  N  N   . ALA A 1 95  ? 3.876   1.549   -13.862 1.00 12.42 ? 94  ALA A N   1 
ATOM   742  C  CA  . ALA A 1 95  ? 3.443   0.998   -15.143 1.00 13.27 ? 94  ALA A CA  1 
ATOM   743  C  C   . ALA A 1 95  ? 4.611   0.689   -16.077 1.00 13.84 ? 94  ALA A C   1 
ATOM   744  O  O   . ALA A 1 95  ? 4.687   -0.405  -16.643 1.00 15.17 ? 94  ALA A O   1 
ATOM   745  C  CB  . ALA A 1 95  ? 2.533   1.988   -15.821 1.00 14.00 ? 94  ALA A CB  1 
ATOM   746  N  N   . THR A 1 96  ? 5.510   1.647   -16.212 1.00 15.03 ? 95  THR A N   1 
ATOM   747  C  CA  . THR A 1 96  ? 6.477   1.642   -17.321 1.00 15.76 ? 95  THR A CA  1 
ATOM   748  C  C   . THR A 1 96  ? 7.866   1.122   -16.975 1.00 16.50 ? 95  THR A C   1 
ATOM   749  O  O   . THR A 1 96  ? 8.580   0.623   -17.862 1.00 15.32 ? 95  THR A O   1 
ATOM   750  C  CB  . THR A 1 96  ? 6.674   3.027   -18.004 1.00 15.37 ? 95  THR A CB  1 
ATOM   751  O  OG1 . THR A 1 96  ? 7.514   3.934   -17.204 1.00 18.95 ? 95  THR A OG1 1 
ATOM   752  C  CG2 . THR A 1 96  ? 5.307   3.664   -18.376 1.00 17.26 ? 95  THR A CG2 1 
ATOM   753  N  N   . LYS A 1 97  ? 8.272   1.263   -15.719 1.00 15.75 ? 96  LYS A N   1 
ATOM   754  C  CA  . LYS A 1 97  ? 9.604   0.826   -15.288 1.00 14.37 ? 96  LYS A CA  1 
ATOM   755  C  C   . LYS A 1 97  ? 9.593   -0.461  -14.513 1.00 14.07 ? 96  LYS A C   1 
ATOM   756  O  O   . LYS A 1 97  ? 10.293  -1.458  -14.894 1.00 15.42 ? 96  LYS A O   1 
ATOM   757  C  CB  . LYS A 1 97  ? 10.258  1.932   -14.544 1.00 15.17 ? 96  LYS A CB  1 
ATOM   758  C  CG  . LYS A 1 97  ? 11.642  1.663   -13.995 1.00 16.69 ? 96  LYS A CG  1 
ATOM   759  C  CD  . LYS A 1 97  ? 11.944  2.870   -13.140 1.00 20.23 ? 96  LYS A CD  1 
ATOM   760  C  CE  . LYS A 1 97  ? 13.129  2.724   -12.220 1.00 23.46 ? 96  LYS A CE  1 
ATOM   761  N  NZ  . LYS A 1 97  ? 14.320  2.436   -13.006 1.00 23.70 ? 96  LYS A NZ  1 
ATOM   762  N  N   . HIS A 1 98  ? 8.794   -0.506  -13.458 1.00 12.18 ? 97  HIS A N   1 
ATOM   763  C  CA  . HIS A 1 98  ? 8.696   -1.668  -12.575 1.00 12.99 ? 97  HIS A CA  1 
ATOM   764  C  C   . HIS A 1 98  ? 7.776   -2.737  -13.175 1.00 14.35 ? 97  HIS A C   1 
ATOM   765  O  O   . HIS A 1 98  ? 7.910   -3.908  -12.829 1.00 14.70 ? 97  HIS A O   1 
ATOM   766  C  CB  . HIS A 1 98  ? 8.179   -1.264  -11.170 1.00 13.02 ? 97  HIS A CB  1 
ATOM   767  C  CG  . HIS A 1 98  ? 8.955   -0.147  -10.559 1.00 14.27 ? 97  HIS A CG  1 
ATOM   768  N  ND1 . HIS A 1 98  ? 10.340  -0.074  -10.644 1.00 14.29 ? 97  HIS A ND1 1 
ATOM   769  C  CD2 . HIS A 1 98  ? 8.558   0.951   -9.884  1.00 14.20 ? 97  HIS A CD2 1 
ATOM   770  C  CE1 . HIS A 1 98  ? 10.759  1.030   -10.034 1.00 14.02 ? 97  HIS A CE1 1 
ATOM   771  N  NE2 . HIS A 1 98  ? 9.700   1.658   -9.554  1.00 15.25 ? 97  HIS A NE2 1 
ATOM   772  N  N   . LYS A 1 99  ? 6.849   -2.307  -14.027 1.00 14.97 ? 98  LYS A N   1 
ATOM   773  C  CA  . LYS A 1 99  ? 5.915   -3.224  -14.717 1.00 17.52 ? 98  LYS A CA  1 
ATOM   774  C  C   . LYS A 1 99  ? 4.986   -4.020  -13.742 1.00 15.69 ? 98  LYS A C   1 
ATOM   775  O  O   . LYS A 1 99  ? 4.883   -5.279  -13.764 1.00 14.48 ? 98  LYS A O   1 
ATOM   776  C  CB  . LYS A 1 99  ? 6.712   -4.080  -15.741 1.00 21.97 ? 98  LYS A CB  1 
ATOM   777  C  CG  . LYS A 1 99  ? 7.327   -3.193  -16.851 1.00 26.12 ? 98  LYS A CG  1 
ATOM   778  C  CD  . LYS A 1 99  ? 8.379   -3.957  -17.636 1.00 33.35 ? 98  LYS A CD  1 
ATOM   779  C  CE  . LYS A 1 99  ? 8.568   -3.386  -19.037 1.00 39.12 ? 98  LYS A CE  1 
ATOM   780  N  NZ  . LYS A 1 99  ? 8.777   -1.906  -19.114 1.00 43.62 ? 98  LYS A NZ  1 
ATOM   781  N  N   . ILE A 1 100 ? 4.319   -3.269  -12.883 1.00 13.03 ? 99  ILE A N   1 
ATOM   782  C  CA  . ILE A 1 100 ? 3.437   -3.794  -11.854 1.00 13.82 ? 99  ILE A CA  1 
ATOM   783  C  C   . ILE A 1 100 ? 2.006   -3.762  -12.389 1.00 14.04 ? 99  ILE A C   1 
ATOM   784  O  O   . ILE A 1 100 ? 1.496   -2.753  -12.633 1.00 17.09 ? 99  ILE A O   1 
ATOM   785  C  CB  . ILE A 1 100 ? 3.542   -2.883  -10.604 1.00 14.62 ? 99  ILE A CB  1 
ATOM   786  C  CG1 . ILE A 1 100 ? 5.039   -2.691  -10.194 1.00 14.67 ? 99  ILE A CG1 1 
ATOM   787  C  CG2 . ILE A 1 100 ? 2.652   -3.407  -9.516  1.00 14.20 ? 99  ILE A CG2 1 
ATOM   788  C  CD1 . ILE A 1 100 ? 5.865   -3.949  -10.136 1.00 14.66 ? 99  ILE A CD1 1 
ATOM   789  N  N   . PRO A 1 101 ? 1.380   -4.914  -12.624 1.00 14.49 ? 100 PRO A N   1 
ATOM   790  C  CA  . PRO A 1 101 ? -0.035  -4.883  -12.969 1.00 15.71 ? 100 PRO A CA  1 
ATOM   791  C  C   . PRO A 1 101 ? -0.933  -4.211  -11.944 1.00 15.72 ? 100 PRO A C   1 
ATOM   792  O  O   . PRO A 1 101 ? -0.726  -4.300  -10.741 1.00 13.15 ? 100 PRO A O   1 
ATOM   793  C  CB  . PRO A 1 101 ? -0.428  -6.393  -13.046 1.00 16.99 ? 100 PRO A CB  1 
ATOM   794  C  CG  . PRO A 1 101 ? 0.806   -7.133  -13.043 1.00 16.68 ? 100 PRO A CG  1 
ATOM   795  C  CD  . PRO A 1 101 ? 1.878   -6.269  -12.409 1.00 16.14 ? 100 PRO A CD  1 
ATOM   796  N  N   . ILE A 1 102 ? -2.024  -3.601  -12.388 1.00 13.98 ? 101 ILE A N   1 
ATOM   797  C  CA  . ILE A 1 102 ? -2.980  -3.074  -11.428 1.00 13.81 ? 101 ILE A CA  1 
ATOM   798  C  C   . ILE A 1 102 ? -3.472  -4.121  -10.441 1.00 13.10 ? 101 ILE A C   1 
ATOM   799  O  O   . ILE A 1 102 ? -3.718  -3.811  -9.284  1.00 12.82 ? 101 ILE A O   1 
ATOM   800  C  CB  . ILE A 1 102 ? -4.215  -2.405  -12.137 1.00 16.35 ? 101 ILE A CB  1 
ATOM   801  C  CG1 . ILE A 1 102 ? -3.752  -1.210  -12.963 1.00 18.67 ? 101 ILE A CG1 1 
ATOM   802  C  CG2 . ILE A 1 102 ? -5.263  -1.934  -11.126 1.00 17.84 ? 101 ILE A CG2 1 
ATOM   803  C  CD1 . ILE A 1 102 ? -3.227  -0.062  -12.138 1.00 20.18 ? 101 ILE A CD1 1 
ATOM   804  N  N   . LYS A 1 103 ? -3.589  -5.370  -10.881 1.00 11.81 ? 102 LYS A N   1 
ATOM   805  C  CA  . LYS A 1 103 ? -3.938  -6.429  -9.970  1.00 12.41 ? 102 LYS A CA  1 
ATOM   806  C  C   . LYS A 1 103 ? -3.037  -6.495  -8.744  1.00 11.69 ? 102 LYS A C   1 
ATOM   807  O  O   . LYS A 1 103 ? -3.489  -6.810  -7.646  1.00 11.70 ? 102 LYS A O   1 
ATOM   808  C  CB  . LYS A 1 103 ? -3.913  -7.801  -10.718 1.00 13.83 ? 102 LYS A CB  1 
ATOM   809  C  CG  . LYS A 1 103 ? -4.284  -8.968  -9.859  1.00 15.83 ? 102 LYS A CG  1 
ATOM   810  C  CD  . LYS A 1 103 ? -5.692  -8.943  -9.287  1.00 18.90 ? 102 LYS A CD  1 
ATOM   811  C  CE  . LYS A 1 103 ? -6.795  -9.321  -10.228 1.00 20.44 ? 102 LYS A CE  1 
ATOM   812  N  NZ  . LYS A 1 103 ? -8.062  -9.461  -9.432  1.00 20.60 ? 102 LYS A NZ  1 
ATOM   813  N  N   . TYR A 1 104 ? -1.771  -6.123  -8.888  1.00 11.77 ? 103 TYR A N   1 
ATOM   814  C  CA  . TYR A 1 104 ? -0.882  -6.317  -7.776  1.00 11.68 ? 103 TYR A CA  1 
ATOM   815  C  C   . TYR A 1 104 ? -1.095  -5.146  -6.768  1.00 10.79 ? 103 TYR A C   1 
ATOM   816  O  O   . TYR A 1 104 ? -0.836  -5.326  -5.623  1.00 10.73 ? 103 TYR A O   1 
ATOM   817  C  CB  . TYR A 1 104 ? 0.564   -6.363  -8.168  1.00 11.33 ? 103 TYR A CB  1 
ATOM   818  C  CG  . TYR A 1 104 ? 1.019   -7.544  -8.972  1.00 12.70 ? 103 TYR A CG  1 
ATOM   819  C  CD1 . TYR A 1 104 ? 0.135   -8.505  -9.471  1.00 14.59 ? 103 TYR A CD1 1 
ATOM   820  C  CD2 . TYR A 1 104 ? 2.365   -7.679  -9.250  1.00 12.47 ? 103 TYR A CD2 1 
ATOM   821  C  CE1 . TYR A 1 104 ? 0.641   -9.586  -10.231 1.00 13.33 ? 103 TYR A CE1 1 
ATOM   822  C  CE2 . TYR A 1 104 ? 2.865   -8.751  -9.982  1.00 14.54 ? 103 TYR A CE2 1 
ATOM   823  C  CZ  . TYR A 1 104 ? 2.000   -9.651  -10.500 1.00 14.77 ? 103 TYR A CZ  1 
ATOM   824  O  OH  . TYR A 1 104 ? 2.664   -10.633 -11.250 1.00 20.05 ? 103 TYR A OH  1 
ATOM   825  N  N   . LEU A 1 105 ? -1.638  -4.003  -7.234  1.00 10.99 ? 104 LEU A N   1 
ATOM   826  C  CA  . LEU A 1 105 ? -2.059  -2.936  -6.313  1.00 11.67 ? 104 LEU A CA  1 
ATOM   827  C  C   . LEU A 1 105 ? -3.276  -3.404  -5.547  1.00 10.97 ? 104 LEU A C   1 
ATOM   828  O  O   . LEU A 1 105 ? -3.462  -3.041  -4.399  1.00 11.42 ? 104 LEU A O   1 
ATOM   829  C  CB  . LEU A 1 105 ? -2.335  -1.625  -7.076  1.00 13.28 ? 104 LEU A CB  1 
ATOM   830  C  CG  . LEU A 1 105 ? -1.186  -1.163  -7.954  1.00 14.78 ? 104 LEU A CG  1 
ATOM   831  C  CD1 . LEU A 1 105 ? -1.588  0.128   -8.701  1.00 15.88 ? 104 LEU A CD1 1 
ATOM   832  C  CD2 . LEU A 1 105 ? 0.054   -0.962  -7.146  1.00 14.59 ? 104 LEU A CD2 1 
ATOM   833  N  N   . GLU A 1 106 ? -4.171  -4.172  -6.192  1.00 10.52 ? 105 GLU A N   1 
ATOM   834  C  CA  . GLU A 1 106 ? -5.250  -4.771  -5.459  1.00 11.65 ? 105 GLU A CA  1 
ATOM   835  C  C   . GLU A 1 106 ? -4.696  -5.675  -4.347  1.00 10.46 ? 105 GLU A C   1 
ATOM   836  O  O   . GLU A 1 106 ? -5.179  -5.671  -3.212  1.00 10.63 ? 105 GLU A O   1 
ATOM   837  C  CB  . GLU A 1 106 ? -6.119  -5.548  -6.421  1.00 12.81 ? 105 GLU A CB  1 
ATOM   838  C  CG  . GLU A 1 106 ? -7.399  -6.050  -5.831  1.00 15.18 ? 105 GLU A CG  1 
ATOM   839  C  CD  . GLU A 1 106 ? -8.291  -6.791  -6.839  1.00 16.10 ? 105 GLU A CD  1 
ATOM   840  O  OE1 . GLU A 1 106 ? -7.958  -6.955  -8.009  1.00 20.07 ? 105 GLU A OE1 1 
ATOM   841  O  OE2 . GLU A 1 106 ? -9.318  -7.325  -6.396  1.00 20.44 ? 105 GLU A OE2 1 
ATOM   842  N  N   . PHE A 1 107 ? -3.718  -6.487  -4.683  1.00 10.90 ? 106 PHE A N   1 
ATOM   843  C  CA  . PHE A 1 107 ? -3.155  -7.426  -3.699  1.00 10.78 ? 106 PHE A CA  1 
ATOM   844  C  C   . PHE A 1 107 ? -2.529  -6.642  -2.544  1.00 10.71 ? 106 PHE A C   1 
ATOM   845  O  O   . PHE A 1 107 ? -2.712  -7.017  -1.398  1.00 10.11 ? 106 PHE A O   1 
ATOM   846  C  CB  . PHE A 1 107 ? -2.068  -8.314  -4.334  1.00 11.45 ? 106 PHE A CB  1 
ATOM   847  C  CG  . PHE A 1 107 ? -2.560  -9.318  -5.362  1.00 12.43 ? 106 PHE A CG  1 
ATOM   848  C  CD1 . PHE A 1 107 ? -3.920  -9.749  -5.424  1.00 13.41 ? 106 PHE A CD1 1 
ATOM   849  C  CD2 . PHE A 1 107 ? -1.637  -9.823  -6.285  1.00 12.57 ? 106 PHE A CD2 1 
ATOM   850  C  CE1 . PHE A 1 107 ? -4.290  -10.697 -6.354  1.00 14.61 ? 106 PHE A CE1 1 
ATOM   851  C  CE2 . PHE A 1 107 ? -2.050  -10.758 -7.214  1.00 13.45 ? 106 PHE A CE2 1 
ATOM   852  C  CZ  . PHE A 1 107 ? -3.362  -11.177 -7.224  1.00 13.70 ? 106 PHE A CZ  1 
ATOM   853  N  N   . ILE A 1 108 ? -1.786  -5.548  -2.797  1.00 9.79  ? 107 ILE A N   1 
ATOM   854  C  CA  . ILE A 1 108 ? -1.176  -4.804  -1.695  1.00 9.86  ? 107 ILE A CA  1 
ATOM   855  C  C   . ILE A 1 108 ? -2.254  -4.141  -0.819  1.00 9.76  ? 107 ILE A C   1 
ATOM   856  O  O   . ILE A 1 108 ? -2.108  -4.039  0.383   1.00 10.41 ? 107 ILE A O   1 
ATOM   857  C  CB  . ILE A 1 108 ? -0.022  -3.847  -2.156  1.00 9.77  ? 107 ILE A CB  1 
ATOM   858  C  CG1 . ILE A 1 108 ? 0.957   -3.638  -0.984  1.00 9.69  ? 107 ILE A CG1 1 
ATOM   859  C  CG2 . ILE A 1 108 ? -0.550  -2.561  -2.742  1.00 9.83  ? 107 ILE A CG2 1 
ATOM   860  C  CD1 . ILE A 1 108 ? 2.122   -2.768  -1.288  1.00 9.60  ? 107 ILE A CD1 1 
ATOM   861  N  N   . SER A 1 109 ? -3.351  -3.734  -1.434  1.00 9.89  ? 108 SER A N   1 
ATOM   862  C  CA  . SER A 1 109 ? -4.459  -3.147  -0.698  1.00 10.65 ? 108 SER A CA  1 
ATOM   863  C  C   . SER A 1 109 ? -5.084  -4.126  0.302   1.00 10.90 ? 108 SER A C   1 
ATOM   864  O  O   . SER A 1 109 ? -5.333  -3.769  1.462   1.00 11.37 ? 108 SER A O   1 
ATOM   865  C  CB  . SER A 1 109 ? -5.468  -2.669  -1.701  1.00 11.21 ? 108 SER A CB  1 
ATOM   866  O  OG  . SER A 1 109 ? -4.970  -1.636  -2.509  1.00 13.00 ? 108 SER A OG  1 
ATOM   867  N  N   . GLU A 1 110 ? -5.254  -5.386  -0.137  1.00 10.64 ? 109 GLU A N   1 
ATOM   868  C  CA  . GLU A 1 110 ? -5.708  -6.475  0.722   1.00 11.64 ? 109 GLU A CA  1 
ATOM   869  C  C   . GLU A 1 110 ? -4.701  -6.743  1.846   1.00 11.18 ? 109 GLU A C   1 
ATOM   870  O  O   . GLU A 1 110 ? -5.103  -6.991  2.928   1.00 12.18 ? 109 GLU A O   1 
ATOM   871  C  CB  . GLU A 1 110 ? -5.962  -7.769  -0.115  1.00 12.76 ? 109 GLU A CB  1 
ATOM   872  C  CG  . GLU A 1 110 ? -7.197  -7.597  -0.997  1.00 16.02 ? 109 GLU A CG  1 
ATOM   873  C  CD  . GLU A 1 110 ? -7.637  -8.864  -1.719  1.00 22.98 ? 109 GLU A CD  1 
ATOM   874  O  OE1 . GLU A 1 110 ? -6.949  -9.901  -1.691  1.00 24.04 ? 109 GLU A OE1 1 
ATOM   875  O  OE2 . GLU A 1 110 ? -8.749  -8.828  -2.302  1.00 29.57 ? 109 GLU A OE2 1 
ATOM   876  N  N   . ALA A 1 111 ? -3.413  -6.689  1.524   1.00 10.93 ? 110 ALA A N   1 
ATOM   877  C  CA  . ALA A 1 111 ? -2.345  -6.876  2.507   1.00 10.95 ? 110 ALA A CA  1 
ATOM   878  C  C   . ALA A 1 111 ? -2.394  -5.783  3.572   1.00 10.86 ? 110 ALA A C   1 
ATOM   879  O  O   . ALA A 1 111 ? -2.212  -6.027  4.788   1.00 11.28 ? 110 ALA A O   1 
ATOM   880  C  CB  . ALA A 1 111 ? -0.939  -6.910  1.822   1.00 10.13 ? 110 ALA A CB  1 
ATOM   881  N  N   . ILE A 1 112 ? -2.677  -4.575  3.116   1.00 11.12 ? 111 ILE A N   1 
ATOM   882  C  CA  . ILE A 1 112 ? -2.871  -3.452  4.096   1.00 10.73 ? 111 ILE A CA  1 
ATOM   883  C  C   . ILE A 1 112 ? -3.983  -3.723  5.076   1.00 11.40 ? 111 ILE A C   1 
ATOM   884  O  O   . ILE A 1 112 ? -3.814  -3.548  6.331   1.00 12.18 ? 111 ILE A O   1 
ATOM   885  C  CB  . ILE A 1 112 ? -3.047  -2.116  3.307   1.00 11.41 ? 111 ILE A CB  1 
ATOM   886  C  CG1 . ILE A 1 112 ? -1.709  -1.669  2.717   1.00 12.10 ? 111 ILE A CG1 1 
ATOM   887  C  CG2 . ILE A 1 112 ? -3.435  -0.969  4.247   1.00 12.24 ? 111 ILE A CG2 1 
ATOM   888  C  CD1 . ILE A 1 112 ? -1.809  -0.624  1.591   1.00 12.20 ? 111 ILE A CD1 1 
ATOM   889  N  N   . ILE A 1 113 ? -5.159  -4.071  4.546   1.00 11.10 ? 112 ILE A N   1 
ATOM   890  C  CA  . ILE A 1 113 ? -6.308  -4.432  5.411   1.00 12.80 ? 112 ILE A CA  1 
ATOM   891  C  C   . ILE A 1 113 ? -5.914  -5.563  6.398   1.00 13.12 ? 112 ILE A C   1 
ATOM   892  O  O   . ILE A 1 113 ? -6.223  -5.506  7.584   1.00 11.68 ? 112 ILE A O   1 
ATOM   893  C  CB  . ILE A 1 113 ? -7.549  -4.827  4.593   1.00 13.91 ? 112 ILE A CB  1 
ATOM   894  C  CG1 . ILE A 1 113 ? -8.047  -3.621  3.778   1.00 15.84 ? 112 ILE A CG1 1 
ATOM   895  C  CG2 . ILE A 1 113 ? -8.668  -5.328  5.491   1.00 14.09 ? 112 ILE A CG2 1 
ATOM   896  C  CD1 . ILE A 1 113 ? -8.420  -2.397  4.597   1.00 15.58 ? 112 ILE A CD1 1 
ATOM   897  N  N   . HIS A 1 114 ? -5.229  -6.557  5.881   1.00 12.73 ? 113 HIS A N   1 
ATOM   898  C  CA  . HIS A 1 114 ? -4.889  -7.706  6.715   1.00 14.27 ? 113 HIS A CA  1 
ATOM   899  C  C   . HIS A 1 114 ? -3.988  -7.322  7.894   1.00 12.93 ? 113 HIS A C   1 
ATOM   900  O  O   . HIS A 1 114 ? -4.244  -7.698  9.067   1.00 12.57 ? 113 HIS A O   1 
ATOM   901  C  CB  . HIS A 1 114 ? -4.216  -8.763  5.880   1.00 14.77 ? 113 HIS A CB  1 
ATOM   902  C  CG  . HIS A 1 114 ? -3.936  -9.973  6.681   1.00 19.79 ? 113 HIS A CG  1 
ATOM   903  N  ND1 . HIS A 1 114 ? -4.928  -10.884 7.002   1.00 21.26 ? 113 HIS A ND1 1 
ATOM   904  C  CD2 . HIS A 1 114 ? -2.831  -10.358 7.338   1.00 22.40 ? 113 HIS A CD2 1 
ATOM   905  C  CE1 . HIS A 1 114 ? -4.409  -11.837 7.747   1.00 22.78 ? 113 HIS A CE1 1 
ATOM   906  N  NE2 . HIS A 1 114 ? -3.139  -11.539 7.967   1.00 23.77 ? 113 HIS A NE2 1 
ATOM   907  N  N   . VAL A 1 115 ? -2.964  -6.546  7.565   1.00 11.90 ? 114 VAL A N   1 
ATOM   908  C  CA  . VAL A 1 115 ? -1.964  -6.070  8.518   1.00 11.57 ? 114 VAL A CA  1 
ATOM   909  C  C   . VAL A 1 115 ? -2.603  -5.186  9.557   1.00 11.08 ? 114 VAL A C   1 
ATOM   910  O  O   . VAL A 1 115 ? -2.335  -5.322  10.742  1.00 11.13 ? 114 VAL A O   1 
ATOM   911  C  CB  . VAL A 1 115 ? -0.720  -5.433  7.812   1.00 12.54 ? 114 VAL A CB  1 
ATOM   912  C  CG1 . VAL A 1 115 ? 0.216   -4.771  8.834   1.00 12.95 ? 114 VAL A CG1 1 
ATOM   913  C  CG2 . VAL A 1 115 ? 0.026   -6.516  7.051   1.00 13.82 ? 114 VAL A CG2 1 
ATOM   914  N  N   . LEU A 1 116 ? -3.477  -4.286  9.132   1.00 11.08 ? 115 LEU A N   1 
ATOM   915  C  CA  . LEU A 1 116 ? -4.207  -3.417  10.135  1.00 10.57 ? 115 LEU A CA  1 
ATOM   916  C  C   . LEU A 1 116 ? -5.022  -4.288  11.109  1.00 12.39 ? 115 LEU A C   1 
ATOM   917  O  O   . LEU A 1 116 ? -5.004  -4.061  12.297  1.00 12.31 ? 115 LEU A O   1 
ATOM   918  C  CB  . LEU A 1 116 ? -5.112  -2.427  9.455   1.00 11.02 ? 115 LEU A CB  1 
ATOM   919  C  CG  . LEU A 1 116 ? -4.346  -1.349  8.707   1.00 11.41 ? 115 LEU A CG  1 
ATOM   920  C  CD1 . LEU A 1 116 ? -5.234  -0.591  7.699   1.00 13.23 ? 115 LEU A CD1 1 
ATOM   921  C  CD2 . LEU A 1 116 ? -3.600  -0.372  9.609   1.00 12.75 ? 115 LEU A CD2 1 
ATOM   922  N  N   . HIS A 1 117 ? -5.760  -5.280  10.630  1.00 11.26 ? 116 HIS A N   1 
ATOM   923  C  CA  . HIS A 1 117 ? -6.430  -6.179  11.580  1.00 11.89 ? 116 HIS A CA  1 
ATOM   924  C  C   . HIS A 1 117 ? -5.500  -6.951  12.528  1.00 13.24 ? 116 HIS A C   1 
ATOM   925  O  O   . HIS A 1 117 ? -5.830  -7.175  13.706  1.00 14.86 ? 116 HIS A O   1 
ATOM   926  C  CB  . HIS A 1 117 ? -7.385  -7.136  10.830  1.00 11.82 ? 116 HIS A CB  1 
ATOM   927  C  CG  . HIS A 1 117 ? -8.716  -6.528  10.543  1.00 14.40 ? 116 HIS A CG  1 
ATOM   928  N  ND1 . HIS A 1 117 ? -9.599  -6.161  11.542  1.00 14.80 ? 116 HIS A ND1 1 
ATOM   929  C  CD2 . HIS A 1 117 ? -9.279  -6.139  9.377   1.00 14.82 ? 116 HIS A CD2 1 
ATOM   930  C  CE1 . HIS A 1 117 ? -10.686 -5.626  10.992  1.00 15.11 ? 116 HIS A CE1 1 
ATOM   931  N  NE2 . HIS A 1 117 ? -10.510 -5.595  9.683   1.00 15.88 ? 116 HIS A NE2 1 
ATOM   932  N  N   . SER A 1 118 ? -4.375  -7.380  12.013  1.00 14.44 ? 117 SER A N   1 
ATOM   933  C  CA  . SER A 1 118 ? -3.426  -8.178  12.758  1.00 13.08 ? 117 SER A CA  1 
ATOM   934  C  C   . SER A 1 118 ? -2.772  -7.388  13.840  1.00 14.66 ? 117 SER A C   1 
ATOM   935  O  O   . SER A 1 118 ? -2.554  -7.904  14.928  1.00 14.45 ? 117 SER A O   1 
ATOM   936  C  CB  . SER A 1 118 ? -2.404  -8.800  11.822  1.00 14.00 ? 117 SER A CB  1 
ATOM   937  O  OG  . SER A 1 118 ? -1.548  -9.698  12.537  1.00 16.47 ? 117 SER A OG  1 
ATOM   938  N  N   . ARG A 1 119 ? -2.438  -6.139  13.530  1.00 13.93 ? 118 ARG A N   1 
ATOM   939  C  CA  . ARG A 1 119 ? -1.710  -5.331  14.470  1.00 14.28 ? 118 ARG A CA  1 
ATOM   940  C  C   . ARG A 1 119 ? -2.618  -4.671  15.449  1.00 14.70 ? 118 ARG A C   1 
ATOM   941  O  O   . ARG A 1 119 ? -2.151  -4.239  16.519  1.00 14.81 ? 118 ARG A O   1 
ATOM   942  C  CB  . ARG A 1 119 ? -0.848  -4.313  13.733  1.00 14.66 ? 118 ARG A CB  1 
ATOM   943  C  CG  . ARG A 1 119 ? 0.324   -4.960  12.983  1.00 15.16 ? 118 ARG A CG  1 
ATOM   944  C  CD  . ARG A 1 119 ? 1.158   -3.990  12.219  1.00 16.43 ? 118 ARG A CD  1 
ATOM   945  N  NE  . ARG A 1 119 ? 1.905   -3.182  13.172  1.00 19.17 ? 118 ARG A NE  1 
ATOM   946  C  CZ  . ARG A 1 119 ? 3.225   -3.227  13.427  1.00 18.00 ? 118 ARG A CZ  1 
ATOM   947  N  NH1 . ARG A 1 119 ? 4.068   -3.983  12.745  1.00 19.21 ? 118 ARG A NH1 1 
ATOM   948  N  NH2 . ARG A 1 119 ? 3.704   -2.413  14.345  1.00 16.06 ? 118 ARG A NH2 1 
ATOM   949  N  N   . HIS A 1 120 ? -3.894  -4.476  15.078  1.00 13.46 ? 119 HIS A N   1 
ATOM   950  C  CA  . HIS A 1 120 ? -4.864  -3.674  15.881  1.00 13.70 ? 119 HIS A CA  1 
ATOM   951  C  C   . HIS A 1 120 ? -6.177  -4.431  16.143  1.00 13.73 ? 119 HIS A C   1 
ATOM   952  O  O   . HIS A 1 120 ? -7.263  -3.919  15.855  1.00 14.58 ? 119 HIS A O   1 
ATOM   953  C  CB  . HIS A 1 120 ? -5.108  -2.318  15.204  1.00 13.48 ? 119 HIS A CB  1 
ATOM   954  C  CG  . HIS A 1 120 ? -3.836  -1.619  14.886  1.00 14.43 ? 119 HIS A CG  1 
ATOM   955  N  ND1 . HIS A 1 120 ? -3.119  -0.905  15.833  1.00 14.20 ? 119 HIS A ND1 1 
ATOM   956  C  CD2 . HIS A 1 120 ? -3.106  -1.583  13.754  1.00 14.24 ? 119 HIS A CD2 1 
ATOM   957  C  CE1 . HIS A 1 120 ? -2.013  -0.432  15.265  1.00 14.73 ? 119 HIS A CE1 1 
ATOM   958  N  NE2 . HIS A 1 120 ? -1.976  -0.835  14.014  1.00 14.33 ? 119 HIS A NE2 1 
ATOM   959  N  N   . PRO A 1 121 ? -6.052  -5.671  16.690  1.00 14.51 ? 120 PRO A N   1 
ATOM   960  C  CA  . PRO A 1 121 ? -7.255  -6.475  16.918  1.00 16.70 ? 120 PRO A CA  1 
ATOM   961  C  C   . PRO A 1 121 ? -8.249  -5.801  17.865  1.00 17.39 ? 120 PRO A C   1 
ATOM   962  O  O   . PRO A 1 121 ? -7.865  -5.381  18.958  1.00 18.41 ? 120 PRO A O   1 
ATOM   963  C  CB  . PRO A 1 121 ? -6.721  -7.760  17.534  1.00 17.96 ? 120 PRO A CB  1 
ATOM   964  C  CG  . PRO A 1 121 ? -5.408  -7.375  18.117  1.00 16.80 ? 120 PRO A CG  1 
ATOM   965  C  CD  . PRO A 1 121 ? -4.840  -6.311  17.245  1.00 15.49 ? 120 PRO A CD  1 
ATOM   966  N  N   . GLY A 1 122 ? -9.505  -5.720  17.439  1.00 16.55 ? 121 GLY A N   1 
ATOM   967  C  CA  . GLY A 1 122 ? -10.577 -5.053  18.160  1.00 18.68 ? 121 GLY A CA  1 
ATOM   968  C  C   . GLY A 1 122 ? -10.503 -3.525  18.165  1.00 19.03 ? 121 GLY A C   1 
ATOM   969  O  O   . GLY A 1 122 ? -11.295 -2.851  18.846  1.00 20.15 ? 121 GLY A O   1 
ATOM   970  N  N   . ASN A 1 123 ? -9.583  -2.983  17.375  1.00 18.43 ? 122 ASN A N   1 
ATOM   971  C  CA  . ASN A 1 123 ? -9.332  -1.537  17.293  1.00 20.16 ? 122 ASN A CA  1 
ATOM   972  C  C   . ASN A 1 123 ? -9.262  -1.053  15.830  1.00 19.53 ? 122 ASN A C   1 
ATOM   973  O  O   . ASN A 1 123 ? -8.751  0.052   15.523  1.00 20.87 ? 122 ASN A O   1 
ATOM   974  C  CB  . ASN A 1 123 ? -8.013  -1.287  17.983  1.00 24.32 ? 122 ASN A CB  1 
ATOM   975  C  CG  . ASN A 1 123 ? -7.851  0.123   18.457  1.00 33.11 ? 122 ASN A CG  1 
ATOM   976  O  OD1 . ASN A 1 123 ? -8.773  0.744   19.003  1.00 41.73 ? 122 ASN A OD1 1 
ATOM   977  N  ND2 . ASN A 1 123 ? -6.630  0.644   18.292  1.00 37.86 ? 122 ASN A ND2 1 
ATOM   978  N  N   . PHE A 1 124 ? -9.783  -1.854  14.887  1.00 15.48 ? 123 PHE A N   1 
ATOM   979  C  CA  . PHE A 1 124 ? -9.914  -1.364  13.503  1.00 14.03 ? 123 PHE A CA  1 
ATOM   980  C  C   . PHE A 1 124 ? -11.407 -1.562  13.184  1.00 16.31 ? 123 PHE A C   1 
ATOM   981  O  O   . PHE A 1 124 ? -11.803 -2.610  12.734  1.00 19.69 ? 123 PHE A O   1 
ATOM   982  C  CB  . PHE A 1 124 ? -8.946  -2.124  12.607  1.00 14.81 ? 123 PHE A CB  1 
ATOM   983  C  CG  . PHE A 1 124 ? -9.037  -1.813  11.102  1.00 12.93 ? 123 PHE A CG  1 
ATOM   984  C  CD1 . PHE A 1 124 ? -9.321  -0.544  10.618  1.00 12.78 ? 123 PHE A CD1 1 
ATOM   985  C  CD2 . PHE A 1 124 ? -8.668  -2.778  10.196  1.00 13.76 ? 123 PHE A CD2 1 
ATOM   986  C  CE1 . PHE A 1 124 ? -9.386  -0.323  9.266   1.00 11.40 ? 123 PHE A CE1 1 
ATOM   987  C  CE2 . PHE A 1 124 ? -8.685  -2.541  8.839   1.00 11.68 ? 123 PHE A CE2 1 
ATOM   988  C  CZ  . PHE A 1 124 ? -9.026  -1.313  8.367   1.00 11.96 ? 123 PHE A CZ  1 
ATOM   989  N  N   . GLY A 1 125 ? -12.164 -0.499  13.417  1.00 17.10 ? 124 GLY A N   1 
ATOM   990  C  CA  . GLY A 1 125 ? -13.602 -0.573  13.360  1.00 19.31 ? 124 GLY A CA  1 
ATOM   991  C  C   . GLY A 1 125 ? -14.165 -0.934  11.995  1.00 18.93 ? 124 GLY A C   1 
ATOM   992  O  O   . GLY A 1 125 ? -13.506 -0.769  10.962  1.00 16.81 ? 124 GLY A O   1 
ATOM   993  N  N   . ALA A 1 126 ? -15.388 -1.475  11.989  1.00 16.38 ? 125 ALA A N   1 
ATOM   994  C  CA  . ALA A 1 126 ? -16.107 -1.730  10.742  1.00 15.50 ? 125 ALA A CA  1 
ATOM   995  C  C   . ALA A 1 126 ? -16.228 -0.505  9.820   1.00 13.02 ? 125 ALA A C   1 
ATOM   996  O  O   . ALA A 1 126 ? -16.025 -0.582  8.597   1.00 13.49 ? 125 ALA A O   1 
ATOM   997  C  CB  . ALA A 1 126 ? -17.515 -2.210  11.100  1.00 15.27 ? 125 ALA A CB  1 
ATOM   998  N  N   . ASP A 1 127 ? -16.580 0.603   10.449  1.00 15.18 ? 126 ASP A N   1 
ATOM   999  C  CA  . ASP A 1 127 ? -16.625 1.944   9.759   1.00 14.11 ? 126 ASP A CA  1 
ATOM   1000 C  C   . ASP A 1 127 ? -15.273 2.283   9.107   1.00 14.24 ? 126 ASP A C   1 
ATOM   1001 O  O   . ASP A 1 127 ? -15.197 2.619   7.903   1.00 13.82 ? 126 ASP A O   1 
ATOM   1002 C  CB  . ASP A 1 127 ? -17.233 3.058   10.676  1.00 17.49 ? 126 ASP A CB  1 
ATOM   1003 C  CG  . ASP A 1 127 ? -16.443 3.370   11.986  1.00 17.73 ? 126 ASP A CG  1 
ATOM   1004 O  OD1 . ASP A 1 127 ? -15.480 2.694   12.364  1.00 20.43 ? 126 ASP A OD1 1 
ATOM   1005 O  OD2 . ASP A 1 127 ? -16.838 4.368   12.683  1.00 22.43 ? 126 ASP A OD2 1 
ATOM   1006 N  N   . ALA A 1 128 ? -14.214 2.129   9.890   1.00 13.14 ? 127 ALA A N   1 
ATOM   1007 C  CA  . ALA A 1 128 ? -12.844 2.429   9.464   1.00 12.80 ? 127 ALA A CA  1 
ATOM   1008 C  C   . ALA A 1 128 ? -12.411 1.526   8.293   1.00 12.09 ? 127 ALA A C   1 
ATOM   1009 O  O   . ALA A 1 128 ? -11.747 1.981   7.345   1.00 10.72 ? 127 ALA A O   1 
ATOM   1010 C  CB  . ALA A 1 128 ? -11.943 2.234   10.686  1.00 14.67 ? 127 ALA A CB  1 
ATOM   1011 N  N   . GLN A 1 129 ? -12.780 0.239   8.358   1.00 11.06 ? 128 GLN A N   1 
ATOM   1012 C  CA  . GLN A 1 129 ? -12.526 -0.682  7.259   1.00 11.46 ? 128 GLN A CA  1 
ATOM   1013 C  C   . GLN A 1 129 ? -13.174 -0.269  5.987   1.00 10.86 ? 128 GLN A C   1 
ATOM   1014 O  O   . GLN A 1 129 ? -12.540 -0.299  4.925   1.00 12.33 ? 128 GLN A O   1 
ATOM   1015 C  CB  . GLN A 1 129 ? -12.884 -2.133  7.589   1.00 12.41 ? 128 GLN A CB  1 
ATOM   1016 C  CG  . GLN A 1 129 ? -12.276 -3.137  6.612   1.00 13.36 ? 128 GLN A CG  1 
ATOM   1017 C  CD  . GLN A 1 129 ? -12.681 -4.581  6.957   1.00 13.44 ? 128 GLN A CD  1 
ATOM   1018 O  OE1 . GLN A 1 129 ? -12.867 -4.870  8.126   1.00 14.33 ? 128 GLN A OE1 1 
ATOM   1019 N  NE2 . GLN A 1 129 ? -12.893 -5.458  5.921   1.00 15.16 ? 128 GLN A NE2 1 
ATOM   1020 N  N   . GLY A 1 130 ? -14.448 0.088   6.087   1.00 9.87  ? 129 GLY A N   1 
ATOM   1021 C  CA  . GLY A 1 130 ? -15.190 0.627   4.967   1.00 11.09 ? 129 GLY A CA  1 
ATOM   1022 C  C   . GLY A 1 130 ? -14.500 1.792   4.307   1.00 10.15 ? 129 GLY A C   1 
ATOM   1023 O  O   . GLY A 1 130 ? -14.345 1.888   3.076   1.00 10.79 ? 129 GLY A O   1 
ATOM   1024 N  N   . ALA A 1 131 ? -14.117 2.743   5.166   1.00 10.44 ? 130 ALA A N   1 
ATOM   1025 C  CA  . ALA A 1 131 ? -13.528 4.002   4.703   1.00 10.05 ? 130 ALA A CA  1 
ATOM   1026 C  C   . ALA A 1 131 ? -12.128 3.773   4.053   1.00 9.82  ? 130 ALA A C   1 
ATOM   1027 O  O   . ALA A 1 131 ? -11.855 4.249   2.961   1.00 9.98  ? 130 ALA A O   1 
ATOM   1028 C  CB  . ALA A 1 131 ? -13.511 4.993   5.840   1.00 10.33 ? 130 ALA A CB  1 
ATOM   1029 N  N   . MET A 1 132 ? -11.315 2.937   4.682   1.00 10.96 ? 131 MET A N   1 
ATOM   1030 C  CA  . MET A 1 132 ? -9.987  2.590   4.114   1.00 10.75 ? 131 MET A CA  1 
ATOM   1031 C  C   . MET A 1 132 ? -10.164 1.853   2.773   1.00 10.29 ? 131 MET A C   1 
ATOM   1032 O  O   . MET A 1 132 ? -9.455  2.183   1.835   1.00 9.39  ? 131 MET A O   1 
ATOM   1033 C  CB  . MET A 1 132 ? -9.190  1.739   5.124   1.00 12.52 ? 131 MET A CB  1 
ATOM   1034 C  CG  . MET A 1 132 ? -7.772  1.423   4.700   1.00 14.22 ? 131 MET A CG  1 
ATOM   1035 S  SD  . MET A 1 132 ? -6.764  2.937   4.410   1.00 17.57 ? 131 MET A SD  1 
ATOM   1036 C  CE  . MET A 1 132 ? -7.053  3.427   6.042   1.00 13.51 ? 131 MET A CE  1 
ATOM   1037 N  N   . ASN A 1 133 ? -11.126 0.950   2.636   1.00 10.36 ? 132 ASN A N   1 
ATOM   1038 C  CA  . ASN A 1 133 ? -11.398 0.321   1.362   1.00 10.81 ? 132 ASN A CA  1 
ATOM   1039 C  C   . ASN A 1 133 ? -11.686 1.392   0.318   1.00 11.29 ? 132 ASN A C   1 
ATOM   1040 O  O   . ASN A 1 133 ? -11.082 1.348   -0.758  1.00 10.60 ? 132 ASN A O   1 
ATOM   1041 C  CB  . ASN A 1 133 ? -12.616 -0.609  1.395   1.00 11.54 ? 132 ASN A CB  1 
ATOM   1042 C  CG  . ASN A 1 133 ? -12.302 -1.986  1.890   1.00 15.18 ? 132 ASN A CG  1 
ATOM   1043 O  OD1 . ASN A 1 133 ? -11.138 -2.303  2.247   1.00 16.62 ? 132 ASN A OD1 1 
ATOM   1044 N  ND2 . ASN A 1 133 ? -13.359 -2.845  1.911   1.00 15.79 ? 132 ASN A ND2 1 
ATOM   1045 N  N   . LYS A 1 134 ? -12.615 2.291   0.639   1.00 11.24 ? 133 LYS A N   1 
ATOM   1046 C  CA  . LYS A 1 134 ? -12.917 3.408   -0.278  1.00 10.95 ? 133 LYS A CA  1 
ATOM   1047 C  C   . LYS A 1 134 ? -11.661 4.204   -0.691  1.00 10.88 ? 133 LYS A C   1 
ATOM   1048 O  O   . LYS A 1 134 ? -11.468 4.512   -1.887  1.00 10.39 ? 133 LYS A O   1 
ATOM   1049 C  CB  . LYS A 1 134 ? -13.984 4.322   0.296   1.00 12.15 ? 133 LYS A CB  1 
ATOM   1050 C  CG  . LYS A 1 134 ? -15.356 3.773   0.286   1.00 13.75 ? 133 LYS A CG  1 
ATOM   1051 C  CD  . LYS A 1 134 ? -16.405 4.771   0.750   1.00 15.03 ? 133 LYS A CD  1 
ATOM   1052 C  CE  . LYS A 1 134 ? -16.636 5.863   -0.289  1.00 19.53 ? 133 LYS A CE  1 
ATOM   1053 N  NZ  . LYS A 1 134 ? -17.881 6.715   -0.148  1.00 23.22 ? 133 LYS A NZ  1 
ATOM   1054 N  N   . ALA A 1 135 ? -10.852 4.581   0.286   1.00 9.61  ? 134 ALA A N   1 
ATOM   1055 C  CA  . ALA A 1 135 ? -9.572  5.283   0.004   1.00 10.48 ? 134 ALA A CA  1 
ATOM   1056 C  C   . ALA A 1 135 ? -8.638  4.524   -0.897  1.00 10.55 ? 134 ALA A C   1 
ATOM   1057 O  O   . ALA A 1 135 ? -8.093  5.097   -1.855  1.00 10.32 ? 134 ALA A O   1 
ATOM   1058 C  CB  . ALA A 1 135 ? -8.888  5.742   1.249   1.00 10.01 ? 134 ALA A CB  1 
ATOM   1059 N  N   . LEU A 1 136 ? -8.508  3.209   -0.672  1.00 10.28 ? 135 LEU A N   1 
ATOM   1060 C  CA  . LEU A 1 136 ? -7.617  2.388   -1.498  1.00 10.47 ? 135 LEU A CA  1 
ATOM   1061 C  C   . LEU A 1 136 ? -8.167  2.158   -2.871  1.00 9.95  ? 135 LEU A C   1 
ATOM   1062 O  O   . LEU A 1 136 ? -7.372  2.121   -3.866  1.00 9.95  ? 135 LEU A O   1 
ATOM   1063 C  CB  . LEU A 1 136 ? -7.258  1.080   -0.762  1.00 11.32 ? 135 LEU A CB  1 
ATOM   1064 C  CG  . LEU A 1 136 ? -6.537  1.304   0.543   1.00 12.49 ? 135 LEU A CG  1 
ATOM   1065 C  CD1 . LEU A 1 136 ? -6.354  0.023   1.354   1.00 13.75 ? 135 LEU A CD1 1 
ATOM   1066 C  CD2 . LEU A 1 136 ? -5.142  1.913   0.333   1.00 15.31 ? 135 LEU A CD2 1 
ATOM   1067 N  N   . GLU A 1 137 ? -9.508  2.051   -2.963  1.00 9.87  ? 136 GLU A N   1 
ATOM   1068 C  CA  . GLU A 1 137 ? -10.189 1.910   -4.272  1.00 10.17 ? 136 GLU A CA  1 
ATOM   1069 C  C   . GLU A 1 137 ? -9.961  3.189   -5.126  1.00 10.00 ? 136 GLU A C   1 
ATOM   1070 O  O   . GLU A 1 137 ? -9.653  3.102   -6.330  1.00 9.02  ? 136 GLU A O   1 
ATOM   1071 C  CB  . GLU A 1 137 ? -11.654 1.577   -4.040  1.00 11.30 ? 136 GLU A CB  1 
ATOM   1072 C  CG  . GLU A 1 137 ? -11.865 0.108   -3.585  1.00 12.74 ? 136 GLU A CG  1 
ATOM   1073 C  CD  . GLU A 1 137 ? -13.151 -0.191  -2.759  1.00 14.74 ? 136 GLU A CD  1 
ATOM   1074 O  OE1 . GLU A 1 137 ? -14.005 0.698   -2.539  1.00 17.06 ? 136 GLU A OE1 1 
ATOM   1075 O  OE2 . GLU A 1 137 ? -13.337 -1.392  -2.274  1.00 16.39 ? 136 GLU A OE2 1 
ATOM   1076 N  N   . LEU A 1 138 ? -10.051 4.350   -4.496  1.00 10.27 ? 137 LEU A N   1 
ATOM   1077 C  CA  . LEU A 1 138 ? -9.828  5.626   -5.201  1.00 10.31 ? 137 LEU A CA  1 
ATOM   1078 C  C   . LEU A 1 138 ? -8.410  5.722   -5.718  1.00 9.33  ? 137 LEU A C   1 
ATOM   1079 O  O   . LEU A 1 138 ? -8.151  6.127   -6.889  1.00 10.26 ? 137 LEU A O   1 
ATOM   1080 C  CB  . LEU A 1 138 ? -10.129 6.791   -4.293  1.00 10.34 ? 137 LEU A CB  1 
ATOM   1081 C  CG  . LEU A 1 138 ? -9.953  8.136   -4.956  1.00 10.74 ? 137 LEU A CG  1 
ATOM   1082 C  CD1 . LEU A 1 138 ? -10.782 8.371   -6.207  1.00 10.71 ? 137 LEU A CD1 1 
ATOM   1083 C  CD2 . LEU A 1 138 ? -10.185 9.179   -3.899  1.00 11.25 ? 137 LEU A CD2 1 
ATOM   1084 N  N   . PHE A 1 139 ? -7.438  5.322   -4.881  1.00 9.02  ? 138 PHE A N   1 
ATOM   1085 C  CA  . PHE A 1 139 ? -6.041  5.273   -5.305  1.00 10.30 ? 138 PHE A CA  1 
ATOM   1086 C  C   . PHE A 1 139 ? -5.906  4.382   -6.507  1.00 10.61 ? 138 PHE A C   1 
ATOM   1087 O  O   . PHE A 1 139 ? -5.342  4.782   -7.495  1.00 10.22 ? 138 PHE A O   1 
ATOM   1088 C  CB  . PHE A 1 139 ? -5.212  4.773   -4.118  1.00 12.31 ? 138 PHE A CB  1 
ATOM   1089 C  CG  . PHE A 1 139 ? -3.798  4.428   -4.430  1.00 13.15 ? 138 PHE A CG  1 
ATOM   1090 C  CD1 . PHE A 1 139 ? -2.848  5.403   -4.603  1.00 15.43 ? 138 PHE A CD1 1 
ATOM   1091 C  CD2 . PHE A 1 139 ? -3.419  3.109   -4.449  1.00 14.97 ? 138 PHE A CD2 1 
ATOM   1092 C  CE1 . PHE A 1 139 ? -1.507  5.029   -4.798  1.00 17.25 ? 138 PHE A CE1 1 
ATOM   1093 C  CE2 . PHE A 1 139 ? -2.099  2.744   -4.709  1.00 15.53 ? 138 PHE A CE2 1 
ATOM   1094 C  CZ  . PHE A 1 139 ? -1.168  3.713   -4.896  1.00 17.41 ? 138 PHE A CZ  1 
ATOM   1095 N  N   . ARG A 1 140 ? -6.481  3.190   -6.451  1.00 9.30  ? 139 ARG A N   1 
ATOM   1096 C  CA  . ARG A 1 140 ? -6.326  2.254   -7.589  1.00 10.72 ? 139 ARG A CA  1 
ATOM   1097 C  C   . ARG A 1 140 ? -7.051  2.755   -8.875  1.00 10.72 ? 139 ARG A C   1 
ATOM   1098 O  O   . ARG A 1 140 ? -6.489  2.615   -9.984  1.00 11.00 ? 139 ARG A O   1 
ATOM   1099 C  CB  . ARG A 1 140 ? -6.918  0.909   -7.260  1.00 12.36 ? 139 ARG A CB  1 
ATOM   1100 C  CG  . ARG A 1 140 ? -6.199  0.096   -6.283  1.00 14.77 ? 139 ARG A CG  1 
ATOM   1101 C  CD  . ARG A 1 140 ? -6.454  -1.422  -6.470  1.00 16.18 ? 139 ARG A CD  1 
ATOM   1102 N  NE  . ARG A 1 140 ? -7.869  -1.855  -6.337  1.00 15.23 ? 139 ARG A NE  1 
ATOM   1103 C  CZ  . ARG A 1 140 ? -8.506  -2.024  -5.180  1.00 18.66 ? 139 ARG A CZ  1 
ATOM   1104 N  NH1 . ARG A 1 140 ? -7.953  -1.698  -4.003  1.00 17.78 ? 139 ARG A NH1 1 
ATOM   1105 N  NH2 . ARG A 1 140 ? -9.735  -2.460  -5.181  1.00 17.29 ? 139 ARG A NH2 1 
ATOM   1106 N  N   . LYS A 1 141 ? -8.257  3.286   -8.706  1.00 10.49 ? 140 LYS A N   1 
ATOM   1107 C  CA  . LYS A 1 141 ? -8.980  3.876   -9.796  1.00 11.96 ? 140 LYS A CA  1 
ATOM   1108 C  C   . LYS A 1 141 ? -8.142  4.949   -10.509 1.00 11.60 ? 140 LYS A C   1 
ATOM   1109 O  O   . LYS A 1 141 ? -8.041  4.980   -11.749 1.00 10.51 ? 140 LYS A O   1 
ATOM   1110 C  CB  . LYS A 1 141 ? -10.299 4.474   -9.286  1.00 14.48 ? 140 LYS A CB  1 
ATOM   1111 C  CG  . LYS A 1 141 ? -11.101 5.180   -10.366 1.00 18.15 ? 140 LYS A CG  1 
ATOM   1112 C  CD  . LYS A 1 141 ? -12.367 5.870   -9.881  1.00 20.99 ? 140 LYS A CD  1 
ATOM   1113 C  CE  . LYS A 1 141 ? -12.945 6.695   -11.039 1.00 27.00 ? 140 LYS A CE  1 
ATOM   1114 N  NZ  . LYS A 1 141 ? -14.294 7.337   -10.844 1.00 34.34 ? 140 LYS A NZ  1 
ATOM   1115 N  N   . ASP A 1 142 ? -7.598  5.869   -9.726  1.00 10.50 ? 141 ASP A N   1 
ATOM   1116 C  CA  . ASP A 1 142 ? -6.809  6.977   -10.300 1.00 11.04 ? 141 ASP A CA  1 
ATOM   1117 C  C   . ASP A 1 142 ? -5.498  6.535   -10.917 1.00 12.34 ? 141 ASP A C   1 
ATOM   1118 O  O   . ASP A 1 142 ? -5.093  7.034   -11.966 1.00 12.72 ? 141 ASP A O   1 
ATOM   1119 C  CB  . ASP A 1 142 ? -6.670  8.115   -9.292  1.00 11.87 ? 141 ASP A CB  1 
ATOM   1120 C  CG  . ASP A 1 142 ? -7.997  8.841   -9.011  1.00 12.99 ? 141 ASP A CG  1 
ATOM   1121 O  OD1 . ASP A 1 142 ? -9.012  8.739   -9.762  1.00 12.98 ? 141 ASP A OD1 1 
ATOM   1122 O  OD2 . ASP A 1 142 ? -8.068  9.591   -7.997  1.00 13.63 ? 141 ASP A OD2 1 
ATOM   1123 N  N   . ILE A 1 143 ? -4.829  5.561   -10.330 1.00 12.14 ? 142 ILE A N   1 
ATOM   1124 C  CA  . ILE A 1 143 ? -3.653  4.987   -10.952 1.00 13.12 ? 142 ILE A CA  1 
ATOM   1125 C  C   . ILE A 1 143 ? -4.001  4.292   -12.273 1.00 14.03 ? 142 ILE A C   1 
ATOM   1126 O  O   . ILE A 1 143 ? -3.292  4.410   -13.255 1.00 15.11 ? 142 ILE A O   1 
ATOM   1127 C  CB  . ILE A 1 143 ? -2.926  3.956   -9.962  1.00 14.72 ? 142 ILE A CB  1 
ATOM   1128 C  CG1 . ILE A 1 143 ? -2.173  4.781   -8.920  1.00 16.70 ? 142 ILE A CG1 1 
ATOM   1129 C  CG2 . ILE A 1 143 ? -1.932  3.029   -10.736 1.00 16.79 ? 142 ILE A CG2 1 
ATOM   1130 C  CD1 . ILE A 1 143 ? -0.664  4.901   -9.187  1.00 19.93 ? 142 ILE A CD1 1 
ATOM   1131 N  N   . ALA A 1 144 ? -5.073  3.513   -12.227 1.00 13.12 ? 143 ALA A N   1 
ATOM   1132 C  CA  . ALA A 1 144 ? -5.513  2.648   -13.354 1.00 13.90 ? 143 ALA A CA  1 
ATOM   1133 C  C   . ALA A 1 144 ? -5.820  3.545   -14.581 1.00 12.83 ? 143 ALA A C   1 
ATOM   1134 O  O   . ALA A 1 144 ? -5.509  3.180   -15.729 1.00 14.73 ? 143 ALA A O   1 
ATOM   1135 C  CB  . ALA A 1 144 ? -6.724  1.860   -12.948 1.00 15.10 ? 143 ALA A CB  1 
ATOM   1136 N  N   . ALA A 1 145 ? -6.372  4.729   -14.344 1.00 12.71 ? 144 ALA A N   1 
ATOM   1137 C  CA  . ALA A 1 145 ? -6.623  5.655   -15.423 1.00 14.37 ? 144 ALA A CA  1 
ATOM   1138 C  C   . ALA A 1 145 ? -5.329  6.065   -16.099 1.00 14.96 ? 144 ALA A C   1 
ATOM   1139 O  O   . ALA A 1 145 ? -5.291  6.235   -17.300 1.00 14.79 ? 144 ALA A O   1 
ATOM   1140 C  CB  . ALA A 1 145 ? -7.320  6.900   -14.881 1.00 15.05 ? 144 ALA A CB  1 
ATOM   1141 N  N   . LYS A 1 146 ? -4.285  6.343   -15.322 1.00 16.50 ? 145 LYS A N   1 
ATOM   1142 C  CA  . LYS A 1 146 ? -2.942  6.628   -15.885 1.00 18.61 ? 145 LYS A CA  1 
ATOM   1143 C  C   . LYS A 1 146 ? -2.306  5.426   -16.640 1.00 18.72 ? 145 LYS A C   1 
ATOM   1144 O  O   . LYS A 1 146 ? -1.821  5.570   -17.723 1.00 20.13 ? 145 LYS A O   1 
ATOM   1145 C  CB  . LYS A 1 146 ? -2.071  7.220   -14.785 1.00 19.87 ? 145 LYS A CB  1 
ATOM   1146 C  CG  . LYS A 1 146 ? -2.688  8.468   -14.149 1.00 22.95 ? 145 LYS A CG  1 
ATOM   1147 C  CD  . LYS A 1 146 ? -1.713  9.362   -13.391 1.00 27.70 ? 145 LYS A CD  1 
ATOM   1148 C  CE  . LYS A 1 146 ? -2.271  10.772  -13.171 1.00 29.56 ? 145 LYS A CE  1 
ATOM   1149 N  NZ  . LYS A 1 146 ? -2.180  11.661  -14.383 1.00 29.91 ? 145 LYS A NZ  1 
ATOM   1150 N  N   . TYR A 1 147 ? -2.361  4.221   -16.078 1.00 16.29 ? 146 TYR A N   1 
ATOM   1151 C  CA  . TYR A 1 147 ? -2.022  3.009   -16.795 1.00 15.49 ? 146 TYR A CA  1 
ATOM   1152 C  C   . TYR A 1 147 ? -2.709  2.896   -18.153 1.00 17.15 ? 146 TYR A C   1 
ATOM   1153 O  O   . TYR A 1 147 ? -2.038  2.589   -19.156 1.00 16.65 ? 146 TYR A O   1 
ATOM   1154 C  CB  . TYR A 1 147 ? -2.377  1.800   -15.994 1.00 14.97 ? 146 TYR A CB  1 
ATOM   1155 C  CG  . TYR A 1 147 ? -1.320  1.317   -15.003 1.00 14.10 ? 146 TYR A CG  1 
ATOM   1156 C  CD1 . TYR A 1 147 ? -0.789  2.145   -14.026 1.00 14.49 ? 146 TYR A CD1 1 
ATOM   1157 C  CD2 . TYR A 1 147 ? -1.000  -0.026  -14.959 1.00 15.06 ? 146 TYR A CD2 1 
ATOM   1158 C  CE1 . TYR A 1 147 ? 0.099   1.673   -13.078 1.00 13.97 ? 146 TYR A CE1 1 
ATOM   1159 C  CE2 . TYR A 1 147 ? -0.067  -0.506  -14.047 1.00 14.53 ? 146 TYR A CE2 1 
ATOM   1160 C  CZ  . TYR A 1 147 ? 0.428   0.358   -13.061 1.00 15.04 ? 146 TYR A CZ  1 
ATOM   1161 O  OH  . TYR A 1 147 ? 1.297   -0.105  -12.088 1.00 13.10 ? 146 TYR A OH  1 
ATOM   1162 N  N   . LYS A 1 148 ? -4.018  3.117   -18.176 1.00 16.56 ? 147 LYS A N   1 
ATOM   1163 C  CA  . LYS A 1 148 ? -4.810  2.924   -19.424 1.00 17.43 ? 147 LYS A CA  1 
ATOM   1164 C  C   . LYS A 1 148 ? -4.341  3.973   -20.433 1.00 18.63 ? 147 LYS A C   1 
ATOM   1165 O  O   . LYS A 1 148 ? -4.095  3.620   -21.594 1.00 18.90 ? 147 LYS A O   1 
ATOM   1166 C  CB  . LYS A 1 148 ? -6.337  3.042   -19.170 1.00 19.60 ? 147 LYS A CB  1 
ATOM   1167 C  CG  . LYS A 1 148 ? -7.208  2.923   -20.438 1.00 21.64 ? 147 LYS A CG  1 
ATOM   1168 C  CD  . LYS A 1 148 ? -8.728  3.035   -20.170 1.00 22.14 ? 147 LYS A CD  1 
ATOM   1169 C  CE  . LYS A 1 148 ? -9.594  2.912   -21.450 1.00 27.34 ? 147 LYS A CE  1 
ATOM   1170 N  NZ  . LYS A 1 148 ? -9.550  3.980   -22.511 1.00 29.53 ? 147 LYS A NZ  1 
ATOM   1171 N  N   . GLU A 1 149 ? -4.159  5.205   -19.975 1.00 18.35 ? 148 GLU A N   1 
ATOM   1172 C  CA  . GLU A 1 149 ? -3.558  6.265   -20.808 1.00 21.71 ? 148 GLU A CA  1 
ATOM   1173 C  C   . GLU A 1 149 ? -2.337  5.713   -21.580 1.00 23.31 ? 148 GLU A C   1 
ATOM   1174 O  O   . GLU A 1 149 ? -2.241  5.828   -22.815 1.00 25.11 ? 148 GLU A O   1 
ATOM   1175 C  CB  . GLU A 1 149 ? -3.210  7.515   -19.985 1.00 23.16 ? 148 GLU A CB  1 
ATOM   1176 C  CG  . GLU A 1 149 ? -2.414  8.578   -20.727 1.00 26.73 ? 148 GLU A CG  1 
ATOM   1177 C  CD  . GLU A 1 149 ? -2.158  9.822   -19.925 1.00 30.58 ? 148 GLU A CD  1 
ATOM   1178 O  OE1 . GLU A 1 149 ? -2.920  10.096  -18.968 1.00 32.72 ? 148 GLU A OE1 1 
ATOM   1179 O  OE2 . GLU A 1 149 ? -1.180  10.523  -20.241 1.00 37.88 ? 148 GLU A OE2 1 
ATOM   1180 N  N   . LEU A 1 150 ? -1.453  5.061   -20.846 1.00 20.75 ? 149 LEU A N   1 
ATOM   1181 C  CA  . LEU A 1 150 ? -0.138  4.608   -21.372 1.00 22.08 ? 149 LEU A CA  1 
ATOM   1182 C  C   . LEU A 1 150 ? -0.176  3.208   -22.027 1.00 21.11 ? 149 LEU A C   1 
ATOM   1183 O  O   . LEU A 1 150 ? 0.859   2.695   -22.429 1.00 27.08 ? 149 LEU A O   1 
ATOM   1184 C  CB  . LEU A 1 150 ? 0.850   4.589   -20.202 1.00 21.93 ? 149 LEU A CB  1 
ATOM   1185 C  CG  . LEU A 1 150 ? 1.147   5.936   -19.480 1.00 24.29 ? 149 LEU A CG  1 
ATOM   1186 C  CD1 . LEU A 1 150 ? 1.915   5.773   -18.175 1.00 26.14 ? 149 LEU A CD1 1 
ATOM   1187 C  CD2 . LEU A 1 150 ? 1.824   6.912   -20.429 1.00 25.86 ? 149 LEU A CD2 1 
ATOM   1188 N  N   . GLY A 1 151 ? -1.326  2.542   -22.081 1.00 20.79 ? 150 GLY A N   1 
ATOM   1189 C  CA  . GLY A 1 151 ? -1.460  1.234   -22.710 1.00 21.29 ? 150 GLY A CA  1 
ATOM   1190 C  C   . GLY A 1 151 ? -1.153  0.033   -21.819 1.00 23.56 ? 150 GLY A C   1 
ATOM   1191 O  O   . GLY A 1 151 ? -0.925  -1.040  -22.342 1.00 24.36 ? 150 GLY A O   1 
ATOM   1192 N  N   . TYR A 1 152 ? -1.136  0.222   -20.492 1.00 23.86 ? 151 TYR A N   1 
ATOM   1193 C  CA  . TYR A 1 152 ? -0.810  -0.852  -19.541 1.00 32.79 ? 151 TYR A CA  1 
ATOM   1194 C  C   . TYR A 1 152 ? -1.981  -1.168  -18.609 1.00 33.70 ? 151 TYR A C   1 
ATOM   1195 O  O   . TYR A 1 152 ? -3.154  -1.015  -18.998 1.00 37.77 ? 151 TYR A O   1 
ATOM   1196 C  CB  . TYR A 1 152 ? 0.471   -0.512  -18.748 1.00 35.20 ? 151 TYR A CB  1 
ATOM   1197 C  CG  . TYR A 1 152 ? 1.114   -1.704  -18.015 1.00 47.66 ? 151 TYR A CG  1 
ATOM   1198 C  CD1 . TYR A 1 152 ? 1.323   -2.929  -18.657 1.00 52.35 ? 151 TYR A CD1 1 
ATOM   1199 C  CD2 . TYR A 1 152 ? 1.522   -1.604  -16.664 1.00 53.01 ? 151 TYR A CD2 1 
ATOM   1200 C  CE1 . TYR A 1 152 ? 1.898   -4.006  -17.976 1.00 56.97 ? 151 TYR A CE1 1 
ATOM   1201 C  CE2 . TYR A 1 152 ? 2.123   -2.676  -15.978 1.00 48.72 ? 151 TYR A CE2 1 
ATOM   1202 C  CZ  . TYR A 1 152 ? 2.300   -3.867  -16.642 1.00 52.93 ? 151 TYR A CZ  1 
ATOM   1203 O  OH  . TYR A 1 152 ? 2.853   -4.954  -16.029 1.00 52.70 ? 151 TYR A OH  1 
HETATM 1204 C  CHA . HEM B 2 .   ? 9.315   1.518   -5.848  1.00 9.27  ? 201 HEM A CHA 1 
HETATM 1205 C  CHB . HEM B 2 .   ? 5.391   3.269   -3.753  1.00 9.66  ? 201 HEM A CHB 1 
HETATM 1206 C  CHC . HEM B 2 .   ? 3.036   -0.791  -4.760  1.00 9.39  ? 201 HEM A CHC 1 
HETATM 1207 C  CHD . HEM B 2 .   ? 7.026   -2.518  -6.949  1.00 10.03 ? 201 HEM A CHD 1 
HETATM 1208 C  C1A . HEM B 2 .   ? 8.442   2.343   -5.214  1.00 9.92  ? 201 HEM A C1A 1 
HETATM 1209 C  C2A . HEM B 2 .   ? 8.765   3.676   -4.786  1.00 10.20 ? 201 HEM A C2A 1 
HETATM 1210 C  C3A . HEM B 2 .   ? 7.694   4.177   -4.177  1.00 10.07 ? 201 HEM A C3A 1 
HETATM 1211 C  C4A . HEM B 2 .   ? 6.674   3.177   -4.242  1.00 10.26 ? 201 HEM A C4A 1 
HETATM 1212 C  CMA . HEM B 2 .   ? 7.566   5.584   -3.571  1.00 8.97  ? 201 HEM A CMA 1 
HETATM 1213 C  CAA . HEM B 2 .   ? 10.086  4.432   -4.975  1.00 10.76 ? 201 HEM A CAA 1 
HETATM 1214 C  CBA . HEM B 2 .   ? 9.860   5.486   -6.083  1.00 12.35 ? 201 HEM A CBA 1 
HETATM 1215 C  CGA . HEM B 2 .   ? 9.415   4.900   -7.406  1.00 13.18 ? 201 HEM A CGA 1 
HETATM 1216 O  O1A . HEM B 2 .   ? 10.073  4.000   -8.002  1.00 14.19 ? 201 HEM A O1A 1 
HETATM 1217 O  O2A . HEM B 2 .   ? 8.362   5.376   -7.983  1.00 15.42 ? 201 HEM A O2A 1 
HETATM 1218 C  C1B . HEM B 2 .   ? 4.400   2.305   -3.831  1.00 9.50  ? 201 HEM A C1B 1 
HETATM 1219 C  C2B . HEM B 2 .   ? 3.090   2.484   -3.292  1.00 9.44  ? 201 HEM A C2B 1 
HETATM 1220 C  C3B . HEM B 2 .   ? 2.393   1.377   -3.602  1.00 10.41 ? 201 HEM A C3B 1 
HETATM 1221 C  C4B . HEM B 2 .   ? 3.314   0.503   -4.329  1.00 9.18  ? 201 HEM A C4B 1 
HETATM 1222 C  CMB . HEM B 2 .   ? 2.517   3.720   -2.569  1.00 10.08 ? 201 HEM A CMB 1 
HETATM 1223 C  CAB . HEM B 2 .   ? 1.023   0.976   -3.250  1.00 10.05 ? 201 HEM A CAB 1 
HETATM 1224 C  CBB . HEM B 2 .   ? 0.382   1.343   -2.125  1.00 10.86 ? 201 HEM A CBB 1 
HETATM 1225 C  C1C . HEM B 2 .   ? 3.893   -1.597  -5.450  1.00 8.82  ? 201 HEM A C1C 1 
HETATM 1226 C  C2C . HEM B 2 .   ? 3.631   -2.962  -5.752  1.00 8.97  ? 201 HEM A C2C 1 
HETATM 1227 C  C3C . HEM B 2 .   ? 4.786   -3.511  -6.343  1.00 8.87  ? 201 HEM A C3C 1 
HETATM 1228 C  C4C . HEM B 2 .   ? 5.747   -2.431  -6.452  1.00 9.31  ? 201 HEM A C4C 1 
HETATM 1229 C  CMC . HEM B 2 .   ? 2.389   -3.691  -5.466  1.00 9.12  ? 201 HEM A CMC 1 
HETATM 1230 C  CAC . HEM B 2 .   ? 5.065   -4.906  -6.876  1.00 8.35  ? 201 HEM A CAC 1 
HETATM 1231 C  CBC . HEM B 2 .   ? 4.282   -5.950  -6.747  1.00 9.03  ? 201 HEM A CBC 1 
HETATM 1232 C  C1D . HEM B 2 .   ? 7.980   -1.544  -6.791  1.00 9.88  ? 201 HEM A C1D 1 
HETATM 1233 C  C2D . HEM B 2 .   ? 9.379   -1.765  -7.280  1.00 9.94  ? 201 HEM A C2D 1 
HETATM 1234 C  C3D . HEM B 2 .   ? 10.019  -0.636  -6.981  1.00 10.75 ? 201 HEM A C3D 1 
HETATM 1235 C  C4D . HEM B 2 .   ? 9.010   0.221   -6.311  1.00 9.51  ? 201 HEM A C4D 1 
HETATM 1236 C  CMD . HEM B 2 .   ? 9.917   -2.979  -7.999  1.00 10.08 ? 201 HEM A CMD 1 
HETATM 1237 C  CAD . HEM B 2 .   ? 11.482  -0.420  -7.142  1.00 10.52 ? 201 HEM A CAD 1 
HETATM 1238 C  CBD . HEM B 2 .   ? 12.272  -0.836  -5.837  1.00 11.90 ? 201 HEM A CBD 1 
HETATM 1239 C  CGD . HEM B 2 .   ? 13.806  -0.684  -5.993  1.00 11.85 ? 201 HEM A CGD 1 
HETATM 1240 O  O1D . HEM B 2 .   ? 14.441  -1.393  -6.752  1.00 12.50 ? 201 HEM A O1D 1 
HETATM 1241 O  O2D . HEM B 2 .   ? 14.399  0.202   -5.342  1.00 12.40 ? 201 HEM A O2D 1 
HETATM 1242 N  NA  . HEM B 2 .   ? 7.144   2.062   -4.868  1.00 9.12  ? 201 HEM A NA  1 
HETATM 1243 N  NB  . HEM B 2 .   ? 4.484   1.075   -4.393  1.00 10.05 ? 201 HEM A NB  1 
HETATM 1244 N  NC  . HEM B 2 .   ? 5.148   -1.366  -5.809  1.00 9.27  ? 201 HEM A NC  1 
HETATM 1245 N  ND  . HEM B 2 .   ? 7.775   -0.311  -6.246  1.00 9.74  ? 201 HEM A ND  1 
HETATM 1246 FE FE  . HEM B 2 .   ? 6.175   0.355   -5.344  1.00 9.97  ? 201 HEM A FE  1 
HETATM 1247 N  N   . NO  C 3 .   ? 6.690   -0.571  -3.896  1.00 11.09 ? 202 NO  A N   1 
HETATM 1248 O  O   . NO  C 3 .   ? 6.174   -1.341  -3.087  1.00 14.85 ? 202 NO  A O   1 
HETATM 1249 S  S   . SO4 D 4 .   ? 8.681   -20.029 4.976   1.00 15.22 ? 203 SO4 A S   1 
HETATM 1250 O  O1  . SO4 D 4 .   ? 9.798   -20.816 4.705   1.00 19.33 ? 203 SO4 A O1  1 
HETATM 1251 O  O2  . SO4 D 4 .   ? 8.625   -20.005 6.513   1.00 22.64 ? 203 SO4 A O2  1 
HETATM 1252 O  O3  . SO4 D 4 .   ? 7.400   -20.687 4.467   1.00 14.30 ? 203 SO4 A O3  1 
HETATM 1253 O  O4  . SO4 D 4 .   ? 8.820   -18.653 4.590   1.00 18.49 ? 203 SO4 A O4  1 
HETATM 1254 N  N   . NO2 E 5 .   ? -4.229  -10.516 1.680   1.00 18.64 ? 204 NO2 A N   1 
HETATM 1255 O  O1  . NO2 E 5 .   ? -4.893  -10.688 2.674   1.00 23.23 ? 204 NO2 A O1  1 
HETATM 1256 O  O2  . NO2 E 5 .   ? -2.942  -10.220 1.935   1.00 16.52 ? 204 NO2 A O2  1 
HETATM 1257 C  C1  . GOL F 6 .   ? -19.490 12.623  -6.613  1.00 32.35 ? 205 GOL A C1  1 
HETATM 1258 O  O1  . GOL F 6 .   ? -20.227 13.561  -7.417  1.00 29.03 ? 205 GOL A O1  1 
HETATM 1259 C  C2  . GOL F 6 .   ? -20.394 11.597  -5.934  1.00 28.50 ? 205 GOL A C2  1 
HETATM 1260 O  O2  . GOL F 6 .   ? -19.646 10.365  -5.926  1.00 41.92 ? 205 GOL A O2  1 
HETATM 1261 C  C3  . GOL F 6 .   ? -20.918 12.102  -4.588  1.00 25.70 ? 205 GOL A C3  1 
HETATM 1262 O  O3  . GOL F 6 .   ? -20.733 11.178  -3.538  1.00 37.53 ? 205 GOL A O3  1 
HETATM 1263 O  O   . HOH G 7 .   ? -21.566 13.553  -8.958  1.00 24.32 ? 301 HOH A O   1 
HETATM 1264 O  O   . HOH G 7 .   ? 12.758  -15.600 -6.234  1.00 28.98 ? 302 HOH A O   1 
HETATM 1265 O  O   . HOH G 7 .   ? 14.483  -5.282  11.241  1.00 38.23 ? 303 HOH A O   1 
HETATM 1266 O  O   . HOH G 7 .   ? 5.349   -10.090 9.336   1.00 27.11 ? 304 HOH A O   1 
HETATM 1267 O  O   . HOH G 7 .   ? -6.656  5.280   15.838  1.00 30.73 ? 305 HOH A O   1 
HETATM 1268 O  O   . HOH G 7 .   ? 10.020  -4.995  -12.091 1.00 25.09 ? 306 HOH A O   1 
HETATM 1269 O  O   . HOH G 7 .   ? 8.646   -1.024  6.409   1.00 27.47 ? 307 HOH A O   1 
HETATM 1270 O  O   . HOH G 7 .   ? 15.766  -1.221  8.750   1.00 24.19 ? 308 HOH A O   1 
HETATM 1271 O  O   . HOH G 7 .   ? -10.712 -8.510  -8.120  1.00 18.36 ? 309 HOH A O   1 
HETATM 1272 O  O   . HOH G 7 .   ? -1.305  12.365  -21.958 1.00 17.11 ? 310 HOH A O   1 
HETATM 1273 O  O   . HOH G 7 .   ? 16.924  -1.507  -7.185  1.00 18.78 ? 311 HOH A O   1 
HETATM 1274 O  O   . HOH G 7 .   ? -4.741  0.288   -4.143  1.00 36.23 ? 312 HOH A O   1 
HETATM 1275 O  O   . HOH G 7 .   ? 7.747   8.465   6.920   1.00 28.86 ? 313 HOH A O   1 
HETATM 1276 O  O   . HOH G 7 .   ? 14.311  4.405   0.083   1.00 25.59 ? 314 HOH A O   1 
HETATM 1277 O  O   . HOH G 7 .   ? -15.033 2.819   -3.552  1.00 27.87 ? 315 HOH A O   1 
HETATM 1278 O  O   . HOH G 7 .   ? -15.655 14.777  0.657   1.00 34.34 ? 316 HOH A O   1 
HETATM 1279 O  O   . HOH G 7 .   ? -12.725 15.034  7.438   1.00 23.42 ? 317 HOH A O   1 
HETATM 1280 O  O   . HOH G 7 .   ? 7.219   -18.447 8.070   1.00 17.51 ? 318 HOH A O   1 
HETATM 1281 O  O   . HOH G 7 .   ? -1.498  -14.622 -6.422  1.00 25.89 ? 319 HOH A O   1 
HETATM 1282 O  O   . HOH G 7 .   ? 17.929  -7.641  10.919  1.00 23.67 ? 320 HOH A O   1 
HETATM 1283 O  O   . HOH G 7 .   ? -14.458 7.650   -4.231  1.00 32.58 ? 321 HOH A O   1 
HETATM 1284 O  O   . HOH G 7 .   ? -8.626  -7.065  13.808  1.00 30.42 ? 322 HOH A O   1 
HETATM 1285 O  O   . HOH G 7 .   ? -4.597  -10.938 -1.140  1.00 26.40 ? 323 HOH A O   1 
HETATM 1286 O  O   . HOH G 7 .   ? 0.381   8.368   15.530  1.00 16.30 ? 324 HOH A O   1 
HETATM 1287 O  O   . HOH G 7 .   ? -3.835  0.898   17.614  1.00 26.76 ? 325 HOH A O   1 
HETATM 1288 O  O   . HOH G 7 .   ? -15.649 -1.990  0.926   1.00 27.49 ? 326 HOH A O   1 
HETATM 1289 O  O   . HOH G 7 .   ? 17.520  -5.584  -0.554  1.00 13.33 ? 327 HOH A O   1 
HETATM 1290 O  O   . HOH G 7 .   ? 17.547  -11.065 5.680   1.00 14.94 ? 328 HOH A O   1 
HETATM 1291 O  O   . HOH G 7 .   ? 12.439  -1.482  -16.441 1.00 39.25 ? 329 HOH A O   1 
HETATM 1292 O  O   . HOH G 7 .   ? 3.217   15.308  -10.664 1.00 15.02 ? 330 HOH A O   1 
HETATM 1293 O  O   . HOH G 7 .   ? 7.293   -20.447 1.824   1.00 19.20 ? 331 HOH A O   1 
HETATM 1294 O  O   . HOH G 7 .   ? 0.879   1.417   15.733  1.00 20.35 ? 332 HOH A O   1 
HETATM 1295 O  O   . HOH G 7 .   ? 5.953   -11.776 -11.473 1.00 25.87 ? 333 HOH A O   1 
HETATM 1296 O  O   . HOH G 7 .   ? -14.953 -4.734  9.780   1.00 27.54 ? 334 HOH A O   1 
HETATM 1297 O  O   . HOH G 7 .   ? 12.565  3.468   -7.180  1.00 22.82 ? 335 HOH A O   1 
HETATM 1298 O  O   . HOH G 7 .   ? -9.225  11.953  -7.473  1.00 20.86 ? 336 HOH A O   1 
HETATM 1299 O  O   . HOH G 7 .   ? 10.060  3.678   -18.010 1.00 31.04 ? 337 HOH A O   1 
HETATM 1300 O  O   . HOH G 7 .   ? -13.010 -5.319  2.920   1.00 26.20 ? 338 HOH A O   1 
HETATM 1301 O  O   . HOH G 7 .   ? -8.963  9.211   -12.415 1.00 26.28 ? 339 HOH A O   1 
HETATM 1302 O  O   . HOH G 7 .   ? -14.015 -4.140  12.535  1.00 30.82 ? 340 HOH A O   1 
HETATM 1303 O  O   . HOH G 7 .   ? -8.359  3.919   17.871  1.00 38.75 ? 341 HOH A O   1 
HETATM 1304 O  O   . HOH G 7 .   ? 8.649   -15.368 -5.699  1.00 14.07 ? 342 HOH A O   1 
HETATM 1305 O  O   . HOH G 7 .   ? -11.265 -3.092  -2.671  1.00 17.28 ? 343 HOH A O   1 
HETATM 1306 O  O   . HOH G 7 .   ? -8.586  11.677  11.399  1.00 28.26 ? 344 HOH A O   1 
HETATM 1307 O  O   . HOH G 7 .   ? 17.924  -9.731  -4.711  1.00 16.45 ? 345 HOH A O   1 
HETATM 1308 O  O   . HOH G 7 .   ? 0.068   -2.840  17.247  1.00 26.56 ? 346 HOH A O   1 
HETATM 1309 O  O   . HOH G 7 .   ? -11.562 9.654   -9.462  1.00 21.15 ? 347 HOH A O   1 
HETATM 1310 O  O   . HOH G 7 .   ? -15.301 10.243  11.084  1.00 22.63 ? 348 HOH A O   1 
HETATM 1311 O  O   . HOH G 7 .   ? -20.202 9.448   5.772   1.00 28.09 ? 349 HOH A O   1 
HETATM 1312 O  O   . HOH G 7 .   ? 11.051  -15.135 -11.634 1.00 32.16 ? 350 HOH A O   1 
HETATM 1313 O  O   . HOH G 7 .   ? 8.916   -1.964  14.305  1.00 37.55 ? 351 HOH A O   1 
HETATM 1314 O  O   . HOH G 7 .   ? 20.506  1.628   2.981   1.00 22.73 ? 352 HOH A O   1 
HETATM 1315 O  O   . HOH G 7 .   ? 12.496  -1.614  -11.342 1.00 22.86 ? 353 HOH A O   1 
HETATM 1316 O  O   . HOH G 7 .   ? -2.258  -2.185  18.334  1.00 32.84 ? 354 HOH A O   1 
HETATM 1317 O  O   . HOH G 7 .   ? 0.406   -8.897  14.294  1.00 27.29 ? 355 HOH A O   1 
HETATM 1318 O  O   . HOH G 7 .   ? 1.494   -1.217  15.464  1.00 22.45 ? 356 HOH A O   1 
HETATM 1319 O  O   . HOH G 7 .   ? 15.433  -18.791 6.857   1.00 12.81 ? 357 HOH A O   1 
HETATM 1320 O  O   . HOH G 7 .   ? 9.427   2.406   13.609  1.00 20.68 ? 358 HOH A O   1 
HETATM 1321 O  O   . HOH G 7 .   ? 3.673   10.522  4.576   1.00 23.52 ? 359 HOH A O   1 
HETATM 1322 O  O   . HOH G 7 .   ? -16.090 0.126   -0.832  1.00 26.47 ? 360 HOH A O   1 
HETATM 1323 O  O   . HOH G 7 .   ? -11.351 16.112  -0.201  1.00 24.18 ? 361 HOH A O   1 
HETATM 1324 O  O   . HOH G 7 .   ? -0.096  -16.270 -6.096  1.00 27.27 ? 362 HOH A O   1 
HETATM 1325 O  O   . HOH G 7 .   ? -6.096  10.546  -1.549  1.00 10.05 ? 363 HOH A O   1 
HETATM 1326 O  O   . HOH G 7 .   ? -17.160 4.281   6.891   1.00 17.76 ? 364 HOH A O   1 
HETATM 1327 O  O   . HOH G 7 .   ? 13.611  -3.996  -7.188  1.00 11.64 ? 365 HOH A O   1 
HETATM 1328 O  O   . HOH G 7 .   ? -9.856  -4.459  1.070   1.00 28.15 ? 366 HOH A O   1 
HETATM 1329 O  O   . HOH G 7 .   ? -6.130  9.490   -12.731 1.00 20.34 ? 367 HOH A O   1 
HETATM 1330 O  O   . HOH G 7 .   ? -16.078 -2.566  14.450  1.00 23.87 ? 368 HOH A O   1 
HETATM 1331 O  O   . HOH G 7 .   ? 9.285   3.564   11.264  1.00 21.85 ? 369 HOH A O   1 
HETATM 1332 O  O   . HOH G 7 .   ? 13.922  -13.214 11.108  1.00 18.55 ? 370 HOH A O   1 
HETATM 1333 O  O   . HOH G 7 .   ? 3.105   -9.898  7.531   1.00 17.32 ? 371 HOH A O   1 
HETATM 1334 O  O   . HOH G 7 .   ? 12.900  -4.585  -9.809  1.00 18.51 ? 372 HOH A O   1 
HETATM 1335 O  O   . HOH G 7 .   ? -16.537 -3.312  8.245   1.00 26.96 ? 373 HOH A O   1 
HETATM 1336 O  O   . HOH G 7 .   ? 0.345   15.104  1.550   1.00 14.08 ? 374 HOH A O   1 
HETATM 1337 O  O   . HOH G 7 .   ? 19.404  -0.691  3.353   1.00 11.00 ? 375 HOH A O   1 
HETATM 1338 O  O   . HOH G 7 .   ? -16.455 0.498   1.851   1.00 18.88 ? 376 HOH A O   1 
HETATM 1339 O  O   . HOH G 7 .   ? 11.132  -21.735 2.411   1.00 13.91 ? 377 HOH A O   1 
HETATM 1340 O  O   . HOH G 7 .   ? -9.933  4.229   -13.685 1.00 26.19 ? 378 HOH A O   1 
HETATM 1341 O  O   . HOH G 7 .   ? 8.054   -6.016  11.024  1.00 27.84 ? 379 HOH A O   1 
HETATM 1342 O  O   . HOH G 7 .   ? -15.736 18.638  1.779   1.00 23.04 ? 380 HOH A O   1 
HETATM 1343 O  O   . HOH G 7 .   ? -7.222  -8.747  3.543   1.00 28.21 ? 381 HOH A O   1 
HETATM 1344 O  O   . HOH G 7 .   ? 8.544   8.025   -0.071  1.00 18.93 ? 382 HOH A O   1 
HETATM 1345 O  O   . HOH G 7 .   ? -10.664 5.436   12.145  1.00 31.44 ? 383 HOH A O   1 
HETATM 1346 O  O   . HOH G 7 .   ? 13.600  2.837   -4.701  1.00 16.16 ? 384 HOH A O   1 
HETATM 1347 O  O   . HOH G 7 .   ? 7.079   5.260   12.727  1.00 18.23 ? 385 HOH A O   1 
HETATM 1348 O  O   . HOH G 7 .   ? -5.578  6.990   15.799  1.00 25.13 ? 386 HOH A O   1 
HETATM 1349 O  O   . HOH G 7 .   ? -2.903  10.444  9.759   1.00 20.39 ? 387 HOH A O   1 
HETATM 1350 O  O   . HOH G 7 .   ? -10.667 -6.342  14.162  1.00 40.22 ? 388 HOH A O   1 
HETATM 1351 O  O   . HOH G 7 .   ? 10.776  -18.476 7.551   1.00 13.75 ? 389 HOH A O   1 
HETATM 1352 O  O   . HOH G 7 .   ? 13.062  2.759   -1.991  1.00 20.13 ? 390 HOH A O   1 
HETATM 1353 O  O   . HOH G 7 .   ? 4.907   -19.403 4.978   1.00 17.61 ? 391 HOH A O   1 
HETATM 1354 O  O   . HOH G 7 .   ? -1.725  -9.569  -0.581  1.00 15.42 ? 392 HOH A O   1 
HETATM 1355 O  O   . HOH G 7 .   ? -17.088 3.910   4.168   1.00 17.11 ? 393 HOH A O   1 
HETATM 1356 O  O   . HOH G 7 .   ? 7.340   -15.391 -1.435  1.00 19.67 ? 394 HOH A O   1 
HETATM 1357 O  O   . HOH G 7 .   ? -6.751  18.165  0.034   1.00 31.79 ? 395 HOH A O   1 
HETATM 1358 O  O   . HOH G 7 .   ? -13.666 4.977   -3.682  1.00 17.15 ? 396 HOH A O   1 
HETATM 1359 O  O   . HOH G 7 .   ? -2.499  -3.619  -15.225 1.00 17.86 ? 397 HOH A O   1 
HETATM 1360 O  O   . HOH G 7 .   ? 1.892   15.840  -0.665  1.00 22.79 ? 398 HOH A O   1 
HETATM 1361 O  O   . HOH G 7 .   ? -18.599 15.213  3.556   1.00 23.17 ? 399 HOH A O   1 
HETATM 1362 O  O   . HOH G 7 .   ? -19.124 13.286  6.645   1.00 20.87 ? 400 HOH A O   1 
HETATM 1363 O  O   . HOH G 7 .   ? -13.337 15.619  1.499   1.00 22.29 ? 401 HOH A O   1 
HETATM 1364 O  O   . HOH G 7 .   ? -20.236 6.669   5.441   1.00 27.48 ? 402 HOH A O   1 
HETATM 1365 O  O   . HOH G 7 .   ? 5.594   8.833   11.571  1.00 31.38 ? 403 HOH A O   1 
HETATM 1366 O  O   . HOH G 7 .   ? 2.910   8.540   6.778   1.00 28.99 ? 404 HOH A O   1 
HETATM 1367 O  O   . HOH G 7 .   ? 2.413   12.684  5.873   1.00 28.29 ? 405 HOH A O   1 
HETATM 1368 O  O   . HOH G 7 .   ? 0.616   -18.333 -1.134  1.00 25.83 ? 406 HOH A O   1 
HETATM 1369 O  O   . HOH G 7 .   ? 4.396   -18.264 -0.347  1.00 18.09 ? 407 HOH A O   1 
HETATM 1370 O  O   . HOH G 7 .   ? -7.057  -11.276 5.049   1.00 25.51 ? 408 HOH A O   1 
HETATM 1371 O  O   . HOH G 7 .   ? -10.908 -4.597  15.135  1.00 27.98 ? 409 HOH A O   1 
HETATM 1372 O  O   . HOH G 7 .   ? -5.543  -10.100 10.164  1.00 19.54 ? 410 HOH A O   1 
HETATM 1373 O  O   . HOH G 7 .   ? -0.846  -11.736 10.514  1.00 33.26 ? 411 HOH A O   1 
HETATM 1374 O  O   . HOH G 7 .   ? 1.074   -7.821  11.100  1.00 24.27 ? 412 HOH A O   1 
HETATM 1375 O  O   . HOH G 7 .   ? 14.551  -0.290  -9.497  1.00 20.51 ? 413 HOH A O   1 
HETATM 1376 O  O   . HOH G 7 .   ? -13.086 -0.951  17.449  1.00 36.50 ? 414 HOH A O   1 
HETATM 1377 O  O   . HOH G 7 .   ? 17.102  -20.190 2.849   1.00 32.61 ? 415 HOH A O   1 
HETATM 1378 O  O   . HOH G 7 .   ? -7.863  -11.747 -7.553  1.00 32.45 ? 416 HOH A O   1 
HETATM 1379 O  O   . HOH G 7 .   ? 16.107  2.859   -0.864  1.00 24.93 ? 417 HOH A O   1 
HETATM 1380 O  O   . HOH G 7 .   ? -8.414  -10.054 -5.528  1.00 29.59 ? 418 HOH A O   1 
HETATM 1381 O  O   . HOH G 7 .   ? -6.998  7.845   -2.405  1.00 16.64 ? 419 HOH A O   1 
HETATM 1382 O  O   . HOH G 7 .   ? -17.506 0.641   13.314  1.00 21.23 ? 420 HOH A O   1 
HETATM 1383 O  O   . HOH G 7 .   ? 5.245   -1.326  17.288  1.00 27.08 ? 421 HOH A O   1 
HETATM 1384 O  O   . HOH G 7 .   ? -11.272 19.079  2.871   1.00 21.80 ? 422 HOH A O   1 
HETATM 1385 O  O   . HOH G 7 .   ? 5.259   -16.985 4.833   1.00 34.82 ? 423 HOH A O   1 
HETATM 1386 O  O   . HOH G 7 .   ? 6.767   -4.064  14.188  1.00 32.58 ? 424 HOH A O   1 
HETATM 1387 O  O   . HOH G 7 .   ? 11.540  4.983   -10.505 1.00 23.91 ? 425 HOH A O   1 
HETATM 1388 O  O   . HOH G 7 .   ? -17.367 13.768  -8.531  1.00 33.87 ? 426 HOH A O   1 
HETATM 1389 O  O   . HOH G 7 .   ? -13.861 16.045  14.632  1.00 29.07 ? 427 HOH A O   1 
HETATM 1390 O  O   . HOH G 7 .   ? -8.862  -3.990  -2.046  1.00 31.79 ? 428 HOH A O   1 
HETATM 1391 O  O   . HOH G 7 .   ? -0.837  -8.686  17.469  1.00 27.29 ? 429 HOH A O   1 
HETATM 1392 O  O   . HOH G 7 .   ? 19.037  -16.140 -3.027  1.00 42.70 ? 430 HOH A O   1 
HETATM 1393 O  O   . HOH G 7 .   ? 19.842  -7.087  -7.330  1.00 25.92 ? 431 HOH A O   1 
HETATM 1394 O  O   . HOH G 7 .   ? -19.714 11.573  -0.015  1.00 30.62 ? 432 HOH A O   1 
HETATM 1395 O  O   . HOH G 7 .   ? -10.060 2.303   13.603  1.00 32.06 ? 433 HOH A O   1 
HETATM 1396 O  O   . HOH G 7 .   ? -19.823 7.804   -3.872  1.00 40.84 ? 434 HOH A O   1 
HETATM 1397 O  O   . HOH G 7 .   ? 17.802  1.173   -2.930  1.00 33.25 ? 435 HOH A O   1 
HETATM 1398 O  O   . HOH G 7 .   ? -22.556 8.906   -1.913  1.00 21.91 ? 436 HOH A O   1 
HETATM 1399 O  O   . HOH G 7 .   ? -12.960 11.414  -3.193  1.00 27.60 ? 437 HOH A O   1 
HETATM 1400 O  O   . HOH G 7 .   ? -5.282  10.432  -15.151 1.00 31.60 ? 438 HOH A O   1 
HETATM 1401 O  O   . HOH G 7 .   ? -9.153  3.618   -16.030 1.00 21.65 ? 439 HOH A O   1 
HETATM 1402 O  O   . HOH G 7 .   ? 18.215  -4.049  -7.032  1.00 28.80 ? 440 HOH A O   1 
HETATM 1403 O  O   . HOH G 7 .   ? 4.731   -4.403  17.064  1.00 25.67 ? 441 HOH A O   1 
HETATM 1404 O  O   . HOH G 7 .   ? 8.990   -7.651  -16.138 1.00 37.39 ? 442 HOH A O   1 
HETATM 1405 O  O   . HOH G 7 .   ? 17.101  -15.036 8.511   1.00 29.87 ? 443 HOH A O   1 
HETATM 1406 O  O   . HOH G 7 .   ? -5.567  11.694  -10.134 1.00 29.74 ? 444 HOH A O   1 
HETATM 1407 O  O   . HOH G 7 .   ? 6.668   -18.235 -1.525  1.00 32.81 ? 445 HOH A O   1 
HETATM 1408 O  O   . HOH G 7 .   ? -11.782 -7.821  -0.421  1.00 26.04 ? 446 HOH A O   1 
HETATM 1409 O  O   . HOH G 7 .   ? -18.315 8.592   8.790   1.00 26.67 ? 447 HOH A O   1 
HETATM 1410 O  O   . HOH G 7 .   ? -5.317  -14.077 -5.613  1.00 30.98 ? 448 HOH A O   1 
HETATM 1411 O  O   . HOH G 7 .   ? 2.588   -12.508 6.606   1.00 27.05 ? 449 HOH A O   1 
HETATM 1412 O  O   . HOH G 7 .   ? -9.544  18.520  1.300   1.00 42.02 ? 450 HOH A O   1 
HETATM 1413 O  O   . HOH G 7 .   ? 9.126   3.600   -20.865 1.00 21.15 ? 451 HOH A O   1 
HETATM 1414 O  O   . HOH G 7 .   ? 0.703   -9.687  9.151   1.00 23.77 ? 452 HOH A O   1 
HETATM 1415 O  O   . HOH G 7 .   ? -10.960 7.254   -13.599 1.00 28.72 ? 453 HOH A O   1 
HETATM 1416 O  O   . HOH G 7 .   ? 1.091   16.453  -12.277 1.00 25.61 ? 454 HOH A O   1 
HETATM 1417 O  O   . HOH G 7 .   ? 2.326   -18.027 7.329   1.00 28.18 ? 455 HOH A O   1 
HETATM 1418 O  O   . HOH G 7 .   ? 13.745  0.921   9.071   1.00 28.30 ? 456 HOH A O   1 
HETATM 1419 O  O   . HOH G 7 .   ? 4.488   -20.520 1.437   1.00 19.17 ? 457 HOH A O   1 
HETATM 1420 O  O   . HOH G 7 .   ? 2.279   -6.833  15.367  1.00 33.74 ? 458 HOH A O   1 
HETATM 1421 O  O   . HOH G 7 .   ? -13.552 9.994   -7.462  1.00 29.74 ? 459 HOH A O   1 
HETATM 1422 O  O   . HOH G 7 .   ? -10.945 -6.710  2.128   1.00 25.38 ? 460 HOH A O   1 
HETATM 1423 O  O   . HOH G 7 .   ? -0.958  17.723  2.188   1.00 25.49 ? 461 HOH A O   1 
HETATM 1424 O  O   . HOH G 7 .   ? -12.050 11.801  -6.438  1.00 27.89 ? 462 HOH A O   1 
HETATM 1425 O  O   . HOH G 7 .   ? -20.350 13.797  1.743   1.00 36.96 ? 463 HOH A O   1 
HETATM 1426 O  O   . HOH G 7 .   ? -18.892 5.936   7.961   1.00 19.36 ? 464 HOH A O   1 
# 
loop_
_pdbx_poly_seq_scheme.asym_id 
_pdbx_poly_seq_scheme.entity_id 
_pdbx_poly_seq_scheme.seq_id 
_pdbx_poly_seq_scheme.mon_id 
_pdbx_poly_seq_scheme.ndb_seq_num 
_pdbx_poly_seq_scheme.pdb_seq_num 
_pdbx_poly_seq_scheme.auth_seq_num 
_pdbx_poly_seq_scheme.pdb_mon_id 
_pdbx_poly_seq_scheme.auth_mon_id 
_pdbx_poly_seq_scheme.pdb_strand_id 
_pdbx_poly_seq_scheme.pdb_ins_code 
_pdbx_poly_seq_scheme.hetero 
A 1 1   MET 1   0   ?   ?   ?   A . n 
A 1 2   VAL 2   1   1   VAL VAL A . n 
A 1 3   LEU 3   2   2   LEU LEU A . n 
A 1 4   SER 4   3   3   SER SER A . n 
A 1 5   GLU 5   4   4   GLU GLU A . n 
A 1 6   GLY 6   5   5   GLY GLY A . n 
A 1 7   GLU 7   6   6   GLU GLU A . n 
A 1 8   TRP 8   7   7   TRP TRP A . n 
A 1 9   GLN 9   8   8   GLN GLN A . n 
A 1 10  LEU 10  9   9   LEU LEU A . n 
A 1 11  VAL 11  10  10  VAL VAL A . n 
A 1 12  LEU 12  11  11  LEU LEU A . n 
A 1 13  HIS 13  12  12  HIS HIS A . n 
A 1 14  VAL 14  13  13  VAL VAL A . n 
A 1 15  TRP 15  14  14  TRP TRP A . n 
A 1 16  ALA 16  15  15  ALA ALA A . n 
A 1 17  LYS 17  16  16  LYS LYS A . n 
A 1 18  VAL 18  17  17  VAL VAL A . n 
A 1 19  GLU 19  18  18  GLU GLU A . n 
A 1 20  ALA 20  19  19  ALA ALA A . n 
A 1 21  ASP 21  20  20  ASP ASP A . n 
A 1 22  VAL 22  21  21  VAL VAL A . n 
A 1 23  ALA 23  22  22  ALA ALA A . n 
A 1 24  GLY 24  23  23  GLY GLY A . n 
A 1 25  HIS 25  24  24  HIS HIS A . n 
A 1 26  GLY 26  25  25  GLY GLY A . n 
A 1 27  GLN 27  26  26  GLN GLN A . n 
A 1 28  ASP 28  27  27  ASP ASP A . n 
A 1 29  ILE 29  28  28  ILE ILE A . n 
A 1 30  LEU 30  29  29  LEU LEU A . n 
A 1 31  ILE 31  30  30  ILE ILE A . n 
A 1 32  ARG 32  31  31  ARG ARG A . n 
A 1 33  LEU 33  32  32  LEU LEU A . n 
A 1 34  PHE 34  33  33  PHE PHE A . n 
A 1 35  LYS 35  34  34  LYS LYS A . n 
A 1 36  SER 36  35  35  SER SER A . n 
A 1 37  HIS 37  36  36  HIS HIS A . n 
A 1 38  PRO 38  37  37  PRO PRO A . n 
A 1 39  GLU 39  38  38  GLU GLU A . n 
A 1 40  THR 40  39  39  THR THR A . n 
A 1 41  LEU 41  40  40  LEU LEU A . n 
A 1 42  GLU 42  41  41  GLU GLU A . n 
A 1 43  LYS 43  42  42  LYS LYS A . n 
A 1 44  PHE 44  43  43  PHE PHE A . n 
A 1 45  ASP 45  44  44  ASP ASP A . n 
A 1 46  ARG 46  45  45  ARG ARG A . n 
A 1 47  PHE 47  46  46  PHE PHE A . n 
A 1 48  LYS 48  47  47  LYS LYS A . n 
A 1 49  HIS 49  48  48  HIS HIS A . n 
A 1 50  LEU 50  49  49  LEU LEU A . n 
A 1 51  LYS 51  50  50  LYS LYS A . n 
A 1 52  THR 52  51  51  THR THR A . n 
A 1 53  GLU 53  52  52  GLU GLU A . n 
A 1 54  ALA 54  53  53  ALA ALA A . n 
A 1 55  GLU 55  54  54  GLU GLU A . n 
A 1 56  MET 56  55  55  MET MET A . n 
A 1 57  LYS 57  56  56  LYS LYS A . n 
A 1 58  ALA 58  57  57  ALA ALA A . n 
A 1 59  SER 59  58  58  SER SER A . n 
A 1 60  GLU 60  59  59  GLU GLU A . n 
A 1 61  ASP 61  60  60  ASP ASP A . n 
A 1 62  LEU 62  61  61  LEU LEU A . n 
A 1 63  LYS 63  62  62  LYS LYS A . n 
A 1 64  LYS 64  63  63  LYS LYS A . n 
A 1 65  HIS 65  64  64  HIS HIS A . n 
A 1 66  GLY 66  65  65  GLY GLY A . n 
A 1 67  VAL 67  66  66  VAL VAL A . n 
A 1 68  THR 68  67  67  THR THR A . n 
A 1 69  VAL 69  68  68  VAL VAL A . n 
A 1 70  LEU 70  69  69  LEU LEU A . n 
A 1 71  THR 71  70  70  THR THR A . n 
A 1 72  ALA 72  71  71  ALA ALA A . n 
A 1 73  LEU 73  72  72  LEU LEU A . n 
A 1 74  GLY 74  73  73  GLY GLY A . n 
A 1 75  ALA 75  74  74  ALA ALA A . n 
A 1 76  ILE 76  75  75  ILE ILE A . n 
A 1 77  LEU 77  76  76  LEU LEU A . n 
A 1 78  LYS 78  77  77  LYS LYS A . n 
A 1 79  LYS 79  78  78  LYS LYS A . n 
A 1 80  LYS 80  79  79  LYS LYS A . n 
A 1 81  GLY 81  80  80  GLY GLY A . n 
A 1 82  HIS 82  81  81  HIS HIS A . n 
A 1 83  HIS 83  82  82  HIS HIS A . n 
A 1 84  GLU 84  83  83  GLU GLU A . n 
A 1 85  ALA 85  84  84  ALA ALA A . n 
A 1 86  GLU 86  85  85  GLU GLU A . n 
A 1 87  LEU 87  86  86  LEU LEU A . n 
A 1 88  LYS 88  87  87  LYS LYS A . n 
A 1 89  PRO 89  88  88  PRO PRO A . n 
A 1 90  LEU 90  89  89  LEU LEU A . n 
A 1 91  ALA 91  90  90  ALA ALA A . n 
A 1 92  GLN 92  91  91  GLN GLN A . n 
A 1 93  SER 93  92  92  SER SER A . n 
A 1 94  HIS 94  93  93  HIS HIS A . n 
A 1 95  ALA 95  94  94  ALA ALA A . n 
A 1 96  THR 96  95  95  THR THR A . n 
A 1 97  LYS 97  96  96  LYS LYS A . n 
A 1 98  HIS 98  97  97  HIS HIS A . n 
A 1 99  LYS 99  98  98  LYS LYS A . n 
A 1 100 ILE 100 99  99  ILE ILE A . n 
A 1 101 PRO 101 100 100 PRO PRO A . n 
A 1 102 ILE 102 101 101 ILE ILE A . n 
A 1 103 LYS 103 102 102 LYS LYS A . n 
A 1 104 TYR 104 103 103 TYR TYR A . n 
A 1 105 LEU 105 104 104 LEU LEU A . n 
A 1 106 GLU 106 105 105 GLU GLU A . n 
A 1 107 PHE 107 106 106 PHE PHE A . n 
A 1 108 ILE 108 107 107 ILE ILE A . n 
A 1 109 SER 109 108 108 SER SER A . n 
A 1 110 GLU 110 109 109 GLU GLU A . n 
A 1 111 ALA 111 110 110 ALA ALA A . n 
A 1 112 ILE 112 111 111 ILE ILE A . n 
A 1 113 ILE 113 112 112 ILE ILE A . n 
A 1 114 HIS 114 113 113 HIS HIS A . n 
A 1 115 VAL 115 114 114 VAL VAL A . n 
A 1 116 LEU 116 115 115 LEU LEU A . n 
A 1 117 HIS 117 116 116 HIS HIS A . n 
A 1 118 SER 118 117 117 SER SER A . n 
A 1 119 ARG 119 118 118 ARG ARG A . n 
A 1 120 HIS 120 119 119 HIS HIS A . n 
A 1 121 PRO 121 120 120 PRO PRO A . n 
A 1 122 GLY 122 121 121 GLY GLY A . n 
A 1 123 ASN 123 122 122 ASN ASN A . n 
A 1 124 PHE 124 123 123 PHE PHE A . n 
A 1 125 GLY 125 124 124 GLY GLY A . n 
A 1 126 ALA 126 125 125 ALA ALA A . n 
A 1 127 ASP 127 126 126 ASP ASP A . n 
A 1 128 ALA 128 127 127 ALA ALA A . n 
A 1 129 GLN 129 128 128 GLN GLN A . n 
A 1 130 GLY 130 129 129 GLY GLY A . n 
A 1 131 ALA 131 130 130 ALA ALA A . n 
A 1 132 MET 132 131 131 MET MET A . n 
A 1 133 ASN 133 132 132 ASN ASN A . n 
A 1 134 LYS 134 133 133 LYS LYS A . n 
A 1 135 ALA 135 134 134 ALA ALA A . n 
A 1 136 LEU 136 135 135 LEU LEU A . n 
A 1 137 GLU 137 136 136 GLU GLU A . n 
A 1 138 LEU 138 137 137 LEU LEU A . n 
A 1 139 PHE 139 138 138 PHE PHE A . n 
A 1 140 ARG 140 139 139 ARG ARG A . n 
A 1 141 LYS 141 140 140 LYS LYS A . n 
A 1 142 ASP 142 141 141 ASP ASP A . n 
A 1 143 ILE 143 142 142 ILE ILE A . n 
A 1 144 ALA 144 143 143 ALA ALA A . n 
A 1 145 ALA 145 144 144 ALA ALA A . n 
A 1 146 LYS 146 145 145 LYS LYS A . n 
A 1 147 TYR 147 146 146 TYR TYR A . n 
A 1 148 LYS 148 147 147 LYS LYS A . n 
A 1 149 GLU 149 148 148 GLU GLU A . n 
A 1 150 LEU 150 149 149 LEU LEU A . n 
A 1 151 GLY 151 150 150 GLY GLY A . n 
A 1 152 TYR 152 151 151 TYR TYR A . n 
A 1 153 GLN 153 152 ?   ?   ?   A . n 
A 1 154 GLY 154 153 ?   ?   ?   A . n 
# 
loop_
_pdbx_nonpoly_scheme.asym_id 
_pdbx_nonpoly_scheme.entity_id 
_pdbx_nonpoly_scheme.mon_id 
_pdbx_nonpoly_scheme.ndb_seq_num 
_pdbx_nonpoly_scheme.pdb_seq_num 
_pdbx_nonpoly_scheme.auth_seq_num 
_pdbx_nonpoly_scheme.pdb_mon_id 
_pdbx_nonpoly_scheme.auth_mon_id 
_pdbx_nonpoly_scheme.pdb_strand_id 
_pdbx_nonpoly_scheme.pdb_ins_code 
B 2 HEM 1   201 154  HEM HEM A . 
C 3 NO  1   202 82   NO  NO  A . 
D 4 SO4 1   203 6920 SO4 SO4 A . 
E 5 NO2 1   204 5657 NO2 NO2 A . 
F 6 GOL 1   205 3968 GOL GOL A . 
G 7 HOH 1   301 177  HOH HOH A . 
G 7 HOH 2   302 145  HOH HOH A . 
G 7 HOH 3   303 136  HOH HOH A . 
G 7 HOH 4   304 122  HOH HOH A . 
G 7 HOH 5   305 117  HOH HOH A . 
G 7 HOH 6   306 112  HOH HOH A . 
G 7 HOH 7   307 74   HOH HOH A . 
G 7 HOH 8   308 30   HOH HOH A . 
G 7 HOH 9   309 12   HOH HOH A . 
G 7 HOH 10  310 52   HOH HOH A . 
G 7 HOH 11  311 75   HOH HOH A . 
G 7 HOH 12  312 114  HOH HOH A . 
G 7 HOH 13  313 121  HOH HOH A . 
G 7 HOH 14  314 139  HOH HOH A . 
G 7 HOH 15  315 80   HOH HOH A . 
G 7 HOH 16  316 64   HOH HOH A . 
G 7 HOH 17  317 63   HOH HOH A . 
G 7 HOH 18  318 67   HOH HOH A . 
G 7 HOH 19  319 73   HOH HOH A . 
G 7 HOH 20  320 110  HOH HOH A . 
G 7 HOH 21  321 179  HOH HOH A . 
G 7 HOH 22  322 143  HOH HOH A . 
G 7 HOH 23  323 94   HOH HOH A . 
G 7 HOH 24  324 4    HOH HOH A . 
G 7 HOH 25  325 106  HOH HOH A . 
G 7 HOH 26  326 71   HOH HOH A . 
G 7 HOH 27  327 1    HOH HOH A . 
G 7 HOH 28  328 34   HOH HOH A . 
G 7 HOH 29  329 154  HOH HOH A . 
G 7 HOH 30  330 3    HOH HOH A . 
G 7 HOH 31  331 33   HOH HOH A . 
G 7 HOH 32  332 24   HOH HOH A . 
G 7 HOH 33  333 105  HOH HOH A . 
G 7 HOH 34  334 89   HOH HOH A . 
G 7 HOH 35  335 15   HOH HOH A . 
G 7 HOH 36  336 76   HOH HOH A . 
G 7 HOH 37  337 163  HOH HOH A . 
G 7 HOH 38  338 98   HOH HOH A . 
G 7 HOH 39  339 50   HOH HOH A . 
G 7 HOH 40  340 92   HOH HOH A . 
G 7 HOH 41  341 101  HOH HOH A . 
G 7 HOH 42  342 6    HOH HOH A . 
G 7 HOH 43  343 28   HOH HOH A . 
G 7 HOH 44  344 78   HOH HOH A . 
G 7 HOH 45  345 20   HOH HOH A . 
G 7 HOH 46  346 57   HOH HOH A . 
G 7 HOH 47  347 29   HOH HOH A . 
G 7 HOH 48  348 40   HOH HOH A . 
G 7 HOH 49  349 68   HOH HOH A . 
G 7 HOH 50  350 128  HOH HOH A . 
G 7 HOH 51  351 107  HOH HOH A . 
G 7 HOH 52  352 120  HOH HOH A . 
G 7 HOH 53  353 9    HOH HOH A . 
G 7 HOH 54  354 125  HOH HOH A . 
G 7 HOH 55  355 130  HOH HOH A . 
G 7 HOH 56  356 23   HOH HOH A . 
G 7 HOH 57  357 16   HOH HOH A . 
G 7 HOH 58  358 39   HOH HOH A . 
G 7 HOH 59  359 46   HOH HOH A . 
G 7 HOH 60  360 19   HOH HOH A . 
G 7 HOH 61  361 81   HOH HOH A . 
G 7 HOH 62  362 79   HOH HOH A . 
G 7 HOH 63  363 7    HOH HOH A . 
G 7 HOH 64  364 17   HOH HOH A . 
G 7 HOH 65  365 8    HOH HOH A . 
G 7 HOH 66  366 164  HOH HOH A . 
G 7 HOH 67  367 43   HOH HOH A . 
G 7 HOH 68  368 84   HOH HOH A . 
G 7 HOH 69  369 56   HOH HOH A . 
G 7 HOH 70  370 42   HOH HOH A . 
G 7 HOH 71  371 2    HOH HOH A . 
G 7 HOH 72  372 21   HOH HOH A . 
G 7 HOH 73  373 116  HOH HOH A . 
G 7 HOH 74  374 10   HOH HOH A . 
G 7 HOH 75  375 38   HOH HOH A . 
G 7 HOH 76  376 44   HOH HOH A . 
G 7 HOH 77  377 37   HOH HOH A . 
G 7 HOH 78  378 152  HOH HOH A . 
G 7 HOH 79  379 176  HOH HOH A . 
G 7 HOH 80  380 87   HOH HOH A . 
G 7 HOH 81  381 144  HOH HOH A . 
G 7 HOH 82  382 48   HOH HOH A . 
G 7 HOH 83  383 119  HOH HOH A . 
G 7 HOH 84  384 14   HOH HOH A . 
G 7 HOH 85  385 32   HOH HOH A . 
G 7 HOH 86  386 88   HOH HOH A . 
G 7 HOH 87  387 31   HOH HOH A . 
G 7 HOH 88  388 158  HOH HOH A . 
G 7 HOH 89  389 70   HOH HOH A . 
G 7 HOH 90  390 62   HOH HOH A . 
G 7 HOH 91  391 66   HOH HOH A . 
G 7 HOH 92  392 13   HOH HOH A . 
G 7 HOH 93  393 11   HOH HOH A . 
G 7 HOH 94  394 49   HOH HOH A . 
G 7 HOH 95  395 137  HOH HOH A . 
G 7 HOH 96  396 169  HOH HOH A . 
G 7 HOH 97  397 168  HOH HOH A . 
G 7 HOH 98  398 58   HOH HOH A . 
G 7 HOH 99  399 85   HOH HOH A . 
G 7 HOH 100 400 5    HOH HOH A . 
G 7 HOH 101 401 91   HOH HOH A . 
G 7 HOH 102 402 127  HOH HOH A . 
G 7 HOH 103 403 148  HOH HOH A . 
G 7 HOH 104 404 77   HOH HOH A . 
G 7 HOH 105 405 153  HOH HOH A . 
G 7 HOH 106 406 54   HOH HOH A . 
G 7 HOH 107 407 61   HOH HOH A . 
G 7 HOH 108 408 22   HOH HOH A . 
G 7 HOH 109 409 103  HOH HOH A . 
G 7 HOH 110 410 82   HOH HOH A . 
G 7 HOH 111 411 111  HOH HOH A . 
G 7 HOH 112 412 59   HOH HOH A . 
G 7 HOH 113 413 18   HOH HOH A . 
G 7 HOH 114 414 149  HOH HOH A . 
G 7 HOH 115 415 160  HOH HOH A . 
G 7 HOH 116 416 142  HOH HOH A . 
G 7 HOH 117 417 65   HOH HOH A . 
G 7 HOH 118 418 141  HOH HOH A . 
G 7 HOH 119 419 36   HOH HOH A . 
G 7 HOH 120 420 72   HOH HOH A . 
G 7 HOH 121 421 104  HOH HOH A . 
G 7 HOH 122 422 55   HOH HOH A . 
G 7 HOH 123 423 109  HOH HOH A . 
G 7 HOH 124 424 132  HOH HOH A . 
G 7 HOH 125 425 108  HOH HOH A . 
G 7 HOH 126 426 146  HOH HOH A . 
G 7 HOH 127 427 126  HOH HOH A . 
G 7 HOH 128 428 150  HOH HOH A . 
G 7 HOH 129 429 157  HOH HOH A . 
G 7 HOH 130 430 156  HOH HOH A . 
G 7 HOH 131 431 93   HOH HOH A . 
G 7 HOH 132 432 129  HOH HOH A . 
G 7 HOH 133 433 95   HOH HOH A . 
G 7 HOH 134 434 167  HOH HOH A . 
G 7 HOH 135 435 138  HOH HOH A . 
G 7 HOH 136 436 47   HOH HOH A . 
G 7 HOH 137 437 178  HOH HOH A . 
G 7 HOH 138 438 155  HOH HOH A . 
G 7 HOH 139 439 86   HOH HOH A . 
G 7 HOH 140 440 83   HOH HOH A . 
G 7 HOH 141 441 151  HOH HOH A . 
G 7 HOH 142 442 135  HOH HOH A . 
G 7 HOH 143 443 96   HOH HOH A . 
G 7 HOH 144 444 134  HOH HOH A . 
G 7 HOH 145 445 102  HOH HOH A . 
G 7 HOH 146 446 53   HOH HOH A . 
G 7 HOH 147 447 45   HOH HOH A . 
G 7 HOH 148 448 131  HOH HOH A . 
G 7 HOH 149 449 113  HOH HOH A . 
G 7 HOH 150 450 162  HOH HOH A . 
G 7 HOH 151 451 27   HOH HOH A . 
G 7 HOH 152 452 69   HOH HOH A . 
G 7 HOH 153 453 124  HOH HOH A . 
G 7 HOH 154 454 118  HOH HOH A . 
G 7 HOH 155 455 161  HOH HOH A . 
G 7 HOH 156 456 100  HOH HOH A . 
G 7 HOH 157 457 97   HOH HOH A . 
G 7 HOH 158 458 140  HOH HOH A . 
G 7 HOH 159 459 123  HOH HOH A . 
G 7 HOH 160 460 60   HOH HOH A . 
G 7 HOH 161 461 133  HOH HOH A . 
G 7 HOH 162 462 99   HOH HOH A . 
G 7 HOH 163 463 115  HOH HOH A . 
G 7 HOH 164 464 26   HOH HOH A . 
# 
_pdbx_struct_assembly.id                   1 
_pdbx_struct_assembly.details              author_and_software_defined_assembly 
_pdbx_struct_assembly.method_details       PISA 
_pdbx_struct_assembly.oligomeric_details   monomeric 
_pdbx_struct_assembly.oligomeric_count     1 
# 
_pdbx_struct_assembly_gen.assembly_id       1 
_pdbx_struct_assembly_gen.oper_expression   1 
_pdbx_struct_assembly_gen.asym_id_list      A,B,C,D,E,F,G 
# 
loop_
_pdbx_struct_assembly_prop.biol_id 
_pdbx_struct_assembly_prop.type 
_pdbx_struct_assembly_prop.value 
_pdbx_struct_assembly_prop.details 
1 'ABSA (A^2)' 1730 ? 
1 MORE         -32  ? 
1 'SSA (A^2)'  7870 ? 
# 
_pdbx_struct_oper_list.id                   1 
_pdbx_struct_oper_list.type                 'identity operation' 
_pdbx_struct_oper_list.name                 1_555 
_pdbx_struct_oper_list.symmetry_operation   x,y,z 
_pdbx_struct_oper_list.matrix[1][1]         1.0000000000 
_pdbx_struct_oper_list.matrix[1][2]         0.0000000000 
_pdbx_struct_oper_list.matrix[1][3]         0.0000000000 
_pdbx_struct_oper_list.vector[1]            0.0000000000 
_pdbx_struct_oper_list.matrix[2][1]         0.0000000000 
_pdbx_struct_oper_list.matrix[2][2]         1.0000000000 
_pdbx_struct_oper_list.matrix[2][3]         0.0000000000 
_pdbx_struct_oper_list.vector[2]            0.0000000000 
_pdbx_struct_oper_list.matrix[3][1]         0.0000000000 
_pdbx_struct_oper_list.matrix[3][2]         0.0000000000 
_pdbx_struct_oper_list.matrix[3][3]         1.0000000000 
_pdbx_struct_oper_list.vector[3]            0.0000000000 
# 
loop_
_pdbx_struct_conn_angle.id 
_pdbx_struct_conn_angle.ptnr1_label_atom_id 
_pdbx_struct_conn_angle.ptnr1_label_alt_id 
_pdbx_struct_conn_angle.ptnr1_label_asym_id 
_pdbx_struct_conn_angle.ptnr1_label_comp_id 
_pdbx_struct_conn_angle.ptnr1_label_seq_id 
_pdbx_struct_conn_angle.ptnr1_auth_atom_id 
_pdbx_struct_conn_angle.ptnr1_auth_asym_id 
_pdbx_struct_conn_angle.ptnr1_auth_comp_id 
_pdbx_struct_conn_angle.ptnr1_auth_seq_id 
_pdbx_struct_conn_angle.ptnr1_PDB_ins_code 
_pdbx_struct_conn_angle.ptnr1_symmetry 
_pdbx_struct_conn_angle.ptnr2_label_atom_id 
_pdbx_struct_conn_angle.ptnr2_label_alt_id 
_pdbx_struct_conn_angle.ptnr2_label_asym_id 
_pdbx_struct_conn_angle.ptnr2_label_comp_id 
_pdbx_struct_conn_angle.ptnr2_label_seq_id 
_pdbx_struct_conn_angle.ptnr2_auth_atom_id 
_pdbx_struct_conn_angle.ptnr2_auth_asym_id 
_pdbx_struct_conn_angle.ptnr2_auth_comp_id 
_pdbx_struct_conn_angle.ptnr2_auth_seq_id 
_pdbx_struct_conn_angle.ptnr2_PDB_ins_code 
_pdbx_struct_conn_angle.ptnr2_symmetry 
_pdbx_struct_conn_angle.ptnr3_label_atom_id 
_pdbx_struct_conn_angle.ptnr3_label_alt_id 
_pdbx_struct_conn_angle.ptnr3_label_asym_id 
_pdbx_struct_conn_angle.ptnr3_label_comp_id 
_pdbx_struct_conn_angle.ptnr3_label_seq_id 
_pdbx_struct_conn_angle.ptnr3_auth_atom_id 
_pdbx_struct_conn_angle.ptnr3_auth_asym_id 
_pdbx_struct_conn_angle.ptnr3_auth_comp_id 
_pdbx_struct_conn_angle.ptnr3_auth_seq_id 
_pdbx_struct_conn_angle.ptnr3_PDB_ins_code 
_pdbx_struct_conn_angle.ptnr3_symmetry 
_pdbx_struct_conn_angle.value 
_pdbx_struct_conn_angle.value_esd 
1  NE2 ? A HIS 94 ? A HIS 93  ? 1_555 FE ? B HEM . ? A HEM 201 ? 1_555 NA ? B HEM . ? A HEM 201 ? 1_555 89.3  ? 
2  NE2 ? A HIS 94 ? A HIS 93  ? 1_555 FE ? B HEM . ? A HEM 201 ? 1_555 NB ? B HEM . ? A HEM 201 ? 1_555 90.2  ? 
3  NA  ? B HEM .  ? A HEM 201 ? 1_555 FE ? B HEM . ? A HEM 201 ? 1_555 NB ? B HEM . ? A HEM 201 ? 1_555 89.4  ? 
4  NE2 ? A HIS 94 ? A HIS 93  ? 1_555 FE ? B HEM . ? A HEM 201 ? 1_555 NC ? B HEM . ? A HEM 201 ? 1_555 90.6  ? 
5  NA  ? B HEM .  ? A HEM 201 ? 1_555 FE ? B HEM . ? A HEM 201 ? 1_555 NC ? B HEM . ? A HEM 201 ? 1_555 178.6 ? 
6  NB  ? B HEM .  ? A HEM 201 ? 1_555 FE ? B HEM . ? A HEM 201 ? 1_555 NC ? B HEM . ? A HEM 201 ? 1_555 89.2  ? 
7  NE2 ? A HIS 94 ? A HIS 93  ? 1_555 FE ? B HEM . ? A HEM 201 ? 1_555 ND ? B HEM . ? A HEM 201 ? 1_555 89.6  ? 
8  NA  ? B HEM .  ? A HEM 201 ? 1_555 FE ? B HEM . ? A HEM 201 ? 1_555 ND ? B HEM . ? A HEM 201 ? 1_555 90.2  ? 
9  NB  ? B HEM .  ? A HEM 201 ? 1_555 FE ? B HEM . ? A HEM 201 ? 1_555 ND ? B HEM . ? A HEM 201 ? 1_555 179.6 ? 
10 NC  ? B HEM .  ? A HEM 201 ? 1_555 FE ? B HEM . ? A HEM 201 ? 1_555 ND ? B HEM . ? A HEM 201 ? 1_555 91.1  ? 
11 NE2 ? A HIS 94 ? A HIS 93  ? 1_555 FE ? B HEM . ? A HEM 201 ? 1_555 N  ? C NO  . ? A NO  202 ? 1_555 173.9 ? 
12 NA  ? B HEM .  ? A HEM 201 ? 1_555 FE ? B HEM . ? A HEM 201 ? 1_555 N  ? C NO  . ? A NO  202 ? 1_555 96.2  ? 
13 NB  ? B HEM .  ? A HEM 201 ? 1_555 FE ? B HEM . ? A HEM 201 ? 1_555 N  ? C NO  . ? A NO  202 ? 1_555 92.5  ? 
14 NC  ? B HEM .  ? A HEM 201 ? 1_555 FE ? B HEM . ? A HEM 201 ? 1_555 N  ? C NO  . ? A NO  202 ? 1_555 83.9  ? 
15 ND  ? B HEM .  ? A HEM 201 ? 1_555 FE ? B HEM . ? A HEM 201 ? 1_555 N  ? C NO  . ? A NO  202 ? 1_555 87.8  ? 
# 
loop_
_pdbx_audit_revision_history.ordinal 
_pdbx_audit_revision_history.data_content_type 
_pdbx_audit_revision_history.major_revision 
_pdbx_audit_revision_history.minor_revision 
_pdbx_audit_revision_history.revision_date 
1 'Structure model' 1 0 2018-06-06 
2 'Structure model' 1 1 2018-08-22 
3 'Structure model' 1 2 2019-11-27 
4 'Structure model' 1 3 2023-10-04 
# 
_pdbx_audit_revision_details.ordinal             1 
_pdbx_audit_revision_details.revision_ordinal    1 
_pdbx_audit_revision_details.data_content_type   'Structure model' 
_pdbx_audit_revision_details.provider            repository 
_pdbx_audit_revision_details.type                'Initial release' 
_pdbx_audit_revision_details.description         ? 
_pdbx_audit_revision_details.details             ? 
# 
loop_
_pdbx_audit_revision_group.ordinal 
_pdbx_audit_revision_group.revision_ordinal 
_pdbx_audit_revision_group.data_content_type 
_pdbx_audit_revision_group.group 
1 2 'Structure model' 'Data collection'            
2 2 'Structure model' 'Database references'        
3 3 'Structure model' 'Author supporting evidence' 
4 4 'Structure model' 'Data collection'            
5 4 'Structure model' 'Database references'        
6 4 'Structure model' 'Refinement description'     
# 
loop_
_pdbx_audit_revision_category.ordinal 
_pdbx_audit_revision_category.revision_ordinal 
_pdbx_audit_revision_category.data_content_type 
_pdbx_audit_revision_category.category 
1 2 'Structure model' citation                      
2 2 'Structure model' citation_author               
3 3 'Structure model' pdbx_audit_support            
4 4 'Structure model' chem_comp_atom                
5 4 'Structure model' chem_comp_bond                
6 4 'Structure model' database_2                    
7 4 'Structure model' pdbx_initial_refinement_model 
# 
loop_
_pdbx_audit_revision_item.ordinal 
_pdbx_audit_revision_item.revision_ordinal 
_pdbx_audit_revision_item.data_content_type 
_pdbx_audit_revision_item.item 
1  2 'Structure model' '_citation.country'                        
2  2 'Structure model' '_citation.journal_abbrev'                 
3  2 'Structure model' '_citation.journal_id_ASTM'                
4  2 'Structure model' '_citation.journal_id_CSD'                 
5  2 'Structure model' '_citation.journal_id_ISSN'                
6  2 'Structure model' '_citation.journal_volume'                 
7  2 'Structure model' '_citation.page_first'                     
8  2 'Structure model' '_citation.page_last'                      
9  2 'Structure model' '_citation.pdbx_database_id_DOI'           
10 2 'Structure model' '_citation.pdbx_database_id_PubMed'        
11 2 'Structure model' '_citation.title'                          
12 2 'Structure model' '_citation.year'                           
13 3 'Structure model' '_pdbx_audit_support.funding_organization' 
14 4 'Structure model' '_database_2.pdbx_DOI'                     
15 4 'Structure model' '_database_2.pdbx_database_accession'      
# 
loop_
_software.citation_id 
_software.classification 
_software.compiler_name 
_software.compiler_version 
_software.contact_author 
_software.contact_author_email 
_software.date 
_software.description 
_software.dependencies 
_software.hardware 
_software.language 
_software.location 
_software.mods 
_software.name 
_software.os 
_software.os_version 
_software.type 
_software.version 
_software.pdbx_ordinal 
? 'data scaling'    ? ? ? ? ? ? ? ? ? ? ? Aimless     ? ? ? 0.1.27   1 
? phasing           ? ? ? ? ? ? ? ? ? ? ? PHASER      ? ? ? .        2 
? refinement        ? ? ? ? ? ? ? ? ? ? ? REFMAC      ? ? ? 5.8.0131 3 
? 'data extraction' ? ? ? ? ? ? ? ? ? ? ? PDB_EXTRACT ? ? ? 3.22     4 
# 
loop_
_pdbx_validate_close_contact.id 
_pdbx_validate_close_contact.PDB_model_num 
_pdbx_validate_close_contact.auth_atom_id_1 
_pdbx_validate_close_contact.auth_asym_id_1 
_pdbx_validate_close_contact.auth_comp_id_1 
_pdbx_validate_close_contact.auth_seq_id_1 
_pdbx_validate_close_contact.PDB_ins_code_1 
_pdbx_validate_close_contact.label_alt_id_1 
_pdbx_validate_close_contact.auth_atom_id_2 
_pdbx_validate_close_contact.auth_asym_id_2 
_pdbx_validate_close_contact.auth_comp_id_2 
_pdbx_validate_close_contact.auth_seq_id_2 
_pdbx_validate_close_contact.PDB_ins_code_2 
_pdbx_validate_close_contact.label_alt_id_2 
_pdbx_validate_close_contact.dist 
1 1 O  A HOH 388 ? ? O A HOH 409 ? ? 2.01 
2 1 O  A HOH 305 ? ? O A HOH 386 ? ? 2.02 
3 1 O1 A GOL 205 ? ? O A HOH 301 ? ? 2.04 
4 1 O  A HOH 319 ? ? O A HOH 362 ? ? 2.19 
5 1 O  A HOH 322 ? ? O A HOH 388 ? ? 2.19 
# 
_pdbx_validate_rmsd_angle.id                         1 
_pdbx_validate_rmsd_angle.PDB_model_num              1 
_pdbx_validate_rmsd_angle.auth_atom_id_1             CG 
_pdbx_validate_rmsd_angle.auth_asym_id_1             A 
_pdbx_validate_rmsd_angle.auth_comp_id_1             MET 
_pdbx_validate_rmsd_angle.auth_seq_id_1              131 
_pdbx_validate_rmsd_angle.PDB_ins_code_1             ? 
_pdbx_validate_rmsd_angle.label_alt_id_1             ? 
_pdbx_validate_rmsd_angle.auth_atom_id_2             SD 
_pdbx_validate_rmsd_angle.auth_asym_id_2             A 
_pdbx_validate_rmsd_angle.auth_comp_id_2             MET 
_pdbx_validate_rmsd_angle.auth_seq_id_2              131 
_pdbx_validate_rmsd_angle.PDB_ins_code_2             ? 
_pdbx_validate_rmsd_angle.label_alt_id_2             ? 
_pdbx_validate_rmsd_angle.auth_atom_id_3             CE 
_pdbx_validate_rmsd_angle.auth_asym_id_3             A 
_pdbx_validate_rmsd_angle.auth_comp_id_3             MET 
_pdbx_validate_rmsd_angle.auth_seq_id_3              131 
_pdbx_validate_rmsd_angle.PDB_ins_code_3             ? 
_pdbx_validate_rmsd_angle.label_alt_id_3             ? 
_pdbx_validate_rmsd_angle.angle_value                89.61 
_pdbx_validate_rmsd_angle.angle_target_value         100.20 
_pdbx_validate_rmsd_angle.angle_deviation            -10.59 
_pdbx_validate_rmsd_angle.angle_standard_deviation   1.60 
_pdbx_validate_rmsd_angle.linker_flag                N 
# 
_pdbx_validate_torsion.id              1 
_pdbx_validate_torsion.PDB_model_num   1 
_pdbx_validate_torsion.auth_comp_id    ASP 
_pdbx_validate_torsion.auth_asym_id    A 
_pdbx_validate_torsion.auth_seq_id     20 
_pdbx_validate_torsion.PDB_ins_code    ? 
_pdbx_validate_torsion.label_alt_id    ? 
_pdbx_validate_torsion.phi             -154.15 
_pdbx_validate_torsion.psi             79.96 
# 
loop_
_pdbx_unobs_or_zero_occ_residues.id 
_pdbx_unobs_or_zero_occ_residues.PDB_model_num 
_pdbx_unobs_or_zero_occ_residues.polymer_flag 
_pdbx_unobs_or_zero_occ_residues.occupancy_flag 
_pdbx_unobs_or_zero_occ_residues.auth_asym_id 
_pdbx_unobs_or_zero_occ_residues.auth_comp_id 
_pdbx_unobs_or_zero_occ_residues.auth_seq_id 
_pdbx_unobs_or_zero_occ_residues.PDB_ins_code 
_pdbx_unobs_or_zero_occ_residues.label_asym_id 
_pdbx_unobs_or_zero_occ_residues.label_comp_id 
_pdbx_unobs_or_zero_occ_residues.label_seq_id 
1 1 Y 1 A MET 0   ? A MET 1   
2 1 Y 1 A GLN 152 ? A GLN 153 
3 1 Y 1 A GLY 153 ? A GLY 154 
# 
loop_
_chem_comp_atom.comp_id 
_chem_comp_atom.atom_id 
_chem_comp_atom.type_symbol 
_chem_comp_atom.pdbx_aromatic_flag 
_chem_comp_atom.pdbx_stereo_config 
_chem_comp_atom.pdbx_ordinal 
ALA N    N  N N 1   
ALA CA   C  N S 2   
ALA C    C  N N 3   
ALA O    O  N N 4   
ALA CB   C  N N 5   
ALA OXT  O  N N 6   
ALA H    H  N N 7   
ALA H2   H  N N 8   
ALA HA   H  N N 9   
ALA HB1  H  N N 10  
ALA HB2  H  N N 11  
ALA HB3  H  N N 12  
ALA HXT  H  N N 13  
ARG N    N  N N 14  
ARG CA   C  N S 15  
ARG C    C  N N 16  
ARG O    O  N N 17  
ARG CB   C  N N 18  
ARG CG   C  N N 19  
ARG CD   C  N N 20  
ARG NE   N  N N 21  
ARG CZ   C  N N 22  
ARG NH1  N  N N 23  
ARG NH2  N  N N 24  
ARG OXT  O  N N 25  
ARG H    H  N N 26  
ARG H2   H  N N 27  
ARG HA   H  N N 28  
ARG HB2  H  N N 29  
ARG HB3  H  N N 30  
ARG HG2  H  N N 31  
ARG HG3  H  N N 32  
ARG HD2  H  N N 33  
ARG HD3  H  N N 34  
ARG HE   H  N N 35  
ARG HH11 H  N N 36  
ARG HH12 H  N N 37  
ARG HH21 H  N N 38  
ARG HH22 H  N N 39  
ARG HXT  H  N N 40  
ASN N    N  N N 41  
ASN CA   C  N S 42  
ASN C    C  N N 43  
ASN O    O  N N 44  
ASN CB   C  N N 45  
ASN CG   C  N N 46  
ASN OD1  O  N N 47  
ASN ND2  N  N N 48  
ASN OXT  O  N N 49  
ASN H    H  N N 50  
ASN H2   H  N N 51  
ASN HA   H  N N 52  
ASN HB2  H  N N 53  
ASN HB3  H  N N 54  
ASN HD21 H  N N 55  
ASN HD22 H  N N 56  
ASN HXT  H  N N 57  
ASP N    N  N N 58  
ASP CA   C  N S 59  
ASP C    C  N N 60  
ASP O    O  N N 61  
ASP CB   C  N N 62  
ASP CG   C  N N 63  
ASP OD1  O  N N 64  
ASP OD2  O  N N 65  
ASP OXT  O  N N 66  
ASP H    H  N N 67  
ASP H2   H  N N 68  
ASP HA   H  N N 69  
ASP HB2  H  N N 70  
ASP HB3  H  N N 71  
ASP HD2  H  N N 72  
ASP HXT  H  N N 73  
GLN N    N  N N 74  
GLN CA   C  N S 75  
GLN C    C  N N 76  
GLN O    O  N N 77  
GLN CB   C  N N 78  
GLN CG   C  N N 79  
GLN CD   C  N N 80  
GLN OE1  O  N N 81  
GLN NE2  N  N N 82  
GLN OXT  O  N N 83  
GLN H    H  N N 84  
GLN H2   H  N N 85  
GLN HA   H  N N 86  
GLN HB2  H  N N 87  
GLN HB3  H  N N 88  
GLN HG2  H  N N 89  
GLN HG3  H  N N 90  
GLN HE21 H  N N 91  
GLN HE22 H  N N 92  
GLN HXT  H  N N 93  
GLU N    N  N N 94  
GLU CA   C  N S 95  
GLU C    C  N N 96  
GLU O    O  N N 97  
GLU CB   C  N N 98  
GLU CG   C  N N 99  
GLU CD   C  N N 100 
GLU OE1  O  N N 101 
GLU OE2  O  N N 102 
GLU OXT  O  N N 103 
GLU H    H  N N 104 
GLU H2   H  N N 105 
GLU HA   H  N N 106 
GLU HB2  H  N N 107 
GLU HB3  H  N N 108 
GLU HG2  H  N N 109 
GLU HG3  H  N N 110 
GLU HE2  H  N N 111 
GLU HXT  H  N N 112 
GLY N    N  N N 113 
GLY CA   C  N N 114 
GLY C    C  N N 115 
GLY O    O  N N 116 
GLY OXT  O  N N 117 
GLY H    H  N N 118 
GLY H2   H  N N 119 
GLY HA2  H  N N 120 
GLY HA3  H  N N 121 
GLY HXT  H  N N 122 
GOL C1   C  N N 123 
GOL O1   O  N N 124 
GOL C2   C  N N 125 
GOL O2   O  N N 126 
GOL C3   C  N N 127 
GOL O3   O  N N 128 
GOL H11  H  N N 129 
GOL H12  H  N N 130 
GOL HO1  H  N N 131 
GOL H2   H  N N 132 
GOL HO2  H  N N 133 
GOL H31  H  N N 134 
GOL H32  H  N N 135 
GOL HO3  H  N N 136 
HEM CHA  C  N N 137 
HEM CHB  C  N N 138 
HEM CHC  C  N N 139 
HEM CHD  C  N N 140 
HEM C1A  C  Y N 141 
HEM C2A  C  Y N 142 
HEM C3A  C  Y N 143 
HEM C4A  C  Y N 144 
HEM CMA  C  N N 145 
HEM CAA  C  N N 146 
HEM CBA  C  N N 147 
HEM CGA  C  N N 148 
HEM O1A  O  N N 149 
HEM O2A  O  N N 150 
HEM C1B  C  N N 151 
HEM C2B  C  N N 152 
HEM C3B  C  N N 153 
HEM C4B  C  N N 154 
HEM CMB  C  N N 155 
HEM CAB  C  N N 156 
HEM CBB  C  N N 157 
HEM C1C  C  Y N 158 
HEM C2C  C  Y N 159 
HEM C3C  C  Y N 160 
HEM C4C  C  Y N 161 
HEM CMC  C  N N 162 
HEM CAC  C  N N 163 
HEM CBC  C  N N 164 
HEM C1D  C  N N 165 
HEM C2D  C  N N 166 
HEM C3D  C  N N 167 
HEM C4D  C  N N 168 
HEM CMD  C  N N 169 
HEM CAD  C  N N 170 
HEM CBD  C  N N 171 
HEM CGD  C  N N 172 
HEM O1D  O  N N 173 
HEM O2D  O  N N 174 
HEM NA   N  Y N 175 
HEM NB   N  N N 176 
HEM NC   N  Y N 177 
HEM ND   N  N N 178 
HEM FE   FE N N 179 
HEM HHB  H  N N 180 
HEM HHC  H  N N 181 
HEM HHD  H  N N 182 
HEM HMA  H  N N 183 
HEM HMAA H  N N 184 
HEM HMAB H  N N 185 
HEM HAA  H  N N 186 
HEM HAAA H  N N 187 
HEM HBA  H  N N 188 
HEM HBAA H  N N 189 
HEM HMB  H  N N 190 
HEM HMBA H  N N 191 
HEM HMBB H  N N 192 
HEM HAB  H  N N 193 
HEM HBB  H  N N 194 
HEM HBBA H  N N 195 
HEM HMC  H  N N 196 
HEM HMCA H  N N 197 
HEM HMCB H  N N 198 
HEM HAC  H  N N 199 
HEM HBC  H  N N 200 
HEM HBCA H  N N 201 
HEM HMD  H  N N 202 
HEM HMDA H  N N 203 
HEM HMDB H  N N 204 
HEM HAD  H  N N 205 
HEM HADA H  N N 206 
HEM HBD  H  N N 207 
HEM HBDA H  N N 208 
HEM H2A  H  N N 209 
HEM H2D  H  N N 210 
HEM HHA  H  N N 211 
HIS N    N  N N 212 
HIS CA   C  N S 213 
HIS C    C  N N 214 
HIS O    O  N N 215 
HIS CB   C  N N 216 
HIS CG   C  Y N 217 
HIS ND1  N  Y N 218 
HIS CD2  C  Y N 219 
HIS CE1  C  Y N 220 
HIS NE2  N  Y N 221 
HIS OXT  O  N N 222 
HIS H    H  N N 223 
HIS H2   H  N N 224 
HIS HA   H  N N 225 
HIS HB2  H  N N 226 
HIS HB3  H  N N 227 
HIS HD1  H  N N 228 
HIS HD2  H  N N 229 
HIS HE1  H  N N 230 
HIS HE2  H  N N 231 
HIS HXT  H  N N 232 
HOH O    O  N N 233 
HOH H1   H  N N 234 
HOH H2   H  N N 235 
ILE N    N  N N 236 
ILE CA   C  N S 237 
ILE C    C  N N 238 
ILE O    O  N N 239 
ILE CB   C  N S 240 
ILE CG1  C  N N 241 
ILE CG2  C  N N 242 
ILE CD1  C  N N 243 
ILE OXT  O  N N 244 
ILE H    H  N N 245 
ILE H2   H  N N 246 
ILE HA   H  N N 247 
ILE HB   H  N N 248 
ILE HG12 H  N N 249 
ILE HG13 H  N N 250 
ILE HG21 H  N N 251 
ILE HG22 H  N N 252 
ILE HG23 H  N N 253 
ILE HD11 H  N N 254 
ILE HD12 H  N N 255 
ILE HD13 H  N N 256 
ILE HXT  H  N N 257 
LEU N    N  N N 258 
LEU CA   C  N S 259 
LEU C    C  N N 260 
LEU O    O  N N 261 
LEU CB   C  N N 262 
LEU CG   C  N N 263 
LEU CD1  C  N N 264 
LEU CD2  C  N N 265 
LEU OXT  O  N N 266 
LEU H    H  N N 267 
LEU H2   H  N N 268 
LEU HA   H  N N 269 
LEU HB2  H  N N 270 
LEU HB3  H  N N 271 
LEU HG   H  N N 272 
LEU HD11 H  N N 273 
LEU HD12 H  N N 274 
LEU HD13 H  N N 275 
LEU HD21 H  N N 276 
LEU HD22 H  N N 277 
LEU HD23 H  N N 278 
LEU HXT  H  N N 279 
LYS N    N  N N 280 
LYS CA   C  N S 281 
LYS C    C  N N 282 
LYS O    O  N N 283 
LYS CB   C  N N 284 
LYS CG   C  N N 285 
LYS CD   C  N N 286 
LYS CE   C  N N 287 
LYS NZ   N  N N 288 
LYS OXT  O  N N 289 
LYS H    H  N N 290 
LYS H2   H  N N 291 
LYS HA   H  N N 292 
LYS HB2  H  N N 293 
LYS HB3  H  N N 294 
LYS HG2  H  N N 295 
LYS HG3  H  N N 296 
LYS HD2  H  N N 297 
LYS HD3  H  N N 298 
LYS HE2  H  N N 299 
LYS HE3  H  N N 300 
LYS HZ1  H  N N 301 
LYS HZ2  H  N N 302 
LYS HZ3  H  N N 303 
LYS HXT  H  N N 304 
MET N    N  N N 305 
MET CA   C  N S 306 
MET C    C  N N 307 
MET O    O  N N 308 
MET CB   C  N N 309 
MET CG   C  N N 310 
MET SD   S  N N 311 
MET CE   C  N N 312 
MET OXT  O  N N 313 
MET H    H  N N 314 
MET H2   H  N N 315 
MET HA   H  N N 316 
MET HB2  H  N N 317 
MET HB3  H  N N 318 
MET HG2  H  N N 319 
MET HG3  H  N N 320 
MET HE1  H  N N 321 
MET HE2  H  N N 322 
MET HE3  H  N N 323 
MET HXT  H  N N 324 
NO  N    N  N N 325 
NO  O    O  N N 326 
NO2 N    N  N N 327 
NO2 O1   O  N N 328 
NO2 O2   O  N N 329 
PHE N    N  N N 330 
PHE CA   C  N S 331 
PHE C    C  N N 332 
PHE O    O  N N 333 
PHE CB   C  N N 334 
PHE CG   C  Y N 335 
PHE CD1  C  Y N 336 
PHE CD2  C  Y N 337 
PHE CE1  C  Y N 338 
PHE CE2  C  Y N 339 
PHE CZ   C  Y N 340 
PHE OXT  O  N N 341 
PHE H    H  N N 342 
PHE H2   H  N N 343 
PHE HA   H  N N 344 
PHE HB2  H  N N 345 
PHE HB3  H  N N 346 
PHE HD1  H  N N 347 
PHE HD2  H  N N 348 
PHE HE1  H  N N 349 
PHE HE2  H  N N 350 
PHE HZ   H  N N 351 
PHE HXT  H  N N 352 
PRO N    N  N N 353 
PRO CA   C  N S 354 
PRO C    C  N N 355 
PRO O    O  N N 356 
PRO CB   C  N N 357 
PRO CG   C  N N 358 
PRO CD   C  N N 359 
PRO OXT  O  N N 360 
PRO H    H  N N 361 
PRO HA   H  N N 362 
PRO HB2  H  N N 363 
PRO HB3  H  N N 364 
PRO HG2  H  N N 365 
PRO HG3  H  N N 366 
PRO HD2  H  N N 367 
PRO HD3  H  N N 368 
PRO HXT  H  N N 369 
SER N    N  N N 370 
SER CA   C  N S 371 
SER C    C  N N 372 
SER O    O  N N 373 
SER CB   C  N N 374 
SER OG   O  N N 375 
SER OXT  O  N N 376 
SER H    H  N N 377 
SER H2   H  N N 378 
SER HA   H  N N 379 
SER HB2  H  N N 380 
SER HB3  H  N N 381 
SER HG   H  N N 382 
SER HXT  H  N N 383 
SO4 S    S  N N 384 
SO4 O1   O  N N 385 
SO4 O2   O  N N 386 
SO4 O3   O  N N 387 
SO4 O4   O  N N 388 
THR N    N  N N 389 
THR CA   C  N S 390 
THR C    C  N N 391 
THR O    O  N N 392 
THR CB   C  N R 393 
THR OG1  O  N N 394 
THR CG2  C  N N 395 
THR OXT  O  N N 396 
THR H    H  N N 397 
THR H2   H  N N 398 
THR HA   H  N N 399 
THR HB   H  N N 400 
THR HG1  H  N N 401 
THR HG21 H  N N 402 
THR HG22 H  N N 403 
THR HG23 H  N N 404 
THR HXT  H  N N 405 
TRP N    N  N N 406 
TRP CA   C  N S 407 
TRP C    C  N N 408 
TRP O    O  N N 409 
TRP CB   C  N N 410 
TRP CG   C  Y N 411 
TRP CD1  C  Y N 412 
TRP CD2  C  Y N 413 
TRP NE1  N  Y N 414 
TRP CE2  C  Y N 415 
TRP CE3  C  Y N 416 
TRP CZ2  C  Y N 417 
TRP CZ3  C  Y N 418 
TRP CH2  C  Y N 419 
TRP OXT  O  N N 420 
TRP H    H  N N 421 
TRP H2   H  N N 422 
TRP HA   H  N N 423 
TRP HB2  H  N N 424 
TRP HB3  H  N N 425 
TRP HD1  H  N N 426 
TRP HE1  H  N N 427 
TRP HE3  H  N N 428 
TRP HZ2  H  N N 429 
TRP HZ3  H  N N 430 
TRP HH2  H  N N 431 
TRP HXT  H  N N 432 
TYR N    N  N N 433 
TYR CA   C  N S 434 
TYR C    C  N N 435 
TYR O    O  N N 436 
TYR CB   C  N N 437 
TYR CG   C  Y N 438 
TYR CD1  C  Y N 439 
TYR CD2  C  Y N 440 
TYR CE1  C  Y N 441 
TYR CE2  C  Y N 442 
TYR CZ   C  Y N 443 
TYR OH   O  N N 444 
TYR OXT  O  N N 445 
TYR H    H  N N 446 
TYR H2   H  N N 447 
TYR HA   H  N N 448 
TYR HB2  H  N N 449 
TYR HB3  H  N N 450 
TYR HD1  H  N N 451 
TYR HD2  H  N N 452 
TYR HE1  H  N N 453 
TYR HE2  H  N N 454 
TYR HH   H  N N 455 
TYR HXT  H  N N 456 
VAL N    N  N N 457 
VAL CA   C  N S 458 
VAL C    C  N N 459 
VAL O    O  N N 460 
VAL CB   C  N N 461 
VAL CG1  C  N N 462 
VAL CG2  C  N N 463 
VAL OXT  O  N N 464 
VAL H    H  N N 465 
VAL H2   H  N N 466 
VAL HA   H  N N 467 
VAL HB   H  N N 468 
VAL HG11 H  N N 469 
VAL HG12 H  N N 470 
VAL HG13 H  N N 471 
VAL HG21 H  N N 472 
VAL HG22 H  N N 473 
VAL HG23 H  N N 474 
VAL HXT  H  N N 475 
# 
loop_
_chem_comp_bond.comp_id 
_chem_comp_bond.atom_id_1 
_chem_comp_bond.atom_id_2 
_chem_comp_bond.value_order 
_chem_comp_bond.pdbx_aromatic_flag 
_chem_comp_bond.pdbx_stereo_config 
_chem_comp_bond.pdbx_ordinal 
ALA N   CA   sing N N 1   
ALA N   H    sing N N 2   
ALA N   H2   sing N N 3   
ALA CA  C    sing N N 4   
ALA CA  CB   sing N N 5   
ALA CA  HA   sing N N 6   
ALA C   O    doub N N 7   
ALA C   OXT  sing N N 8   
ALA CB  HB1  sing N N 9   
ALA CB  HB2  sing N N 10  
ALA CB  HB3  sing N N 11  
ALA OXT HXT  sing N N 12  
ARG N   CA   sing N N 13  
ARG N   H    sing N N 14  
ARG N   H2   sing N N 15  
ARG CA  C    sing N N 16  
ARG CA  CB   sing N N 17  
ARG CA  HA   sing N N 18  
ARG C   O    doub N N 19  
ARG C   OXT  sing N N 20  
ARG CB  CG   sing N N 21  
ARG CB  HB2  sing N N 22  
ARG CB  HB3  sing N N 23  
ARG CG  CD   sing N N 24  
ARG CG  HG2  sing N N 25  
ARG CG  HG3  sing N N 26  
ARG CD  NE   sing N N 27  
ARG CD  HD2  sing N N 28  
ARG CD  HD3  sing N N 29  
ARG NE  CZ   sing N N 30  
ARG NE  HE   sing N N 31  
ARG CZ  NH1  sing N N 32  
ARG CZ  NH2  doub N N 33  
ARG NH1 HH11 sing N N 34  
ARG NH1 HH12 sing N N 35  
ARG NH2 HH21 sing N N 36  
ARG NH2 HH22 sing N N 37  
ARG OXT HXT  sing N N 38  
ASN N   CA   sing N N 39  
ASN N   H    sing N N 40  
ASN N   H2   sing N N 41  
ASN CA  C    sing N N 42  
ASN CA  CB   sing N N 43  
ASN CA  HA   sing N N 44  
ASN C   O    doub N N 45  
ASN C   OXT  sing N N 46  
ASN CB  CG   sing N N 47  
ASN CB  HB2  sing N N 48  
ASN CB  HB3  sing N N 49  
ASN CG  OD1  doub N N 50  
ASN CG  ND2  sing N N 51  
ASN ND2 HD21 sing N N 52  
ASN ND2 HD22 sing N N 53  
ASN OXT HXT  sing N N 54  
ASP N   CA   sing N N 55  
ASP N   H    sing N N 56  
ASP N   H2   sing N N 57  
ASP CA  C    sing N N 58  
ASP CA  CB   sing N N 59  
ASP CA  HA   sing N N 60  
ASP C   O    doub N N 61  
ASP C   OXT  sing N N 62  
ASP CB  CG   sing N N 63  
ASP CB  HB2  sing N N 64  
ASP CB  HB3  sing N N 65  
ASP CG  OD1  doub N N 66  
ASP CG  OD2  sing N N 67  
ASP OD2 HD2  sing N N 68  
ASP OXT HXT  sing N N 69  
GLN N   CA   sing N N 70  
GLN N   H    sing N N 71  
GLN N   H2   sing N N 72  
GLN CA  C    sing N N 73  
GLN CA  CB   sing N N 74  
GLN CA  HA   sing N N 75  
GLN C   O    doub N N 76  
GLN C   OXT  sing N N 77  
GLN CB  CG   sing N N 78  
GLN CB  HB2  sing N N 79  
GLN CB  HB3  sing N N 80  
GLN CG  CD   sing N N 81  
GLN CG  HG2  sing N N 82  
GLN CG  HG3  sing N N 83  
GLN CD  OE1  doub N N 84  
GLN CD  NE2  sing N N 85  
GLN NE2 HE21 sing N N 86  
GLN NE2 HE22 sing N N 87  
GLN OXT HXT  sing N N 88  
GLU N   CA   sing N N 89  
GLU N   H    sing N N 90  
GLU N   H2   sing N N 91  
GLU CA  C    sing N N 92  
GLU CA  CB   sing N N 93  
GLU CA  HA   sing N N 94  
GLU C   O    doub N N 95  
GLU C   OXT  sing N N 96  
GLU CB  CG   sing N N 97  
GLU CB  HB2  sing N N 98  
GLU CB  HB3  sing N N 99  
GLU CG  CD   sing N N 100 
GLU CG  HG2  sing N N 101 
GLU CG  HG3  sing N N 102 
GLU CD  OE1  doub N N 103 
GLU CD  OE2  sing N N 104 
GLU OE2 HE2  sing N N 105 
GLU OXT HXT  sing N N 106 
GLY N   CA   sing N N 107 
GLY N   H    sing N N 108 
GLY N   H2   sing N N 109 
GLY CA  C    sing N N 110 
GLY CA  HA2  sing N N 111 
GLY CA  HA3  sing N N 112 
GLY C   O    doub N N 113 
GLY C   OXT  sing N N 114 
GLY OXT HXT  sing N N 115 
GOL C1  O1   sing N N 116 
GOL C1  C2   sing N N 117 
GOL C1  H11  sing N N 118 
GOL C1  H12  sing N N 119 
GOL O1  HO1  sing N N 120 
GOL C2  O2   sing N N 121 
GOL C2  C3   sing N N 122 
GOL C2  H2   sing N N 123 
GOL O2  HO2  sing N N 124 
GOL C3  O3   sing N N 125 
GOL C3  H31  sing N N 126 
GOL C3  H32  sing N N 127 
GOL O3  HO3  sing N N 128 
HEM CHA C1A  sing N N 129 
HEM CHA C4D  doub N N 130 
HEM CHA HHA  sing N N 131 
HEM CHB C4A  sing N N 132 
HEM CHB C1B  doub N N 133 
HEM CHB HHB  sing N N 134 
HEM CHC C4B  sing N N 135 
HEM CHC C1C  doub N N 136 
HEM CHC HHC  sing N N 137 
HEM CHD C4C  doub N N 138 
HEM CHD C1D  sing N N 139 
HEM CHD HHD  sing N N 140 
HEM C1A C2A  doub Y N 141 
HEM C1A NA   sing Y N 142 
HEM C2A C3A  sing Y N 143 
HEM C2A CAA  sing N N 144 
HEM C3A C4A  doub Y N 145 
HEM C3A CMA  sing N N 146 
HEM C4A NA   sing Y N 147 
HEM CMA HMA  sing N N 148 
HEM CMA HMAA sing N N 149 
HEM CMA HMAB sing N N 150 
HEM CAA CBA  sing N N 151 
HEM CAA HAA  sing N N 152 
HEM CAA HAAA sing N N 153 
HEM CBA CGA  sing N N 154 
HEM CBA HBA  sing N N 155 
HEM CBA HBAA sing N N 156 
HEM CGA O1A  doub N N 157 
HEM CGA O2A  sing N N 158 
HEM C1B C2B  sing N N 159 
HEM C1B NB   sing N N 160 
HEM C2B C3B  doub N N 161 
HEM C2B CMB  sing N N 162 
HEM C3B C4B  sing N N 163 
HEM C3B CAB  sing N N 164 
HEM C4B NB   doub N N 165 
HEM CMB HMB  sing N N 166 
HEM CMB HMBA sing N N 167 
HEM CMB HMBB sing N N 168 
HEM CAB CBB  doub N N 169 
HEM CAB HAB  sing N N 170 
HEM CBB HBB  sing N N 171 
HEM CBB HBBA sing N N 172 
HEM C1C C2C  sing Y N 173 
HEM C1C NC   sing Y N 174 
HEM C2C C3C  doub Y N 175 
HEM C2C CMC  sing N N 176 
HEM C3C C4C  sing Y N 177 
HEM C3C CAC  sing N N 178 
HEM C4C NC   sing Y N 179 
HEM CMC HMC  sing N N 180 
HEM CMC HMCA sing N N 181 
HEM CMC HMCB sing N N 182 
HEM CAC CBC  doub N N 183 
HEM CAC HAC  sing N N 184 
HEM CBC HBC  sing N N 185 
HEM CBC HBCA sing N N 186 
HEM C1D C2D  sing N N 187 
HEM C1D ND   doub N N 188 
HEM C2D C3D  doub N N 189 
HEM C2D CMD  sing N N 190 
HEM C3D C4D  sing N N 191 
HEM C3D CAD  sing N N 192 
HEM C4D ND   sing N N 193 
HEM CMD HMD  sing N N 194 
HEM CMD HMDA sing N N 195 
HEM CMD HMDB sing N N 196 
HEM CAD CBD  sing N N 197 
HEM CAD HAD  sing N N 198 
HEM CAD HADA sing N N 199 
HEM CBD CGD  sing N N 200 
HEM CBD HBD  sing N N 201 
HEM CBD HBDA sing N N 202 
HEM CGD O1D  doub N N 203 
HEM CGD O2D  sing N N 204 
HEM O2A H2A  sing N N 205 
HEM O2D H2D  sing N N 206 
HEM FE  NA   sing N N 207 
HEM FE  NB   sing N N 208 
HEM FE  NC   sing N N 209 
HEM FE  ND   sing N N 210 
HIS N   CA   sing N N 211 
HIS N   H    sing N N 212 
HIS N   H2   sing N N 213 
HIS CA  C    sing N N 214 
HIS CA  CB   sing N N 215 
HIS CA  HA   sing N N 216 
HIS C   O    doub N N 217 
HIS C   OXT  sing N N 218 
HIS CB  CG   sing N N 219 
HIS CB  HB2  sing N N 220 
HIS CB  HB3  sing N N 221 
HIS CG  ND1  sing Y N 222 
HIS CG  CD2  doub Y N 223 
HIS ND1 CE1  doub Y N 224 
HIS ND1 HD1  sing N N 225 
HIS CD2 NE2  sing Y N 226 
HIS CD2 HD2  sing N N 227 
HIS CE1 NE2  sing Y N 228 
HIS CE1 HE1  sing N N 229 
HIS NE2 HE2  sing N N 230 
HIS OXT HXT  sing N N 231 
HOH O   H1   sing N N 232 
HOH O   H2   sing N N 233 
ILE N   CA   sing N N 234 
ILE N   H    sing N N 235 
ILE N   H2   sing N N 236 
ILE CA  C    sing N N 237 
ILE CA  CB   sing N N 238 
ILE CA  HA   sing N N 239 
ILE C   O    doub N N 240 
ILE C   OXT  sing N N 241 
ILE CB  CG1  sing N N 242 
ILE CB  CG2  sing N N 243 
ILE CB  HB   sing N N 244 
ILE CG1 CD1  sing N N 245 
ILE CG1 HG12 sing N N 246 
ILE CG1 HG13 sing N N 247 
ILE CG2 HG21 sing N N 248 
ILE CG2 HG22 sing N N 249 
ILE CG2 HG23 sing N N 250 
ILE CD1 HD11 sing N N 251 
ILE CD1 HD12 sing N N 252 
ILE CD1 HD13 sing N N 253 
ILE OXT HXT  sing N N 254 
LEU N   CA   sing N N 255 
LEU N   H    sing N N 256 
LEU N   H2   sing N N 257 
LEU CA  C    sing N N 258 
LEU CA  CB   sing N N 259 
LEU CA  HA   sing N N 260 
LEU C   O    doub N N 261 
LEU C   OXT  sing N N 262 
LEU CB  CG   sing N N 263 
LEU CB  HB2  sing N N 264 
LEU CB  HB3  sing N N 265 
LEU CG  CD1  sing N N 266 
LEU CG  CD2  sing N N 267 
LEU CG  HG   sing N N 268 
LEU CD1 HD11 sing N N 269 
LEU CD1 HD12 sing N N 270 
LEU CD1 HD13 sing N N 271 
LEU CD2 HD21 sing N N 272 
LEU CD2 HD22 sing N N 273 
LEU CD2 HD23 sing N N 274 
LEU OXT HXT  sing N N 275 
LYS N   CA   sing N N 276 
LYS N   H    sing N N 277 
LYS N   H2   sing N N 278 
LYS CA  C    sing N N 279 
LYS CA  CB   sing N N 280 
LYS CA  HA   sing N N 281 
LYS C   O    doub N N 282 
LYS C   OXT  sing N N 283 
LYS CB  CG   sing N N 284 
LYS CB  HB2  sing N N 285 
LYS CB  HB3  sing N N 286 
LYS CG  CD   sing N N 287 
LYS CG  HG2  sing N N 288 
LYS CG  HG3  sing N N 289 
LYS CD  CE   sing N N 290 
LYS CD  HD2  sing N N 291 
LYS CD  HD3  sing N N 292 
LYS CE  NZ   sing N N 293 
LYS CE  HE2  sing N N 294 
LYS CE  HE3  sing N N 295 
LYS NZ  HZ1  sing N N 296 
LYS NZ  HZ2  sing N N 297 
LYS NZ  HZ3  sing N N 298 
LYS OXT HXT  sing N N 299 
MET N   CA   sing N N 300 
MET N   H    sing N N 301 
MET N   H2   sing N N 302 
MET CA  C    sing N N 303 
MET CA  CB   sing N N 304 
MET CA  HA   sing N N 305 
MET C   O    doub N N 306 
MET C   OXT  sing N N 307 
MET CB  CG   sing N N 308 
MET CB  HB2  sing N N 309 
MET CB  HB3  sing N N 310 
MET CG  SD   sing N N 311 
MET CG  HG2  sing N N 312 
MET CG  HG3  sing N N 313 
MET SD  CE   sing N N 314 
MET CE  HE1  sing N N 315 
MET CE  HE2  sing N N 316 
MET CE  HE3  sing N N 317 
MET OXT HXT  sing N N 318 
NO  N   O    doub N N 319 
NO2 N   O1   doub N N 320 
NO2 N   O2   sing N N 321 
PHE N   CA   sing N N 322 
PHE N   H    sing N N 323 
PHE N   H2   sing N N 324 
PHE CA  C    sing N N 325 
PHE CA  CB   sing N N 326 
PHE CA  HA   sing N N 327 
PHE C   O    doub N N 328 
PHE C   OXT  sing N N 329 
PHE CB  CG   sing N N 330 
PHE CB  HB2  sing N N 331 
PHE CB  HB3  sing N N 332 
PHE CG  CD1  doub Y N 333 
PHE CG  CD2  sing Y N 334 
PHE CD1 CE1  sing Y N 335 
PHE CD1 HD1  sing N N 336 
PHE CD2 CE2  doub Y N 337 
PHE CD2 HD2  sing N N 338 
PHE CE1 CZ   doub Y N 339 
PHE CE1 HE1  sing N N 340 
PHE CE2 CZ   sing Y N 341 
PHE CE2 HE2  sing N N 342 
PHE CZ  HZ   sing N N 343 
PHE OXT HXT  sing N N 344 
PRO N   CA   sing N N 345 
PRO N   CD   sing N N 346 
PRO N   H    sing N N 347 
PRO CA  C    sing N N 348 
PRO CA  CB   sing N N 349 
PRO CA  HA   sing N N 350 
PRO C   O    doub N N 351 
PRO C   OXT  sing N N 352 
PRO CB  CG   sing N N 353 
PRO CB  HB2  sing N N 354 
PRO CB  HB3  sing N N 355 
PRO CG  CD   sing N N 356 
PRO CG  HG2  sing N N 357 
PRO CG  HG3  sing N N 358 
PRO CD  HD2  sing N N 359 
PRO CD  HD3  sing N N 360 
PRO OXT HXT  sing N N 361 
SER N   CA   sing N N 362 
SER N   H    sing N N 363 
SER N   H2   sing N N 364 
SER CA  C    sing N N 365 
SER CA  CB   sing N N 366 
SER CA  HA   sing N N 367 
SER C   O    doub N N 368 
SER C   OXT  sing N N 369 
SER CB  OG   sing N N 370 
SER CB  HB2  sing N N 371 
SER CB  HB3  sing N N 372 
SER OG  HG   sing N N 373 
SER OXT HXT  sing N N 374 
SO4 S   O1   doub N N 375 
SO4 S   O2   doub N N 376 
SO4 S   O3   sing N N 377 
SO4 S   O4   sing N N 378 
THR N   CA   sing N N 379 
THR N   H    sing N N 380 
THR N   H2   sing N N 381 
THR CA  C    sing N N 382 
THR CA  CB   sing N N 383 
THR CA  HA   sing N N 384 
THR C   O    doub N N 385 
THR C   OXT  sing N N 386 
THR CB  OG1  sing N N 387 
THR CB  CG2  sing N N 388 
THR CB  HB   sing N N 389 
THR OG1 HG1  sing N N 390 
THR CG2 HG21 sing N N 391 
THR CG2 HG22 sing N N 392 
THR CG2 HG23 sing N N 393 
THR OXT HXT  sing N N 394 
TRP N   CA   sing N N 395 
TRP N   H    sing N N 396 
TRP N   H2   sing N N 397 
TRP CA  C    sing N N 398 
TRP CA  CB   sing N N 399 
TRP CA  HA   sing N N 400 
TRP C   O    doub N N 401 
TRP C   OXT  sing N N 402 
TRP CB  CG   sing N N 403 
TRP CB  HB2  sing N N 404 
TRP CB  HB3  sing N N 405 
TRP CG  CD1  doub Y N 406 
TRP CG  CD2  sing Y N 407 
TRP CD1 NE1  sing Y N 408 
TRP CD1 HD1  sing N N 409 
TRP CD2 CE2  doub Y N 410 
TRP CD2 CE3  sing Y N 411 
TRP NE1 CE2  sing Y N 412 
TRP NE1 HE1  sing N N 413 
TRP CE2 CZ2  sing Y N 414 
TRP CE3 CZ3  doub Y N 415 
TRP CE3 HE3  sing N N 416 
TRP CZ2 CH2  doub Y N 417 
TRP CZ2 HZ2  sing N N 418 
TRP CZ3 CH2  sing Y N 419 
TRP CZ3 HZ3  sing N N 420 
TRP CH2 HH2  sing N N 421 
TRP OXT HXT  sing N N 422 
TYR N   CA   sing N N 423 
TYR N   H    sing N N 424 
TYR N   H2   sing N N 425 
TYR CA  C    sing N N 426 
TYR CA  CB   sing N N 427 
TYR CA  HA   sing N N 428 
TYR C   O    doub N N 429 
TYR C   OXT  sing N N 430 
TYR CB  CG   sing N N 431 
TYR CB  HB2  sing N N 432 
TYR CB  HB3  sing N N 433 
TYR CG  CD1  doub Y N 434 
TYR CG  CD2  sing Y N 435 
TYR CD1 CE1  sing Y N 436 
TYR CD1 HD1  sing N N 437 
TYR CD2 CE2  doub Y N 438 
TYR CD2 HD2  sing N N 439 
TYR CE1 CZ   doub Y N 440 
TYR CE1 HE1  sing N N 441 
TYR CE2 CZ   sing Y N 442 
TYR CE2 HE2  sing N N 443 
TYR CZ  OH   sing N N 444 
TYR OH  HH   sing N N 445 
TYR OXT HXT  sing N N 446 
VAL N   CA   sing N N 447 
VAL N   H    sing N N 448 
VAL N   H2   sing N N 449 
VAL CA  C    sing N N 450 
VAL CA  CB   sing N N 451 
VAL CA  HA   sing N N 452 
VAL C   O    doub N N 453 
VAL C   OXT  sing N N 454 
VAL CB  CG1  sing N N 455 
VAL CB  CG2  sing N N 456 
VAL CB  HB   sing N N 457 
VAL CG1 HG11 sing N N 458 
VAL CG1 HG12 sing N N 459 
VAL CG1 HG13 sing N N 460 
VAL CG2 HG21 sing N N 461 
VAL CG2 HG22 sing N N 462 
VAL CG2 HG23 sing N N 463 
VAL OXT HXT  sing N N 464 
# 
_pdbx_audit_support.funding_organization   'National Science Foundation (NSF, United States)' 
_pdbx_audit_support.country                'United States' 
_pdbx_audit_support.grant_number           CHE-1213674 
_pdbx_audit_support.ordinal                1 
# 
loop_
_pdbx_entity_nonpoly.entity_id 
_pdbx_entity_nonpoly.name 
_pdbx_entity_nonpoly.comp_id 
2 'PROTOPORPHYRIN IX CONTAINING FE' HEM 
3 'NITRIC OXIDE'                    NO  
4 'SULFATE ION'                     SO4 
5 'NITRITE ION'                     NO2 
6 GLYCEROL                          GOL 
7 water                             HOH 
# 
_pdbx_initial_refinement_model.id               1 
_pdbx_initial_refinement_model.entity_id_list   ? 
_pdbx_initial_refinement_model.type             'experimental model' 
_pdbx_initial_refinement_model.source_name      PDB 
_pdbx_initial_refinement_model.accession_code   2MBW 
_pdbx_initial_refinement_model.details          ? 
# 
_pdbx_struct_assembly_auth_evidence.id                     1 
_pdbx_struct_assembly_auth_evidence.assembly_id            1 
_pdbx_struct_assembly_auth_evidence.experimental_support   'gel filtration' 
_pdbx_struct_assembly_auth_evidence.details                ? 
# 
